data_3C9I
#
_entry.id   3C9I
#
_cell.length_a   40.539
_cell.length_b   114.531
_cell.length_c   172.045
_cell.angle_alpha   90.00
_cell.angle_beta   91.01
_cell.angle_gamma   90.00
#
_symmetry.space_group_name_H-M   'P 1 21 1'
#
loop_
_entity.id
_entity.type
_entity.pdbx_description
1 polymer 'Tail needle protein gp26'
2 non-polymer XENON
3 non-polymer 'CALCIUM ION'
4 non-polymer 'CHLORIDE ION'
5 water water
#
_entity_poly.entity_id   1
_entity_poly.type   'polypeptide(L)'
_entity_poly.pdbx_seq_one_letter_code
;GALVPRGSHMADPSLNNPVVIQATRLDASILPRNVFSKSYLLYVIAQGTDVGAIAGKANEAGQGAYDAQVKNDEQDVELA
DHEARIKQLRIDVDDHESRITANTKAITALNVRVTTAEGEIASLQTNVSALDGRVTTAENNISALQADYVSKTATTSQSL
ASPLNVTTSYSVGGKKVVGARQTGWTAATGTANKGVFDADLTFAVSDTYTQSEIQAIANALITERRRTKAMEDALRAHGL
ID
;
_entity_poly.pdbx_strand_id   A,B,C,D,E,F
#
loop_
_chem_comp.id
_chem_comp.type
_chem_comp.name
_chem_comp.formula
CA non-polymer 'CALCIUM ION' 'Ca 2'
CL non-polymer 'CHLORIDE ION' 'Cl -1'
XE non-polymer XENON Xe
#
# COMPACT_ATOMS: atom_id res chain seq x y z
N MET A 10 -1.84 37.29 7.57
CA MET A 10 -3.29 37.60 7.38
C MET A 10 -3.54 39.01 6.87
N ALA A 11 -4.76 39.27 6.44
CA ALA A 11 -5.13 40.58 5.89
C ALA A 11 -4.72 41.74 6.79
N ASP A 12 -3.97 42.69 6.23
CA ASP A 12 -3.52 43.86 6.97
C ASP A 12 -4.64 44.89 7.03
N PRO A 13 -5.23 45.07 8.22
CA PRO A 13 -6.33 46.02 8.40
C PRO A 13 -5.99 47.47 8.02
N SER A 14 -4.72 47.84 8.17
CA SER A 14 -4.28 49.19 7.83
C SER A 14 -4.70 49.53 6.40
N LEU A 15 -4.62 48.54 5.51
CA LEU A 15 -4.98 48.72 4.10
C LEU A 15 -6.38 49.24 3.86
N ASN A 16 -7.32 48.87 4.71
CA ASN A 16 -8.71 49.30 4.55
C ASN A 16 -9.01 50.68 5.10
N ASN A 17 -8.09 51.23 5.90
CA ASN A 17 -8.26 52.56 6.49
C ASN A 17 -7.74 53.63 5.54
N PRO A 18 -8.64 54.42 4.95
CA PRO A 18 -8.31 55.49 4.00
C PRO A 18 -7.45 56.61 4.59
N VAL A 19 -6.69 57.29 3.75
CA VAL A 19 -5.85 58.39 4.23
C VAL A 19 -6.71 59.53 4.72
N VAL A 20 -6.37 60.06 5.89
CA VAL A 20 -7.07 61.20 6.45
C VAL A 20 -6.27 62.43 6.03
N ILE A 21 -6.83 63.21 5.11
CA ILE A 21 -6.17 64.41 4.59
C ILE A 21 -6.12 65.48 5.68
N GLN A 22 -4.91 65.86 6.07
CA GLN A 22 -4.75 66.86 7.11
C GLN A 22 -5.69 68.04 6.95
N ALA A 23 -6.39 68.06 5.81
CA ALA A 23 -7.42 69.04 5.46
C ALA A 23 -7.19 69.62 4.09
N THR A 24 -8.28 69.73 3.32
CA THR A 24 -8.25 70.40 2.04
C THR A 24 -9.15 71.62 2.11
N ARG A 25 -10.02 71.71 1.11
CA ARG A 25 -10.95 72.80 0.93
C ARG A 25 -10.25 74.04 0.45
N LEU A 26 -9.78 74.05 -0.80
CA LEU A 26 -9.13 75.24 -1.39
C LEU A 26 -10.24 75.85 -2.22
N ASP A 27 -10.49 77.16 -2.12
CA ASP A 27 -11.59 77.77 -2.89
C ASP A 27 -11.15 78.90 -3.87
N ALA A 28 -9.87 79.27 -3.87
CA ALA A 28 -9.36 80.33 -4.77
C ALA A 28 -9.66 81.76 -4.32
N SER A 29 -10.18 81.89 -3.10
CA SER A 29 -10.51 83.20 -2.54
C SER A 29 -9.61 83.41 -1.34
N ILE A 30 -8.83 82.37 -1.02
CA ILE A 30 -7.90 82.43 0.10
C ILE A 30 -6.49 82.61 -0.47
N LEU A 31 -6.39 82.54 -1.79
CA LEU A 31 -5.11 82.70 -2.48
C LEU A 31 -4.73 84.17 -2.62
N PRO A 32 -3.42 84.48 -2.64
CA PRO A 32 -2.93 85.85 -2.78
C PRO A 32 -3.00 86.33 -4.23
N ARG A 33 -3.74 87.41 -4.46
CA ARG A 33 -3.84 87.99 -5.80
C ARG A 33 -2.74 89.05 -5.93
N ASN A 34 -2.15 89.15 -7.12
CA ASN A 34 -1.09 90.11 -7.40
C ASN A 34 0.24 89.77 -6.72
N VAL A 35 0.54 88.47 -6.69
CA VAL A 35 1.77 87.95 -6.12
C VAL A 35 2.06 86.65 -6.83
N PHE A 36 0.98 85.95 -7.23
CA PHE A 36 1.10 84.71 -7.98
C PHE A 36 0.73 85.05 -9.41
N SER A 37 1.52 84.60 -10.36
CA SER A 37 1.23 84.86 -11.77
C SER A 37 -0.10 84.17 -12.06
N LYS A 38 -0.66 84.43 -13.24
CA LYS A 38 -1.92 83.80 -13.60
C LYS A 38 -1.74 82.29 -13.71
N SER A 39 -0.67 81.87 -14.38
CA SER A 39 -0.39 80.46 -14.57
C SER A 39 -0.25 79.71 -13.25
N TYR A 40 0.68 80.16 -12.40
CA TYR A 40 0.87 79.50 -11.11
C TYR A 40 -0.46 79.42 -10.36
N LEU A 41 -1.35 80.36 -10.66
CA LEU A 41 -2.67 80.40 -10.02
C LEU A 41 -3.48 79.20 -10.51
N LEU A 42 -3.52 79.01 -11.82
CA LEU A 42 -4.25 77.88 -12.39
C LEU A 42 -3.61 76.57 -11.92
N TYR A 43 -2.28 76.57 -11.84
CA TYR A 43 -1.53 75.40 -11.40
C TYR A 43 -1.91 74.99 -9.98
N VAL A 44 -1.88 75.97 -9.08
CA VAL A 44 -2.20 75.72 -7.67
C VAL A 44 -3.60 75.15 -7.45
N ILE A 45 -4.54 75.48 -8.33
CA ILE A 45 -5.90 74.99 -8.21
C ILE A 45 -5.97 73.57 -8.76
N ALA A 46 -5.28 73.36 -9.88
CA ALA A 46 -5.25 72.06 -10.53
C ALA A 46 -4.52 71.05 -9.65
N GLN A 47 -3.38 71.45 -9.08
CA GLN A 47 -2.64 70.55 -8.21
C GLN A 47 -3.51 70.20 -7.00
N GLY A 48 -4.44 71.09 -6.68
CA GLY A 48 -5.34 70.85 -5.57
C GLY A 48 -6.27 69.69 -5.89
N THR A 49 -6.85 69.71 -7.08
CA THR A 49 -7.75 68.63 -7.48
C THR A 49 -6.96 67.33 -7.75
N ASP A 50 -5.73 67.44 -8.25
CA ASP A 50 -4.93 66.25 -8.52
C ASP A 50 -4.70 65.52 -7.20
N VAL A 51 -4.22 66.24 -6.19
CA VAL A 51 -3.98 65.65 -4.88
C VAL A 51 -5.25 64.94 -4.45
N GLY A 52 -6.39 65.56 -4.76
CA GLY A 52 -7.66 64.95 -4.40
C GLY A 52 -7.80 63.62 -5.08
N ALA A 53 -7.71 63.61 -6.41
CA ALA A 53 -7.84 62.39 -7.19
C ALA A 53 -6.83 61.32 -6.79
N ILE A 54 -5.62 61.73 -6.44
CA ILE A 54 -4.60 60.77 -6.05
C ILE A 54 -4.87 60.19 -4.67
N ALA A 55 -5.38 61.01 -3.77
CA ALA A 55 -5.70 60.53 -2.43
C ALA A 55 -6.74 59.40 -2.54
N GLY A 56 -7.69 59.58 -3.45
CA GLY A 56 -8.73 58.61 -3.67
C GLY A 56 -8.23 57.35 -4.36
N LYS A 57 -7.35 57.52 -5.35
CA LYS A 57 -6.82 56.37 -6.07
C LYS A 57 -6.01 55.50 -5.11
N ALA A 58 -5.26 56.15 -4.23
CA ALA A 58 -4.42 55.44 -3.25
C ALA A 58 -5.31 54.73 -2.23
N ASN A 59 -6.48 55.30 -1.96
CA ASN A 59 -7.39 54.69 -1.02
C ASN A 59 -8.07 53.48 -1.66
N GLU A 60 -8.44 53.62 -2.94
CA GLU A 60 -9.11 52.57 -3.67
C GLU A 60 -8.16 51.40 -3.91
N ALA A 61 -6.87 51.70 -4.07
CA ALA A 61 -5.88 50.66 -4.30
C ALA A 61 -5.68 49.88 -3.01
N GLY A 62 -5.61 50.59 -1.89
CA GLY A 62 -5.43 49.91 -0.61
C GLY A 62 -6.62 49.02 -0.31
N GLN A 63 -7.82 49.48 -0.66
CA GLN A 63 -9.04 48.73 -0.44
C GLN A 63 -9.03 47.50 -1.32
N GLY A 64 -8.44 47.63 -2.51
CA GLY A 64 -8.38 46.51 -3.43
C GLY A 64 -7.37 45.48 -2.96
N ALA A 65 -6.27 45.96 -2.40
CA ALA A 65 -5.23 45.07 -1.89
C ALA A 65 -5.74 44.38 -0.63
N TYR A 66 -6.56 45.09 0.15
CA TYR A 66 -7.11 44.53 1.38
C TYR A 66 -8.06 43.37 1.06
N ASP A 67 -8.92 43.57 0.06
CA ASP A 67 -9.87 42.54 -0.32
C ASP A 67 -9.13 41.29 -0.81
N ALA A 68 -8.09 41.48 -1.63
CA ALA A 68 -7.33 40.36 -2.14
C ALA A 68 -6.76 39.53 -0.98
N GLN A 69 -6.25 40.22 0.02
CA GLN A 69 -5.68 39.54 1.19
C GLN A 69 -6.75 38.87 2.04
N VAL A 70 -7.94 39.48 2.14
CA VAL A 70 -9.01 38.87 2.92
C VAL A 70 -9.45 37.60 2.21
N LYS A 71 -9.49 37.65 0.88
CA LYS A 71 -9.87 36.49 0.10
C LYS A 71 -8.74 35.43 0.20
N ASN A 72 -7.49 35.89 0.29
CA ASN A 72 -6.37 34.95 0.41
C ASN A 72 -6.48 34.17 1.73
N ASP A 73 -6.92 34.87 2.78
CA ASP A 73 -7.07 34.21 4.08
C ASP A 73 -8.14 33.14 4.01
N GLU A 74 -9.27 33.48 3.40
CA GLU A 74 -10.36 32.55 3.25
C GLU A 74 -9.92 31.34 2.43
N GLN A 75 -9.06 31.57 1.45
CA GLN A 75 -8.59 30.47 0.62
C GLN A 75 -7.58 29.62 1.36
N ASP A 76 -6.79 30.22 2.24
CA ASP A 76 -5.80 29.46 3.01
C ASP A 76 -6.53 28.50 3.95
N VAL A 77 -7.68 28.92 4.46
CA VAL A 77 -8.50 28.12 5.36
C VAL A 77 -9.09 26.94 4.59
N GLU A 78 -9.61 27.19 3.40
CA GLU A 78 -10.17 26.11 2.60
C GLU A 78 -9.07 25.14 2.16
N LEU A 79 -7.90 25.68 1.81
CA LEU A 79 -6.79 24.85 1.39
C LEU A 79 -6.38 23.95 2.55
N ALA A 80 -6.34 24.51 3.75
CA ALA A 80 -5.96 23.74 4.91
C ALA A 80 -6.92 22.57 5.08
N ASP A 81 -8.22 22.81 4.83
CA ASP A 81 -9.22 21.77 4.95
C ASP A 81 -9.08 20.71 3.86
N HIS A 82 -8.72 21.13 2.65
CA HIS A 82 -8.56 20.19 1.56
C HIS A 82 -7.35 19.28 1.87
N GLU A 83 -6.25 19.90 2.27
CA GLU A 83 -5.02 19.17 2.61
C GLU A 83 -5.29 18.04 3.61
N ALA A 84 -6.02 18.36 4.67
CA ALA A 84 -6.35 17.37 5.72
C ALA A 84 -7.27 16.27 5.21
N ARG A 85 -8.28 16.64 4.44
CA ARG A 85 -9.20 15.65 3.92
C ARG A 85 -8.55 14.74 2.86
N ILE A 86 -7.60 15.30 2.10
CA ILE A 86 -6.91 14.50 1.10
C ILE A 86 -5.93 13.53 1.76
N LYS A 87 -5.19 13.98 2.76
CA LYS A 87 -4.26 13.06 3.42
C LYS A 87 -5.02 11.94 4.15
N GLN A 88 -6.20 12.24 4.67
CA GLN A 88 -6.98 11.22 5.37
C GLN A 88 -7.58 10.25 4.37
N LEU A 89 -7.94 10.76 3.19
CA LEU A 89 -8.50 9.90 2.14
C LEU A 89 -7.40 8.96 1.66
N ARG A 90 -6.18 9.48 1.62
CA ARG A 90 -5.01 8.69 1.18
C ARG A 90 -4.72 7.57 2.18
N ILE A 91 -4.91 7.86 3.47
CA ILE A 91 -4.70 6.86 4.51
C ILE A 91 -5.78 5.78 4.34
N ASP A 92 -7.05 6.20 4.30
CA ASP A 92 -8.17 5.28 4.12
C ASP A 92 -8.07 4.40 2.86
N VAL A 93 -7.63 4.99 1.75
CA VAL A 93 -7.52 4.28 0.48
C VAL A 93 -6.36 3.29 0.47
N ASP A 94 -5.25 3.66 1.10
CA ASP A 94 -4.11 2.76 1.19
C ASP A 94 -4.48 1.57 2.08
N ASP A 95 -5.22 1.86 3.16
CA ASP A 95 -5.67 0.81 4.06
C ASP A 95 -6.54 -0.13 3.25
N HIS A 96 -7.47 0.42 2.49
CA HIS A 96 -8.36 -0.41 1.67
C HIS A 96 -7.55 -1.25 0.70
N GLU A 97 -6.48 -0.67 0.16
CA GLU A 97 -5.65 -1.40 -0.79
C GLU A 97 -5.14 -2.69 -0.17
N SER A 98 -4.67 -2.60 1.07
CA SER A 98 -4.15 -3.77 1.76
C SER A 98 -5.22 -4.84 1.99
N ARG A 99 -6.39 -4.40 2.44
CA ARG A 99 -7.48 -5.31 2.72
C ARG A 99 -8.12 -5.92 1.48
N ILE A 100 -8.12 -5.18 0.38
CA ILE A 100 -8.70 -5.74 -0.82
C ILE A 100 -7.73 -6.80 -1.33
N THR A 101 -6.43 -6.47 -1.33
CA THR A 101 -5.45 -7.43 -1.79
C THR A 101 -5.54 -8.72 -0.97
N ALA A 102 -5.64 -8.58 0.35
CA ALA A 102 -5.74 -9.74 1.22
C ALA A 102 -7.03 -10.53 0.99
N ASN A 103 -8.17 -9.86 0.78
CA ASN A 103 -9.41 -10.58 0.54
C ASN A 103 -9.30 -11.37 -0.76
N THR A 104 -8.71 -10.73 -1.76
CA THR A 104 -8.53 -11.36 -3.04
C THR A 104 -7.70 -12.65 -2.93
N LYS A 105 -6.53 -12.58 -2.31
CA LYS A 105 -5.69 -13.77 -2.20
C LYS A 105 -6.34 -14.90 -1.40
N ALA A 106 -7.16 -14.55 -0.43
CA ALA A 106 -7.84 -15.54 0.40
C ALA A 106 -8.88 -16.27 -0.42
N ILE A 107 -9.55 -15.54 -1.33
CA ILE A 107 -10.57 -16.13 -2.17
C ILE A 107 -9.88 -17.12 -3.10
N THR A 108 -8.69 -16.75 -3.58
CA THR A 108 -7.93 -17.65 -4.44
C THR A 108 -7.54 -18.91 -3.65
N ALA A 109 -7.19 -18.76 -2.38
CA ALA A 109 -6.81 -19.90 -1.54
C ALA A 109 -7.99 -20.82 -1.26
N LEU A 110 -9.17 -20.24 -1.13
CA LEU A 110 -10.37 -21.00 -0.86
C LEU A 110 -10.72 -21.80 -2.10
N ASN A 111 -10.51 -21.20 -3.26
CA ASN A 111 -10.81 -21.87 -4.49
C ASN A 111 -9.95 -23.13 -4.67
N VAL A 112 -8.66 -23.06 -4.33
CA VAL A 112 -7.82 -24.25 -4.49
C VAL A 112 -8.32 -25.37 -3.58
N ARG A 113 -8.78 -25.02 -2.39
CA ARG A 113 -9.30 -26.03 -1.46
C ARG A 113 -10.64 -26.55 -1.93
N VAL A 114 -11.54 -25.67 -2.32
CA VAL A 114 -12.85 -26.09 -2.79
C VAL A 114 -12.70 -26.94 -4.04
N THR A 115 -11.80 -26.51 -4.93
CA THR A 115 -11.58 -27.26 -6.17
C THR A 115 -11.09 -28.68 -5.85
N THR A 116 -10.17 -28.76 -4.89
CA THR A 116 -9.62 -30.04 -4.45
C THR A 116 -10.72 -30.89 -3.84
N ALA A 117 -11.61 -30.25 -3.09
CA ALA A 117 -12.72 -30.94 -2.46
C ALA A 117 -13.74 -31.44 -3.49
N GLU A 118 -13.89 -30.68 -4.58
CA GLU A 118 -14.83 -31.06 -5.63
C GLU A 118 -14.33 -32.29 -6.36
N GLY A 119 -13.01 -32.38 -6.51
CA GLY A 119 -12.41 -33.53 -7.19
C GLY A 119 -12.60 -34.82 -6.41
N GLU A 120 -12.55 -34.72 -5.07
CA GLU A 120 -12.72 -35.91 -4.24
C GLU A 120 -14.20 -36.28 -4.15
N ILE A 121 -15.06 -35.28 -4.06
CA ILE A 121 -16.48 -35.58 -4.01
C ILE A 121 -16.85 -36.30 -5.31
N ALA A 122 -16.32 -35.80 -6.43
CA ALA A 122 -16.60 -36.40 -7.73
C ALA A 122 -16.11 -37.86 -7.85
N SER A 123 -14.92 -38.16 -7.33
CA SER A 123 -14.45 -39.54 -7.41
C SER A 123 -15.24 -40.39 -6.42
N LEU A 124 -15.66 -39.80 -5.30
CA LEU A 124 -16.45 -40.55 -4.32
C LEU A 124 -17.74 -40.99 -4.99
N GLN A 125 -18.37 -40.07 -5.71
CA GLN A 125 -19.62 -40.38 -6.38
C GLN A 125 -19.47 -41.55 -7.35
N THR A 126 -18.46 -41.49 -8.20
CA THR A 126 -18.22 -42.56 -9.15
C THR A 126 -17.99 -43.87 -8.41
N ASN A 127 -17.19 -43.84 -7.35
CA ASN A 127 -16.92 -45.04 -6.56
C ASN A 127 -18.17 -45.60 -5.88
N VAL A 128 -18.97 -44.75 -5.27
CA VAL A 128 -20.16 -45.25 -4.62
C VAL A 128 -21.15 -45.78 -5.66
N SER A 129 -21.20 -45.12 -6.80
CA SER A 129 -22.09 -45.52 -7.88
C SER A 129 -21.70 -46.93 -8.33
N ALA A 130 -20.40 -47.18 -8.46
CA ALA A 130 -19.92 -48.49 -8.89
C ALA A 130 -20.15 -49.50 -7.80
N LEU A 131 -19.87 -49.09 -6.56
CA LEU A 131 -20.06 -49.97 -5.42
C LEU A 131 -21.52 -50.36 -5.37
N ASP A 132 -22.38 -49.45 -5.78
CA ASP A 132 -23.81 -49.70 -5.78
C ASP A 132 -24.13 -50.84 -6.73
N GLY A 133 -23.51 -50.82 -7.90
CA GLY A 133 -23.75 -51.85 -8.88
C GLY A 133 -23.25 -53.20 -8.39
N ARG A 134 -22.08 -53.20 -7.77
CA ARG A 134 -21.51 -54.45 -7.26
C ARG A 134 -22.38 -55.08 -6.17
N VAL A 135 -22.89 -54.27 -5.25
CA VAL A 135 -23.71 -54.81 -4.16
C VAL A 135 -25.02 -55.43 -4.65
N THR A 136 -25.67 -54.75 -5.60
CA THR A 136 -26.93 -55.26 -6.15
C THR A 136 -26.65 -56.61 -6.79
N THR A 137 -25.63 -56.64 -7.64
CA THR A 137 -25.25 -57.87 -8.29
C THR A 137 -24.94 -58.92 -7.23
N ALA A 138 -24.36 -58.48 -6.12
CA ALA A 138 -24.04 -59.41 -5.04
C ALA A 138 -25.32 -59.97 -4.41
N GLU A 139 -26.28 -59.09 -4.14
CA GLU A 139 -27.55 -59.47 -3.53
C GLU A 139 -28.33 -60.42 -4.45
N ASN A 140 -28.19 -60.21 -5.75
CA ASN A 140 -28.88 -61.05 -6.71
C ASN A 140 -28.25 -62.43 -6.78
N ASN A 141 -26.93 -62.50 -6.69
CA ASN A 141 -26.30 -63.80 -6.72
C ASN A 141 -26.69 -64.55 -5.45
N ILE A 142 -26.77 -63.80 -4.35
CA ILE A 142 -27.13 -64.36 -3.05
C ILE A 142 -28.57 -64.88 -3.00
N SER A 143 -29.49 -64.13 -3.60
CA SER A 143 -30.89 -64.54 -3.60
C SER A 143 -31.05 -65.81 -4.44
N ALA A 144 -30.30 -65.87 -5.52
CA ALA A 144 -30.33 -67.02 -6.41
C ALA A 144 -29.87 -68.25 -5.64
N LEU A 145 -28.73 -68.13 -4.95
CA LEU A 145 -28.21 -69.25 -4.16
C LEU A 145 -29.20 -69.74 -3.11
N GLN A 146 -29.73 -68.80 -2.31
CA GLN A 146 -30.68 -69.13 -1.26
C GLN A 146 -31.90 -69.90 -1.77
N ALA A 147 -32.22 -69.71 -3.04
CA ALA A 147 -33.37 -70.38 -3.62
C ALA A 147 -33.01 -71.68 -4.34
N ASP A 148 -31.73 -71.91 -4.59
CA ASP A 148 -31.33 -73.09 -5.33
C ASP A 148 -30.34 -74.07 -4.69
N TYR A 149 -29.88 -73.80 -3.47
CA TYR A 149 -28.94 -74.73 -2.86
C TYR A 149 -29.68 -75.76 -2.03
N VAL A 150 -28.98 -76.82 -1.64
CA VAL A 150 -29.58 -77.84 -0.80
C VAL A 150 -29.20 -77.54 0.65
N SER A 151 -30.21 -77.35 1.48
CA SER A 151 -30.03 -77.01 2.88
C SER A 151 -29.84 -78.24 3.77
N LYS A 152 -28.85 -78.16 4.65
CA LYS A 152 -28.58 -79.25 5.59
C LYS A 152 -29.52 -79.10 6.78
N THR A 153 -30.15 -77.93 6.88
CA THR A 153 -31.03 -77.63 8.01
C THR A 153 -32.54 -77.60 7.74
N ALA A 154 -32.95 -77.41 6.50
CA ALA A 154 -34.39 -77.39 6.20
C ALA A 154 -35.03 -78.73 6.54
N THR A 155 -36.29 -78.70 6.93
CA THR A 155 -37.01 -79.92 7.28
C THR A 155 -37.89 -80.39 6.12
N THR A 156 -38.43 -79.44 5.36
CA THR A 156 -39.28 -79.76 4.22
C THR A 156 -38.49 -80.51 3.15
N SER A 157 -39.09 -81.57 2.60
CA SER A 157 -38.43 -82.37 1.58
C SER A 157 -37.84 -81.51 0.47
N GLN A 158 -36.64 -81.88 0.03
CA GLN A 158 -35.97 -81.14 -1.02
C GLN A 158 -35.81 -82.00 -2.26
N SER A 159 -36.03 -81.41 -3.43
CA SER A 159 -35.92 -82.12 -4.69
C SER A 159 -34.75 -81.66 -5.56
N LEU A 160 -34.10 -82.63 -6.19
CA LEU A 160 -32.99 -82.39 -7.10
C LEU A 160 -33.56 -82.72 -8.48
N ALA A 161 -33.31 -81.86 -9.46
CA ALA A 161 -33.81 -82.09 -10.81
C ALA A 161 -32.83 -82.95 -11.58
N SER A 162 -31.79 -83.40 -10.89
CA SER A 162 -30.76 -84.24 -11.50
C SER A 162 -30.59 -85.53 -10.73
N PRO A 163 -29.79 -86.45 -11.28
CA PRO A 163 -29.51 -87.74 -10.63
C PRO A 163 -28.50 -87.43 -9.55
N LEU A 164 -28.35 -88.32 -8.57
CA LEU A 164 -27.40 -88.08 -7.51
C LEU A 164 -26.38 -89.19 -7.49
N ASN A 165 -25.18 -88.85 -7.07
CA ASN A 165 -24.08 -89.80 -6.96
C ASN A 165 -23.38 -89.44 -5.68
N VAL A 166 -23.14 -90.42 -4.84
CA VAL A 166 -22.50 -90.17 -3.57
C VAL A 166 -21.32 -91.12 -3.46
N THR A 167 -20.50 -90.91 -2.45
CA THR A 167 -19.35 -91.76 -2.22
C THR A 167 -19.87 -92.80 -1.24
N THR A 168 -19.06 -93.80 -0.92
CA THR A 168 -19.33 -94.84 0.09
C THR A 168 -20.79 -95.25 0.35
N SER A 169 -21.68 -94.36 0.79
CA SER A 169 -22.99 -94.83 1.26
C SER A 169 -24.10 -93.78 1.39
N TYR A 170 -25.32 -94.27 1.55
CA TYR A 170 -26.51 -93.45 1.75
C TYR A 170 -27.08 -93.93 3.08
N SER A 171 -27.36 -93.01 3.99
CA SER A 171 -27.93 -93.38 5.28
C SER A 171 -29.23 -92.63 5.46
N VAL A 172 -30.03 -93.09 6.43
CA VAL A 172 -31.27 -92.39 6.81
C VAL A 172 -31.26 -92.49 8.34
N GLY A 173 -31.50 -91.37 9.01
CA GLY A 173 -31.51 -91.38 10.46
C GLY A 173 -30.20 -91.83 11.07
N GLY A 174 -29.14 -91.90 10.28
CA GLY A 174 -27.85 -92.30 10.82
C GLY A 174 -27.42 -93.73 10.54
N LYS A 175 -28.35 -94.57 10.09
CA LYS A 175 -28.04 -95.97 9.79
C LYS A 175 -27.75 -96.15 8.32
N LYS A 176 -26.66 -96.84 7.99
CA LYS A 176 -26.33 -97.07 6.59
C LYS A 176 -27.48 -97.85 5.98
N VAL A 177 -27.85 -97.48 4.77
CA VAL A 177 -28.96 -98.14 4.10
C VAL A 177 -28.58 -98.71 2.73
N VAL A 178 -27.84 -97.94 1.94
CA VAL A 178 -27.40 -98.37 0.62
C VAL A 178 -25.89 -98.15 0.44
N GLY A 179 -25.18 -99.23 0.10
CA GLY A 179 -23.75 -99.13 -0.10
C GLY A 179 -23.41 -99.35 -1.55
N ALA A 180 -22.19 -99.84 -1.80
CA ALA A 180 -21.75 -100.09 -3.17
C ALA A 180 -22.44 -101.32 -3.73
N ARG A 181 -22.76 -101.26 -5.02
CA ARG A 181 -23.39 -102.38 -5.72
C ARG A 181 -22.70 -103.68 -5.34
N GLN A 182 -23.47 -104.75 -5.20
CA GLN A 182 -22.94 -106.06 -4.85
C GLN A 182 -22.69 -106.88 -6.12
N THR A 183 -21.50 -107.43 -6.26
CA THR A 183 -21.16 -108.23 -7.43
C THR A 183 -21.06 -109.70 -7.10
N GLY A 184 -20.89 -110.52 -8.15
CA GLY A 184 -20.78 -111.97 -7.97
C GLY A 184 -22.07 -112.70 -8.24
N TRP A 185 -22.95 -112.09 -9.03
CA TRP A 185 -24.25 -112.69 -9.36
C TRP A 185 -24.35 -113.17 -10.78
N THR A 186 -25.07 -114.27 -10.96
CA THR A 186 -25.30 -114.82 -12.27
C THR A 186 -26.79 -114.63 -12.48
N ALA A 187 -27.16 -114.01 -13.60
CA ALA A 187 -28.56 -113.74 -13.88
C ALA A 187 -29.41 -115.00 -13.94
N ALA A 188 -30.43 -115.05 -13.09
CA ALA A 188 -31.33 -116.19 -13.06
C ALA A 188 -32.20 -116.14 -14.31
N THR A 189 -32.32 -117.28 -14.99
CA THR A 189 -33.13 -117.38 -16.20
C THR A 189 -34.55 -117.80 -15.84
N GLY A 190 -35.45 -117.76 -16.83
CA GLY A 190 -36.83 -118.16 -16.60
C GLY A 190 -37.83 -117.01 -16.64
N THR A 191 -39.08 -117.31 -16.30
CA THR A 191 -40.13 -116.29 -16.29
C THR A 191 -40.48 -115.94 -14.85
N ALA A 192 -40.32 -114.67 -14.50
CA ALA A 192 -40.59 -114.19 -13.15
C ALA A 192 -42.08 -114.17 -12.83
N ASN A 193 -42.40 -114.26 -11.54
CA ASN A 193 -43.78 -114.24 -11.09
C ASN A 193 -43.98 -113.14 -10.07
N LYS A 194 -44.78 -112.13 -10.44
CA LYS A 194 -45.06 -110.99 -9.57
C LYS A 194 -46.54 -110.92 -9.17
N GLY A 195 -47.29 -111.96 -9.51
CA GLY A 195 -48.71 -111.98 -9.19
C GLY A 195 -49.03 -112.53 -7.82
N VAL A 196 -50.27 -113.01 -7.66
CA VAL A 196 -50.74 -113.56 -6.40
C VAL A 196 -49.82 -114.64 -5.83
N PHE A 197 -49.63 -114.59 -4.53
CA PHE A 197 -48.72 -115.51 -3.84
C PHE A 197 -49.12 -115.56 -2.36
N ASP A 198 -49.71 -116.68 -1.95
CA ASP A 198 -50.12 -116.82 -0.55
C ASP A 198 -49.06 -117.60 0.22
N ALA A 199 -48.30 -116.89 1.04
CA ALA A 199 -47.23 -117.50 1.83
C ALA A 199 -47.77 -118.50 2.82
N ASP A 200 -49.08 -118.45 3.07
CA ASP A 200 -49.70 -119.37 3.99
C ASP A 200 -50.22 -120.61 3.28
N LEU A 201 -49.84 -120.77 2.01
CA LEU A 201 -50.25 -121.94 1.25
C LEU A 201 -49.80 -123.13 2.07
N THR A 202 -50.71 -124.04 2.35
CA THR A 202 -50.38 -125.22 3.13
C THR A 202 -50.39 -126.45 2.23
N PHE A 203 -49.92 -127.58 2.76
CA PHE A 203 -49.86 -128.80 1.96
C PHE A 203 -50.38 -130.04 2.69
N ALA A 204 -50.91 -130.97 1.91
CA ALA A 204 -51.44 -132.21 2.45
C ALA A 204 -50.47 -133.34 2.17
N VAL A 205 -49.96 -133.93 3.24
CA VAL A 205 -49.02 -135.04 3.13
C VAL A 205 -49.65 -136.26 3.80
N SER A 206 -50.06 -137.22 2.98
CA SER A 206 -50.71 -138.42 3.49
C SER A 206 -49.83 -139.66 3.49
N ASP A 207 -50.24 -140.66 4.28
CA ASP A 207 -49.51 -141.91 4.36
C ASP A 207 -49.83 -142.77 3.16
N THR A 208 -49.04 -142.60 2.11
CA THR A 208 -49.11 -143.33 0.85
C THR A 208 -48.92 -142.34 -0.29
N TYR A 209 -48.06 -142.73 -1.22
CA TYR A 209 -47.82 -141.93 -2.40
C TYR A 209 -49.06 -141.45 -3.14
N THR A 210 -49.35 -140.16 -3.03
CA THR A 210 -50.46 -139.55 -3.72
C THR A 210 -49.90 -138.58 -4.74
N GLN A 211 -49.96 -138.95 -6.01
CA GLN A 211 -49.46 -138.11 -7.09
C GLN A 211 -49.93 -136.65 -6.99
N SER A 212 -51.18 -136.45 -6.58
CA SER A 212 -51.74 -135.10 -6.47
C SER A 212 -51.05 -134.23 -5.43
N GLU A 213 -50.80 -134.80 -4.25
CA GLU A 213 -50.17 -134.08 -3.15
C GLU A 213 -48.75 -133.63 -3.52
N ILE A 214 -48.01 -134.50 -4.18
CA ILE A 214 -46.65 -134.18 -4.57
C ILE A 214 -46.67 -133.04 -5.58
N GLN A 215 -47.45 -133.22 -6.64
CA GLN A 215 -47.56 -132.20 -7.68
C GLN A 215 -47.78 -130.84 -7.05
N ALA A 216 -48.64 -130.80 -6.03
CA ALA A 216 -48.94 -129.57 -5.33
C ALA A 216 -47.66 -128.91 -4.88
N ILE A 217 -46.85 -129.67 -4.13
CA ILE A 217 -45.56 -129.17 -3.63
C ILE A 217 -44.70 -128.67 -4.77
N ALA A 218 -44.50 -129.51 -5.78
CA ALA A 218 -43.68 -129.15 -6.92
C ALA A 218 -44.16 -127.84 -7.55
N ASN A 219 -45.46 -127.74 -7.79
CA ASN A 219 -46.05 -126.54 -8.37
C ASN A 219 -45.77 -125.33 -7.48
N ALA A 220 -45.91 -125.52 -6.17
CA ALA A 220 -45.70 -124.43 -5.22
C ALA A 220 -44.22 -124.08 -5.09
N LEU A 221 -43.36 -124.98 -5.54
CA LEU A 221 -41.93 -124.74 -5.48
C LEU A 221 -41.55 -123.93 -6.72
N ILE A 222 -42.15 -124.29 -7.85
CA ILE A 222 -41.91 -123.57 -9.10
C ILE A 222 -42.31 -122.11 -8.97
N THR A 223 -43.46 -121.86 -8.34
CA THR A 223 -43.94 -120.50 -8.17
C THR A 223 -42.97 -119.70 -7.30
N GLU A 224 -42.57 -120.32 -6.19
CA GLU A 224 -41.62 -119.73 -5.25
C GLU A 224 -40.31 -119.36 -5.93
N ARG A 225 -39.84 -120.23 -6.83
CA ARG A 225 -38.60 -120.00 -7.56
C ARG A 225 -38.75 -118.88 -8.59
N ARG A 226 -39.97 -118.70 -9.08
CA ARG A 226 -40.24 -117.67 -10.07
C ARG A 226 -40.46 -116.31 -9.41
N ARG A 227 -40.78 -116.33 -8.12
CA ARG A 227 -40.97 -115.07 -7.43
C ARG A 227 -39.60 -114.64 -6.93
N THR A 228 -38.69 -115.60 -6.79
CA THR A 228 -37.34 -115.32 -6.34
C THR A 228 -36.62 -114.64 -7.50
N LYS A 229 -36.93 -115.08 -8.72
CA LYS A 229 -36.32 -114.47 -9.89
C LYS A 229 -36.85 -113.05 -10.08
N ALA A 230 -38.13 -112.85 -9.77
CA ALA A 230 -38.74 -111.54 -9.92
C ALA A 230 -38.08 -110.55 -8.97
N MET A 231 -37.80 -110.97 -7.74
CA MET A 231 -37.17 -110.09 -6.77
C MET A 231 -35.75 -109.80 -7.20
N GLU A 232 -35.07 -110.82 -7.67
CA GLU A 232 -33.71 -110.68 -8.15
C GLU A 232 -33.68 -109.69 -9.31
N ASP A 233 -34.62 -109.86 -10.25
CA ASP A 233 -34.72 -108.97 -11.40
C ASP A 233 -34.88 -107.52 -10.97
N ALA A 234 -35.68 -107.31 -9.93
CA ALA A 234 -35.93 -105.97 -9.44
C ALA A 234 -34.69 -105.38 -8.81
N LEU A 235 -34.01 -106.17 -7.99
CA LEU A 235 -32.79 -105.73 -7.34
C LEU A 235 -31.77 -105.35 -8.40
N ARG A 236 -31.64 -106.22 -9.40
CA ARG A 236 -30.70 -105.99 -10.48
C ARG A 236 -31.07 -104.74 -11.28
N ALA A 237 -32.37 -104.53 -11.49
CA ALA A 237 -32.85 -103.37 -12.24
C ALA A 237 -32.51 -102.07 -11.53
N HIS A 238 -32.45 -102.13 -10.19
CA HIS A 238 -32.13 -100.95 -9.39
C HIS A 238 -30.62 -100.74 -9.39
N GLY A 239 -29.87 -101.83 -9.42
CA GLY A 239 -28.43 -101.74 -9.41
C GLY A 239 -27.83 -102.18 -8.08
N LEU A 240 -28.66 -102.63 -7.16
CA LEU A 240 -28.18 -103.08 -5.86
C LEU A 240 -27.25 -104.29 -6.01
N ILE A 241 -27.41 -105.02 -7.10
CA ILE A 241 -26.59 -106.20 -7.38
C ILE A 241 -26.28 -106.22 -8.87
N ASP A 242 -25.17 -106.85 -9.23
CA ASP A 242 -24.77 -106.94 -10.64
C ASP A 242 -25.45 -108.13 -11.31
N GLY B 1 -26.51 32.79 -6.73
CA GLY B 1 -26.79 33.69 -5.63
C GLY B 1 -26.52 33.05 -4.30
N ALA B 2 -25.50 32.19 -4.25
CA ALA B 2 -25.13 31.50 -3.02
C ALA B 2 -24.37 32.39 -2.05
N LEU B 3 -23.41 31.79 -1.36
CA LEU B 3 -22.60 32.48 -0.38
C LEU B 3 -21.79 33.66 -0.89
N VAL B 4 -21.78 34.72 -0.11
CA VAL B 4 -21.03 35.93 -0.43
C VAL B 4 -20.22 36.25 0.81
N PRO B 5 -19.11 35.54 1.03
CA PRO B 5 -18.25 35.77 2.19
C PRO B 5 -17.76 37.21 2.15
N ARG B 6 -17.52 37.81 3.30
CA ARG B 6 -17.07 39.18 3.29
C ARG B 6 -15.68 39.29 2.67
N GLY B 7 -15.49 40.34 1.86
CA GLY B 7 -14.22 40.56 1.22
C GLY B 7 -14.14 39.89 -0.14
N SER B 8 -15.14 39.06 -0.43
CA SER B 8 -15.15 38.36 -1.70
C SER B 8 -16.04 39.08 -2.70
N HIS B 9 -15.60 39.04 -3.94
CA HIS B 9 -16.28 39.65 -5.07
C HIS B 9 -15.25 39.46 -6.16
N MET B 10 -15.71 39.28 -7.39
CA MET B 10 -14.76 39.08 -8.48
C MET B 10 -13.93 40.34 -8.70
N ALA B 11 -12.88 40.22 -9.51
CA ALA B 11 -12.00 41.34 -9.79
C ALA B 11 -12.76 42.61 -10.14
N ASP B 12 -12.40 43.72 -9.50
CA ASP B 12 -13.00 45.03 -9.72
C ASP B 12 -12.18 45.74 -10.79
N PRO B 13 -12.65 45.73 -12.05
CA PRO B 13 -11.91 46.38 -13.13
C PRO B 13 -11.59 47.86 -12.98
N SER B 14 -12.35 48.56 -12.15
CA SER B 14 -12.10 50.00 -11.96
C SER B 14 -10.72 50.22 -11.34
N LEU B 15 -10.18 49.16 -10.74
CA LEU B 15 -8.87 49.24 -10.10
C LEU B 15 -7.79 49.59 -11.12
N ASN B 16 -8.09 49.43 -12.40
CA ASN B 16 -7.14 49.72 -13.47
C ASN B 16 -7.25 51.15 -14.00
N ASN B 17 -8.40 51.80 -13.79
CA ASN B 17 -8.59 53.18 -14.25
C ASN B 17 -7.53 54.06 -13.60
N PRO B 18 -6.67 54.67 -14.42
CA PRO B 18 -5.61 55.54 -13.90
C PRO B 18 -5.97 56.97 -13.61
N VAL B 19 -5.41 57.51 -12.53
CA VAL B 19 -5.63 58.92 -12.23
C VAL B 19 -4.61 59.62 -13.11
N VAL B 20 -5.04 60.69 -13.77
CA VAL B 20 -4.16 61.45 -14.64
C VAL B 20 -4.06 62.88 -14.09
N ILE B 21 -2.89 63.29 -13.63
CA ILE B 21 -2.75 64.64 -13.09
C ILE B 21 -2.95 65.68 -14.19
N GLN B 22 -3.83 66.63 -13.94
CA GLN B 22 -4.15 67.65 -14.93
C GLN B 22 -3.28 68.92 -14.85
N ALA B 23 -2.55 69.08 -13.76
CA ALA B 23 -1.69 70.26 -13.59
C ALA B 23 -0.51 70.23 -14.56
N THR B 24 -0.21 71.39 -15.15
CA THR B 24 0.92 71.49 -16.09
C THR B 24 2.21 71.48 -15.28
N ARG B 25 3.20 70.71 -15.74
CA ARG B 25 4.48 70.64 -15.03
C ARG B 25 4.95 72.05 -14.70
N LEU B 26 5.48 72.23 -13.50
CA LEU B 26 5.94 73.53 -13.05
C LEU B 26 7.18 74.06 -13.75
N ASP B 27 7.08 75.23 -14.34
CA ASP B 27 8.23 75.86 -14.96
C ASP B 27 8.57 76.98 -13.99
N ALA B 28 9.81 77.04 -13.56
CA ALA B 28 10.24 78.05 -12.61
C ALA B 28 9.78 79.45 -12.99
N SER B 29 9.78 79.75 -14.29
CA SER B 29 9.40 81.07 -14.79
C SER B 29 7.97 81.56 -14.48
N ILE B 30 7.16 80.75 -13.81
CA ILE B 30 5.80 81.19 -13.48
C ILE B 30 5.71 81.47 -11.98
N LEU B 31 6.75 81.09 -11.24
CA LEU B 31 6.80 81.30 -9.81
C LEU B 31 7.21 82.73 -9.44
N PRO B 32 6.84 83.18 -8.22
CA PRO B 32 7.14 84.51 -7.67
C PRO B 32 8.61 84.60 -7.24
N ARG B 33 9.53 84.89 -8.14
CA ARG B 33 10.92 84.96 -7.72
C ARG B 33 11.27 85.97 -6.60
N ASN B 34 10.64 87.14 -6.57
CA ASN B 34 11.01 88.07 -5.52
C ASN B 34 10.51 87.70 -4.14
N VAL B 35 9.34 87.10 -4.13
CA VAL B 35 8.66 86.75 -2.88
C VAL B 35 8.82 85.41 -2.14
N PHE B 36 9.19 84.33 -2.84
CA PHE B 36 9.38 83.03 -2.20
C PHE B 36 10.86 82.85 -1.97
N SER B 37 11.22 82.25 -0.85
CA SER B 37 12.62 81.99 -0.54
C SER B 37 13.13 81.00 -1.60
N LYS B 38 14.43 80.72 -1.59
CA LYS B 38 14.96 79.76 -2.55
C LYS B 38 14.64 78.36 -2.06
N SER B 39 14.58 78.18 -0.74
CA SER B 39 14.26 76.90 -0.15
C SER B 39 12.82 76.53 -0.49
N TYR B 40 11.93 77.52 -0.45
CA TYR B 40 10.53 77.27 -0.76
C TYR B 40 10.35 77.08 -2.26
N LEU B 41 11.19 77.73 -3.04
CA LEU B 41 11.14 77.62 -4.49
C LEU B 41 11.48 76.18 -4.86
N LEU B 42 12.47 75.62 -4.17
CA LEU B 42 12.91 74.26 -4.40
C LEU B 42 11.85 73.27 -3.91
N TYR B 43 11.21 73.61 -2.80
CA TYR B 43 10.18 72.75 -2.22
C TYR B 43 8.96 72.66 -3.11
N VAL B 44 8.53 73.79 -3.65
CA VAL B 44 7.35 73.79 -4.50
C VAL B 44 7.56 72.95 -5.76
N ILE B 45 8.75 73.04 -6.35
CA ILE B 45 9.04 72.26 -7.55
C ILE B 45 9.19 70.77 -7.20
N ALA B 46 9.74 70.51 -6.02
CA ALA B 46 9.92 69.14 -5.56
C ALA B 46 8.56 68.51 -5.29
N GLN B 47 7.72 69.20 -4.51
CA GLN B 47 6.39 68.68 -4.19
C GLN B 47 5.60 68.46 -5.47
N GLY B 48 5.97 69.19 -6.51
CA GLY B 48 5.27 69.04 -7.79
C GLY B 48 5.70 67.73 -8.42
N THR B 49 6.97 67.40 -8.23
CA THR B 49 7.52 66.15 -8.78
C THR B 49 6.91 64.97 -8.04
N ASP B 50 6.77 65.11 -6.72
CA ASP B 50 6.21 64.04 -5.90
C ASP B 50 4.77 63.71 -6.27
N VAL B 51 3.92 64.72 -6.39
CA VAL B 51 2.53 64.49 -6.74
C VAL B 51 2.43 63.59 -7.99
N GLY B 52 3.23 63.88 -9.00
CA GLY B 52 3.21 63.08 -10.21
C GLY B 52 3.69 61.65 -10.01
N ALA B 53 4.76 61.48 -9.23
CA ALA B 53 5.31 60.15 -8.96
C ALA B 53 4.35 59.30 -8.12
N ILE B 54 3.75 59.93 -7.11
CA ILE B 54 2.82 59.22 -6.25
C ILE B 54 1.61 58.78 -7.06
N ALA B 55 1.27 59.54 -8.10
CA ALA B 55 0.14 59.16 -8.95
C ALA B 55 0.54 57.89 -9.69
N GLY B 56 1.81 57.81 -10.06
CA GLY B 56 2.28 56.63 -10.78
C GLY B 56 2.19 55.43 -9.86
N LYS B 57 2.61 55.61 -8.61
CA LYS B 57 2.58 54.53 -7.62
C LYS B 57 1.16 54.06 -7.35
N ALA B 58 0.27 55.00 -7.07
CA ALA B 58 -1.13 54.66 -6.81
C ALA B 58 -1.74 53.88 -7.98
N ASN B 59 -1.42 54.30 -9.20
CA ASN B 59 -1.95 53.61 -10.37
C ASN B 59 -1.38 52.19 -10.45
N GLU B 60 -0.09 52.06 -10.15
CA GLU B 60 0.57 50.75 -10.20
C GLU B 60 0.01 49.80 -9.14
N ALA B 61 -0.26 50.34 -7.95
CA ALA B 61 -0.80 49.53 -6.87
C ALA B 61 -2.20 49.05 -7.26
N GLY B 62 -2.97 49.92 -7.88
CA GLY B 62 -4.31 49.54 -8.30
C GLY B 62 -4.21 48.35 -9.24
N GLN B 63 -3.33 48.48 -10.22
CA GLN B 63 -3.11 47.42 -11.19
C GLN B 63 -2.65 46.11 -10.53
N GLY B 64 -1.75 46.22 -9.56
CA GLY B 64 -1.28 45.03 -8.87
C GLY B 64 -2.41 44.38 -8.07
N ALA B 65 -3.31 45.21 -7.55
CA ALA B 65 -4.45 44.73 -6.77
C ALA B 65 -5.40 44.02 -7.70
N TYR B 66 -5.51 44.53 -8.93
CA TYR B 66 -6.41 43.91 -9.89
C TYR B 66 -5.90 42.53 -10.33
N ASP B 67 -4.61 42.43 -10.59
CA ASP B 67 -4.08 41.13 -10.99
C ASP B 67 -4.31 40.09 -9.89
N ALA B 68 -4.02 40.46 -8.65
CA ALA B 68 -4.23 39.55 -7.53
C ALA B 68 -5.69 39.11 -7.48
N GLN B 69 -6.60 40.06 -7.65
CA GLN B 69 -8.02 39.71 -7.62
C GLN B 69 -8.38 38.75 -8.76
N VAL B 70 -7.91 39.03 -9.96
CA VAL B 70 -8.21 38.17 -11.09
C VAL B 70 -7.68 36.76 -10.81
N LYS B 71 -6.51 36.66 -10.18
CA LYS B 71 -5.97 35.35 -9.86
C LYS B 71 -6.84 34.68 -8.77
N ASN B 72 -7.34 35.47 -7.82
CA ASN B 72 -8.20 34.91 -6.78
C ASN B 72 -9.44 34.24 -7.35
N ASP B 73 -10.07 34.91 -8.32
CA ASP B 73 -11.27 34.39 -8.96
C ASP B 73 -11.03 33.05 -9.60
N GLU B 74 -9.88 32.92 -10.26
CA GLU B 74 -9.53 31.67 -10.91
C GLU B 74 -9.23 30.57 -9.88
N GLN B 75 -8.60 30.93 -8.77
CA GLN B 75 -8.32 29.93 -7.74
C GLN B 75 -9.59 29.55 -7.01
N ASP B 76 -10.59 30.43 -7.02
CA ASP B 76 -11.87 30.11 -6.38
C ASP B 76 -12.55 29.05 -7.22
N VAL B 77 -12.50 29.20 -8.54
CA VAL B 77 -13.12 28.20 -9.38
C VAL B 77 -12.47 26.85 -9.13
N GLU B 78 -11.14 26.83 -9.04
CA GLU B 78 -10.48 25.55 -8.82
C GLU B 78 -10.81 24.98 -7.43
N LEU B 79 -10.81 25.83 -6.42
CA LEU B 79 -11.14 25.34 -5.08
C LEU B 79 -12.52 24.67 -5.03
N ALA B 80 -13.48 25.24 -5.77
CA ALA B 80 -14.83 24.69 -5.79
C ALA B 80 -14.86 23.32 -6.47
N ASP B 81 -14.06 23.18 -7.52
CA ASP B 81 -13.99 21.91 -8.24
C ASP B 81 -13.38 20.86 -7.31
N HIS B 82 -12.29 21.24 -6.65
CA HIS B 82 -11.60 20.36 -5.71
C HIS B 82 -12.58 19.93 -4.62
N GLU B 83 -13.36 20.87 -4.11
CA GLU B 83 -14.34 20.59 -3.06
C GLU B 83 -15.36 19.54 -3.50
N ALA B 84 -15.85 19.63 -4.74
CA ALA B 84 -16.84 18.66 -5.22
C ALA B 84 -16.21 17.28 -5.35
N ARG B 85 -15.01 17.22 -5.91
CA ARG B 85 -14.34 15.95 -6.09
C ARG B 85 -13.98 15.28 -4.77
N ILE B 86 -13.60 16.06 -3.75
CA ILE B 86 -13.26 15.46 -2.47
C ILE B 86 -14.50 14.88 -1.82
N LYS B 87 -15.60 15.62 -1.86
CA LYS B 87 -16.83 15.13 -1.26
C LYS B 87 -17.32 13.83 -1.90
N GLN B 88 -17.09 13.67 -3.20
CA GLN B 88 -17.54 12.46 -3.87
C GLN B 88 -16.63 11.29 -3.51
N LEU B 89 -15.33 11.54 -3.45
CA LEU B 89 -14.37 10.50 -3.09
C LEU B 89 -14.66 9.99 -1.69
N ARG B 90 -14.90 10.90 -0.75
CA ARG B 90 -15.19 10.53 0.63
C ARG B 90 -16.40 9.61 0.65
N ILE B 91 -17.37 9.88 -0.21
CA ILE B 91 -18.57 9.06 -0.27
C ILE B 91 -18.24 7.69 -0.87
N ASP B 92 -17.48 7.67 -1.95
CA ASP B 92 -17.07 6.42 -2.58
C ASP B 92 -16.27 5.58 -1.60
N VAL B 93 -15.31 6.19 -0.90
CA VAL B 93 -14.46 5.48 0.05
C VAL B 93 -15.22 4.96 1.27
N ASP B 94 -16.24 5.69 1.71
CA ASP B 94 -17.05 5.26 2.85
C ASP B 94 -17.90 4.06 2.43
N ASP B 95 -18.31 4.03 1.16
CA ASP B 95 -19.10 2.93 0.65
C ASP B 95 -18.22 1.68 0.57
N HIS B 96 -16.96 1.86 0.17
CA HIS B 96 -16.02 0.75 0.06
C HIS B 96 -15.68 0.15 1.42
N GLU B 97 -15.49 1.01 2.42
CA GLU B 97 -15.19 0.54 3.76
C GLU B 97 -16.17 -0.56 4.20
N SER B 98 -17.47 -0.35 3.97
CA SER B 98 -18.47 -1.36 4.36
C SER B 98 -18.42 -2.62 3.52
N ARG B 99 -18.42 -2.48 2.20
CA ARG B 99 -18.38 -3.62 1.31
C ARG B 99 -17.11 -4.47 1.51
N ILE B 100 -16.02 -3.84 1.93
CA ILE B 100 -14.78 -4.58 2.16
C ILE B 100 -14.92 -5.32 3.48
N THR B 101 -15.58 -4.70 4.45
CA THR B 101 -15.77 -5.34 5.74
C THR B 101 -16.72 -6.52 5.66
N ALA B 102 -17.70 -6.44 4.75
CA ALA B 102 -18.66 -7.53 4.58
C ALA B 102 -18.02 -8.69 3.80
N ASN B 103 -17.19 -8.36 2.82
CA ASN B 103 -16.51 -9.37 2.03
C ASN B 103 -15.57 -10.16 2.93
N THR B 104 -14.78 -9.46 3.72
CA THR B 104 -13.84 -10.11 4.62
C THR B 104 -14.56 -11.07 5.58
N LYS B 105 -15.78 -10.74 5.97
CA LYS B 105 -16.52 -11.58 6.89
C LYS B 105 -17.21 -12.75 6.21
N ALA B 106 -17.46 -12.59 4.91
CA ALA B 106 -18.08 -13.65 4.14
C ALA B 106 -16.99 -14.69 3.86
N ILE B 107 -15.76 -14.22 3.74
CA ILE B 107 -14.61 -15.09 3.48
C ILE B 107 -14.35 -15.96 4.71
N THR B 108 -14.40 -15.35 5.89
CA THR B 108 -14.19 -16.09 7.13
C THR B 108 -15.29 -17.13 7.33
N ALA B 109 -16.50 -16.79 6.91
CA ALA B 109 -17.65 -17.67 7.03
C ALA B 109 -17.56 -18.83 6.05
N LEU B 110 -17.02 -18.58 4.86
CA LEU B 110 -16.87 -19.64 3.87
C LEU B 110 -15.81 -20.62 4.33
N ASN B 111 -14.73 -20.10 4.91
CA ASN B 111 -13.65 -20.96 5.40
C ASN B 111 -14.13 -21.97 6.42
N VAL B 112 -15.01 -21.56 7.34
CA VAL B 112 -15.50 -22.47 8.35
C VAL B 112 -16.29 -23.61 7.69
N ARG B 113 -17.14 -23.27 6.73
CA ARG B 113 -17.94 -24.27 6.04
C ARG B 113 -17.10 -25.24 5.22
N VAL B 114 -16.02 -24.74 4.62
CA VAL B 114 -15.16 -25.60 3.83
C VAL B 114 -14.33 -26.51 4.74
N THR B 115 -13.91 -26.00 5.89
CA THR B 115 -13.13 -26.81 6.82
C THR B 115 -13.99 -27.97 7.35
N THR B 116 -15.27 -27.70 7.57
CA THR B 116 -16.21 -28.72 8.03
C THR B 116 -16.35 -29.77 6.92
N ALA B 117 -16.66 -29.29 5.72
CA ALA B 117 -16.83 -30.14 4.56
C ALA B 117 -15.64 -31.07 4.40
N GLU B 118 -14.44 -30.50 4.46
CA GLU B 118 -13.21 -31.27 4.32
C GLU B 118 -13.16 -32.45 5.27
N GLY B 119 -13.69 -32.27 6.48
CA GLY B 119 -13.69 -33.33 7.47
C GLY B 119 -14.62 -34.44 7.06
N GLU B 120 -15.81 -34.06 6.58
CA GLU B 120 -16.81 -35.01 6.14
C GLU B 120 -16.26 -35.81 4.96
N ILE B 121 -15.52 -35.15 4.09
CA ILE B 121 -14.94 -35.82 2.92
C ILE B 121 -13.93 -36.87 3.36
N ALA B 122 -13.04 -36.50 4.28
CA ALA B 122 -12.03 -37.42 4.76
C ALA B 122 -12.63 -38.72 5.29
N SER B 123 -13.67 -38.59 6.11
CA SER B 123 -14.33 -39.77 6.68
C SER B 123 -15.05 -40.59 5.62
N LEU B 124 -15.72 -39.92 4.67
CA LEU B 124 -16.43 -40.62 3.59
C LEU B 124 -15.44 -41.50 2.83
N GLN B 125 -14.27 -40.98 2.53
CA GLN B 125 -13.27 -41.77 1.81
C GLN B 125 -12.86 -42.98 2.63
N THR B 126 -12.79 -42.79 3.95
CA THR B 126 -12.43 -43.86 4.87
C THR B 126 -13.49 -44.95 4.87
N ASN B 127 -14.76 -44.54 4.87
CA ASN B 127 -15.85 -45.49 4.88
C ASN B 127 -15.98 -46.22 3.57
N VAL B 128 -15.84 -45.50 2.46
CA VAL B 128 -15.92 -46.13 1.14
C VAL B 128 -14.78 -47.10 0.94
N SER B 129 -13.58 -46.73 1.39
CA SER B 129 -12.41 -47.62 1.24
C SER B 129 -12.69 -48.97 1.90
N ALA B 130 -13.08 -48.92 3.17
CA ALA B 130 -13.36 -50.13 3.93
C ALA B 130 -14.48 -50.92 3.29
N LEU B 131 -15.52 -50.22 2.82
CA LEU B 131 -16.65 -50.89 2.20
C LEU B 131 -16.19 -51.67 0.98
N ASP B 132 -15.35 -51.05 0.18
CA ASP B 132 -14.81 -51.70 -1.01
C ASP B 132 -14.15 -53.03 -0.66
N GLY B 133 -13.37 -53.04 0.42
CA GLY B 133 -12.70 -54.26 0.84
C GLY B 133 -13.64 -55.37 1.25
N ARG B 134 -14.74 -55.00 1.88
CA ARG B 134 -15.72 -55.97 2.31
C ARG B 134 -16.50 -56.52 1.11
N VAL B 135 -16.78 -55.65 0.13
CA VAL B 135 -17.51 -56.10 -1.04
C VAL B 135 -16.67 -57.12 -1.81
N THR B 136 -15.40 -56.79 -2.01
CA THR B 136 -14.49 -57.68 -2.73
C THR B 136 -14.46 -59.05 -2.06
N THR B 137 -14.40 -59.05 -0.74
CA THR B 137 -14.35 -60.28 0.04
C THR B 137 -15.66 -61.06 -0.07
N ALA B 138 -16.80 -60.38 0.06
CA ALA B 138 -18.10 -61.05 -0.04
C ALA B 138 -18.24 -61.68 -1.42
N GLU B 139 -17.84 -60.92 -2.44
CA GLU B 139 -17.90 -61.33 -3.83
C GLU B 139 -17.10 -62.60 -4.09
N ASN B 140 -15.95 -62.74 -3.43
CA ASN B 140 -15.12 -63.92 -3.60
C ASN B 140 -15.81 -65.11 -2.93
N ASN B 141 -16.36 -64.90 -1.73
CA ASN B 141 -17.06 -65.98 -1.03
C ASN B 141 -18.25 -66.48 -1.83
N ILE B 142 -18.93 -65.55 -2.50
CA ILE B 142 -20.10 -65.86 -3.32
C ILE B 142 -19.74 -66.80 -4.47
N SER B 143 -18.79 -66.39 -5.30
CA SER B 143 -18.37 -67.20 -6.44
C SER B 143 -17.82 -68.53 -5.95
N ALA B 144 -17.23 -68.53 -4.76
CA ALA B 144 -16.68 -69.75 -4.19
C ALA B 144 -17.83 -70.68 -3.83
N LEU B 145 -18.95 -70.12 -3.39
CA LEU B 145 -20.12 -70.94 -3.04
C LEU B 145 -20.75 -71.48 -4.31
N GLN B 146 -20.84 -70.62 -5.32
CA GLN B 146 -21.44 -70.96 -6.61
C GLN B 146 -20.78 -72.12 -7.35
N ALA B 147 -19.54 -72.41 -7.02
CA ALA B 147 -18.84 -73.49 -7.70
C ALA B 147 -18.80 -74.75 -6.86
N ASP B 148 -19.32 -74.68 -5.64
CA ASP B 148 -19.26 -75.81 -4.76
C ASP B 148 -20.57 -76.32 -4.18
N TYR B 149 -21.69 -75.65 -4.47
CA TYR B 149 -22.97 -76.08 -3.92
C TYR B 149 -23.76 -77.03 -4.80
N VAL B 150 -24.68 -77.77 -4.17
CA VAL B 150 -25.53 -78.70 -4.91
C VAL B 150 -26.79 -77.94 -5.31
N SER B 151 -27.11 -78.01 -6.59
CA SER B 151 -28.27 -77.32 -7.13
C SER B 151 -29.56 -78.15 -7.15
N LYS B 152 -30.65 -77.51 -6.74
CA LYS B 152 -31.97 -78.13 -6.74
C LYS B 152 -32.56 -78.06 -8.15
N THR B 153 -31.96 -77.22 -9.00
CA THR B 153 -32.47 -77.00 -10.34
C THR B 153 -31.61 -77.53 -11.49
N ALA B 154 -30.36 -77.87 -11.20
CA ALA B 154 -29.47 -78.40 -12.22
C ALA B 154 -30.05 -79.69 -12.77
N THR B 155 -29.95 -79.88 -14.09
CA THR B 155 -30.48 -81.09 -14.71
C THR B 155 -29.41 -82.17 -14.88
N THR B 156 -28.16 -81.76 -14.96
CA THR B 156 -27.06 -82.71 -15.12
C THR B 156 -26.70 -83.35 -13.78
N SER B 157 -26.32 -84.62 -13.82
CA SER B 157 -25.97 -85.35 -12.61
C SER B 157 -24.92 -84.63 -11.77
N GLN B 158 -25.08 -84.67 -10.45
CA GLN B 158 -24.14 -84.02 -9.54
C GLN B 158 -23.63 -85.07 -8.57
N SER B 159 -22.38 -84.93 -8.12
CA SER B 159 -21.79 -85.89 -7.21
C SER B 159 -21.23 -85.28 -5.94
N LEU B 160 -21.15 -86.11 -4.91
CA LEU B 160 -20.62 -85.72 -3.59
C LEU B 160 -19.40 -86.57 -3.25
N ALA B 161 -18.35 -85.92 -2.78
CA ALA B 161 -17.13 -86.60 -2.42
C ALA B 161 -17.29 -87.19 -1.04
N SER B 162 -18.51 -87.11 -0.52
CA SER B 162 -18.80 -87.62 0.82
C SER B 162 -19.99 -88.57 0.87
N PRO B 163 -20.17 -89.24 2.02
CA PRO B 163 -21.29 -90.16 2.19
C PRO B 163 -22.48 -89.22 2.41
N LEU B 164 -23.70 -89.75 2.40
CA LEU B 164 -24.85 -88.89 2.60
C LEU B 164 -25.85 -89.50 3.58
N ASN B 165 -26.32 -88.68 4.52
CA ASN B 165 -27.31 -89.13 5.47
C ASN B 165 -28.50 -88.20 5.27
N VAL B 166 -29.69 -88.79 5.21
CA VAL B 166 -30.93 -88.04 4.98
C VAL B 166 -31.91 -88.38 6.09
N THR B 167 -33.01 -87.63 6.16
CA THR B 167 -34.02 -87.88 7.18
C THR B 167 -35.25 -88.58 6.62
N THR B 168 -35.64 -89.67 7.27
CA THR B 168 -36.81 -90.49 6.93
C THR B 168 -37.00 -91.09 5.53
N SER B 169 -36.36 -90.57 4.50
CA SER B 169 -36.51 -91.23 3.20
C SER B 169 -35.84 -90.61 1.97
N TYR B 170 -35.68 -91.45 0.95
CA TYR B 170 -35.12 -91.04 -0.33
C TYR B 170 -36.22 -91.37 -1.33
N SER B 171 -36.27 -90.63 -2.43
CA SER B 171 -37.29 -90.86 -3.45
C SER B 171 -36.71 -90.48 -4.80
N VAL B 172 -37.31 -91.01 -5.86
CA VAL B 172 -36.92 -90.66 -7.22
C VAL B 172 -38.24 -90.46 -7.96
N GLY B 173 -38.34 -89.34 -8.68
CA GLY B 173 -39.57 -89.06 -9.40
C GLY B 173 -40.67 -88.67 -8.44
N GLY B 174 -40.31 -88.40 -7.19
CA GLY B 174 -41.29 -88.02 -6.19
C GLY B 174 -41.96 -89.21 -5.52
N LYS B 175 -41.38 -90.41 -5.73
CA LYS B 175 -41.90 -91.64 -5.16
C LYS B 175 -40.88 -92.23 -4.20
N LYS B 176 -41.29 -92.45 -2.95
CA LYS B 176 -40.38 -93.01 -1.96
C LYS B 176 -39.82 -94.33 -2.50
N VAL B 177 -38.53 -94.54 -2.32
CA VAL B 177 -37.87 -95.72 -2.85
C VAL B 177 -37.05 -96.41 -1.76
N VAL B 178 -36.56 -95.63 -0.80
CA VAL B 178 -35.78 -96.17 0.31
C VAL B 178 -36.13 -95.45 1.61
N GLY B 179 -36.22 -96.22 2.69
CA GLY B 179 -36.56 -95.64 3.99
C GLY B 179 -35.62 -96.09 5.08
N ALA B 180 -36.13 -96.11 6.32
CA ALA B 180 -35.33 -96.54 7.46
C ALA B 180 -35.03 -98.03 7.34
N ARG B 181 -33.91 -98.45 7.93
CA ARG B 181 -33.53 -99.86 7.90
C ARG B 181 -34.63 -100.72 8.51
N GLN B 182 -35.03 -101.77 7.80
CA GLN B 182 -36.07 -102.68 8.28
C GLN B 182 -35.41 -103.56 9.33
N THR B 183 -35.91 -103.52 10.56
CA THR B 183 -35.30 -104.32 11.62
C THR B 183 -36.16 -105.53 11.99
N GLY B 184 -35.63 -106.35 12.89
CA GLY B 184 -36.33 -107.54 13.34
C GLY B 184 -35.94 -108.81 12.64
N TRP B 185 -34.82 -108.78 11.92
CA TRP B 185 -34.33 -109.93 11.19
C TRP B 185 -33.30 -110.76 11.94
N THR B 186 -33.42 -112.09 11.78
CA THR B 186 -32.47 -113.02 12.38
C THR B 186 -31.65 -113.46 11.16
N ALA B 187 -30.33 -113.43 11.27
CA ALA B 187 -29.47 -113.80 10.16
C ALA B 187 -29.62 -115.24 9.68
N ALA B 188 -29.56 -115.43 8.37
CA ALA B 188 -29.70 -116.75 7.77
C ALA B 188 -28.42 -117.55 7.73
N THR B 189 -28.42 -118.70 8.40
CA THR B 189 -27.26 -119.58 8.42
C THR B 189 -27.24 -120.22 7.04
N GLY B 190 -26.18 -120.95 6.72
CA GLY B 190 -26.12 -121.60 5.42
C GLY B 190 -25.22 -120.95 4.39
N THR B 191 -25.07 -121.61 3.25
CA THR B 191 -24.24 -121.12 2.15
C THR B 191 -25.06 -120.63 0.97
N ALA B 192 -25.03 -119.32 0.75
CA ALA B 192 -25.78 -118.69 -0.33
C ALA B 192 -25.36 -119.16 -1.72
N ASN B 193 -26.21 -118.93 -2.70
CA ASN B 193 -25.93 -119.31 -4.09
C ASN B 193 -26.31 -118.20 -5.06
N LYS B 194 -25.35 -117.82 -5.90
CA LYS B 194 -25.54 -116.76 -6.89
C LYS B 194 -25.25 -117.26 -8.31
N GLY B 195 -24.93 -118.54 -8.45
CA GLY B 195 -24.63 -119.09 -9.75
C GLY B 195 -25.85 -119.24 -10.64
N VAL B 196 -25.76 -120.09 -11.65
CA VAL B 196 -26.86 -120.32 -12.58
C VAL B 196 -28.09 -120.77 -11.79
N PHE B 197 -29.27 -120.37 -12.27
CA PHE B 197 -30.51 -120.70 -11.61
C PHE B 197 -31.66 -120.54 -12.61
N ASP B 198 -32.36 -121.64 -12.91
CA ASP B 198 -33.47 -121.58 -13.84
C ASP B 198 -34.81 -121.71 -13.10
N ALA B 199 -35.51 -120.58 -12.99
CA ALA B 199 -36.79 -120.54 -12.31
C ALA B 199 -37.89 -121.27 -13.09
N ASP B 200 -37.57 -121.77 -14.27
CA ASP B 200 -38.55 -122.49 -15.08
C ASP B 200 -38.30 -124.00 -15.13
N LEU B 201 -37.64 -124.50 -14.09
CA LEU B 201 -37.35 -125.91 -13.97
C LEU B 201 -38.62 -126.65 -13.60
N THR B 202 -38.96 -127.67 -14.38
CA THR B 202 -40.16 -128.48 -14.12
C THR B 202 -39.74 -129.74 -13.36
N PHE B 203 -40.71 -130.34 -12.66
CA PHE B 203 -40.43 -131.56 -11.90
C PHE B 203 -41.45 -132.63 -12.25
N ALA B 204 -41.01 -133.66 -12.97
CA ALA B 204 -41.91 -134.73 -13.35
C ALA B 204 -42.33 -135.52 -12.10
N VAL B 205 -43.59 -135.91 -12.06
CA VAL B 205 -44.14 -136.65 -10.92
C VAL B 205 -45.15 -137.67 -11.43
N SER B 206 -44.89 -138.96 -11.17
CA SER B 206 -45.75 -140.03 -11.65
C SER B 206 -46.72 -140.58 -10.61
N ASP B 207 -47.49 -141.58 -11.03
CA ASP B 207 -48.50 -142.22 -10.18
C ASP B 207 -47.92 -143.07 -9.06
N THR B 208 -46.66 -143.46 -9.20
CA THR B 208 -46.00 -144.25 -8.16
C THR B 208 -44.70 -143.58 -7.79
N TYR B 209 -44.37 -143.64 -6.52
CA TYR B 209 -43.18 -143.01 -6.01
C TYR B 209 -42.14 -142.43 -6.99
N THR B 210 -41.04 -143.14 -7.18
CA THR B 210 -39.95 -142.72 -8.07
C THR B 210 -38.94 -141.80 -7.39
N GLN B 211 -37.91 -142.41 -6.80
CA GLN B 211 -36.86 -141.70 -6.09
C GLN B 211 -36.28 -140.55 -6.91
N SER B 212 -36.15 -140.76 -8.22
CA SER B 212 -35.61 -139.75 -9.12
C SER B 212 -36.33 -138.40 -8.98
N GLU B 213 -37.65 -138.45 -9.07
CA GLU B 213 -38.51 -137.26 -8.97
C GLU B 213 -38.38 -136.51 -7.65
N ILE B 214 -38.62 -137.23 -6.56
CA ILE B 214 -38.58 -136.65 -5.22
C ILE B 214 -37.23 -136.04 -4.85
N GLN B 215 -36.15 -136.57 -5.44
CA GLN B 215 -34.83 -136.04 -5.14
C GLN B 215 -34.65 -134.69 -5.79
N ALA B 216 -35.09 -134.57 -7.05
CA ALA B 216 -34.98 -133.32 -7.78
C ALA B 216 -35.83 -132.23 -7.14
N ILE B 217 -36.75 -132.64 -6.28
CA ILE B 217 -37.63 -131.69 -5.60
C ILE B 217 -36.97 -131.09 -4.37
N ALA B 218 -36.36 -131.95 -3.55
CA ALA B 218 -35.72 -131.46 -2.33
C ALA B 218 -34.43 -130.71 -2.64
N ASN B 219 -33.85 -130.98 -3.80
CA ASN B 219 -32.60 -130.32 -4.21
C ASN B 219 -32.90 -128.95 -4.81
N ALA B 220 -34.03 -128.84 -5.49
CA ALA B 220 -34.42 -127.57 -6.09
C ALA B 220 -34.82 -126.64 -4.96
N LEU B 221 -35.19 -127.22 -3.83
CA LEU B 221 -35.58 -126.44 -2.67
C LEU B 221 -34.34 -125.90 -1.98
N ILE B 222 -33.34 -126.76 -1.83
CA ILE B 222 -32.08 -126.37 -1.20
C ILE B 222 -31.45 -125.21 -1.97
N THR B 223 -31.37 -125.35 -3.29
CA THR B 223 -30.80 -124.32 -4.14
C THR B 223 -31.66 -123.06 -4.09
N GLU B 224 -32.90 -123.21 -3.65
CA GLU B 224 -33.84 -122.11 -3.56
C GLU B 224 -33.75 -121.38 -2.22
N ARG B 225 -33.66 -122.12 -1.13
CA ARG B 225 -33.57 -121.47 0.18
C ARG B 225 -32.20 -120.78 0.25
N ARG B 226 -31.23 -121.32 -0.49
CA ARG B 226 -29.88 -120.79 -0.52
C ARG B 226 -29.74 -119.50 -1.30
N ARG B 227 -30.43 -119.41 -2.43
CA ARG B 227 -30.37 -118.18 -3.22
C ARG B 227 -31.15 -117.11 -2.46
N THR B 228 -31.98 -117.57 -1.52
CA THR B 228 -32.79 -116.67 -0.69
C THR B 228 -31.89 -116.17 0.44
N LYS B 229 -30.90 -116.97 0.81
CA LYS B 229 -29.96 -116.58 1.84
C LYS B 229 -29.10 -115.48 1.20
N ALA B 230 -28.76 -115.70 -0.07
CA ALA B 230 -27.96 -114.78 -0.84
C ALA B 230 -28.61 -113.40 -0.94
N MET B 231 -29.87 -113.37 -1.39
CA MET B 231 -30.59 -112.11 -1.50
C MET B 231 -30.62 -111.40 -0.16
N GLU B 232 -30.80 -112.16 0.92
CA GLU B 232 -30.83 -111.59 2.25
C GLU B 232 -29.46 -111.03 2.61
N ASP B 233 -28.41 -111.76 2.25
CA ASP B 233 -27.05 -111.33 2.54
C ASP B 233 -26.81 -109.97 1.90
N ALA B 234 -27.28 -109.82 0.66
CA ALA B 234 -27.13 -108.59 -0.10
C ALA B 234 -27.90 -107.43 0.52
N LEU B 235 -29.12 -107.69 0.95
CA LEU B 235 -29.93 -106.65 1.56
C LEU B 235 -29.38 -106.19 2.91
N ARG B 236 -28.72 -107.07 3.64
CA ARG B 236 -28.15 -106.70 4.93
C ARG B 236 -26.80 -106.02 4.76
N ALA B 237 -26.10 -106.37 3.69
CA ALA B 237 -24.81 -105.79 3.40
C ALA B 237 -25.07 -104.32 3.13
N HIS B 238 -26.09 -104.03 2.33
CA HIS B 238 -26.44 -102.64 2.03
C HIS B 238 -26.89 -101.94 3.29
N GLY B 239 -27.74 -102.61 4.06
CA GLY B 239 -28.22 -102.03 5.31
C GLY B 239 -29.72 -101.78 5.29
N LEU B 240 -30.39 -102.29 4.26
CA LEU B 240 -31.84 -102.13 4.10
C LEU B 240 -32.63 -102.86 5.19
N ILE B 241 -32.08 -103.96 5.69
CA ILE B 241 -32.72 -104.72 6.76
C ILE B 241 -31.68 -105.01 7.83
N ASP B 242 -32.15 -105.25 9.06
CA ASP B 242 -31.28 -105.55 10.19
C ASP B 242 -30.06 -106.37 9.76
N MET C 10 3.85 35.25 -10.56
CA MET C 10 3.35 36.51 -11.09
C MET C 10 3.78 37.70 -10.25
N ALA C 11 4.15 37.45 -8.99
CA ALA C 11 4.56 38.52 -8.08
C ALA C 11 5.51 39.53 -8.72
N ASP C 12 5.04 40.76 -8.86
CA ASP C 12 5.83 41.84 -9.45
C ASP C 12 6.55 42.60 -8.33
N PRO C 13 7.87 42.39 -8.19
CA PRO C 13 8.67 43.06 -7.16
C PRO C 13 8.65 44.59 -7.23
N SER C 14 8.45 45.13 -8.42
CA SER C 14 8.39 46.57 -8.59
C SER C 14 7.29 47.14 -7.68
N LEU C 15 6.25 46.36 -7.43
CA LEU C 15 5.14 46.77 -6.56
C LEU C 15 5.60 47.08 -5.14
N ASN C 16 6.69 46.46 -4.72
CA ASN C 16 7.19 46.65 -3.37
C ASN C 16 8.22 47.79 -3.23
N ASN C 17 8.60 48.37 -4.37
CA ASN C 17 9.57 49.48 -4.40
C ASN C 17 8.80 50.75 -4.12
N PRO C 18 9.12 51.44 -3.02
CA PRO C 18 8.42 52.67 -2.67
C PRO C 18 8.73 53.87 -3.53
N VAL C 19 7.80 54.80 -3.58
CA VAL C 19 8.03 56.04 -4.30
C VAL C 19 8.55 56.94 -3.18
N VAL C 20 9.81 57.32 -3.25
CA VAL C 20 10.38 58.17 -2.22
C VAL C 20 10.12 59.64 -2.57
N ILE C 21 9.32 60.29 -1.72
CA ILE C 21 8.94 61.67 -1.98
C ILE C 21 9.85 62.78 -1.49
N GLN C 22 11.14 62.47 -1.31
CA GLN C 22 12.09 63.52 -0.93
C GLN C 22 11.44 64.47 0.08
N ALA C 23 11.08 63.93 1.24
CA ALA C 23 10.40 64.74 2.25
C ALA C 23 11.30 65.74 2.95
N THR C 24 10.93 67.02 2.80
CA THR C 24 11.60 68.15 3.43
C THR C 24 10.48 68.93 4.13
N ARG C 25 9.60 68.22 4.79
CA ARG C 25 8.47 68.80 5.51
C ARG C 25 8.47 70.35 5.55
N LEU C 26 7.39 70.95 5.09
CA LEU C 26 7.26 72.42 5.05
C LEU C 26 7.27 73.05 6.44
N ASP C 27 7.90 74.21 6.56
CA ASP C 27 7.97 74.94 7.82
C ASP C 27 7.62 76.40 7.61
N ALA C 28 7.68 77.16 8.70
CA ALA C 28 7.40 78.60 8.64
C ALA C 28 8.75 79.27 8.78
N SER C 29 9.77 78.64 8.18
CA SER C 29 11.13 79.14 8.20
C SER C 29 11.62 79.41 6.79
N ILE C 30 10.91 78.86 5.81
CA ILE C 30 11.25 79.05 4.40
C ILE C 30 10.05 79.67 3.72
N LEU C 31 8.99 79.84 4.50
CA LEU C 31 7.78 80.45 3.97
C LEU C 31 7.87 81.96 3.98
N PRO C 32 7.19 82.62 3.03
CA PRO C 32 7.13 84.07 2.85
C PRO C 32 6.62 84.76 4.12
N ARG C 33 7.26 85.87 4.46
CA ARG C 33 6.91 86.67 5.64
C ARG C 33 5.86 87.69 5.18
N ASN C 34 4.59 87.31 5.38
CA ASN C 34 3.41 88.07 5.00
C ASN C 34 3.26 88.46 3.53
N VAL C 35 2.51 87.62 2.84
CA VAL C 35 2.19 87.78 1.43
C VAL C 35 0.91 86.96 1.21
N PHE C 36 0.81 85.78 1.82
CA PHE C 36 -0.44 85.05 1.72
C PHE C 36 -1.13 84.89 3.06
N SER C 37 -2.46 84.92 3.00
CA SER C 37 -3.37 84.87 4.13
C SER C 37 -3.40 83.73 5.14
N LYS C 38 -4.48 83.78 5.92
CA LYS C 38 -4.79 82.85 6.98
C LYS C 38 -4.87 81.41 6.47
N SER C 39 -5.92 81.14 5.71
CA SER C 39 -6.20 79.83 5.16
C SER C 39 -5.05 79.28 4.33
N TYR C 40 -4.67 80.00 3.27
CA TYR C 40 -3.60 79.52 2.40
C TYR C 40 -2.33 79.15 3.15
N LEU C 41 -2.06 79.80 4.28
CA LEU C 41 -0.86 79.49 5.03
C LEU C 41 -0.90 78.07 5.58
N LEU C 42 -1.96 77.74 6.33
CA LEU C 42 -2.07 76.41 6.91
C LEU C 42 -2.33 75.41 5.79
N TYR C 43 -3.15 75.81 4.81
CA TYR C 43 -3.49 74.94 3.69
C TYR C 43 -2.27 74.41 2.93
N VAL C 44 -1.13 75.09 3.02
CA VAL C 44 0.07 74.63 2.33
C VAL C 44 0.87 73.76 3.27
N ILE C 45 0.70 74.01 4.56
CA ILE C 45 1.38 73.25 5.60
C ILE C 45 0.70 71.90 5.68
N ALA C 46 -0.63 71.92 5.59
CA ALA C 46 -1.46 70.72 5.66
C ALA C 46 -1.38 69.90 4.38
N GLN C 47 -1.13 70.57 3.27
CA GLN C 47 -1.02 69.88 1.98
C GLN C 47 0.32 69.16 1.94
N GLY C 48 1.33 69.77 2.54
CA GLY C 48 2.64 69.15 2.57
C GLY C 48 2.55 67.88 3.38
N THR C 49 1.64 67.88 4.35
CA THR C 49 1.46 66.72 5.20
C THR C 49 0.57 65.66 4.55
N ASP C 50 -0.44 66.10 3.80
CA ASP C 50 -1.32 65.12 3.16
C ASP C 50 -0.70 64.53 1.89
N VAL C 51 0.33 65.18 1.36
CA VAL C 51 1.02 64.67 0.18
C VAL C 51 1.91 63.56 0.69
N GLY C 52 2.46 63.75 1.89
CA GLY C 52 3.31 62.75 2.49
C GLY C 52 2.51 61.55 2.95
N ALA C 53 1.25 61.78 3.30
CA ALA C 53 0.37 60.70 3.76
C ALA C 53 -0.13 59.87 2.58
N ILE C 54 -0.49 60.55 1.49
CA ILE C 54 -0.98 59.87 0.30
C ILE C 54 0.14 58.99 -0.25
N ALA C 55 1.37 59.45 -0.12
CA ALA C 55 2.52 58.71 -0.60
C ALA C 55 2.68 57.43 0.20
N GLY C 56 2.49 57.54 1.51
CA GLY C 56 2.61 56.39 2.39
C GLY C 56 1.54 55.37 2.08
N LYS C 57 0.33 55.86 1.82
CA LYS C 57 -0.80 54.99 1.54
C LYS C 57 -0.64 54.28 0.20
N ALA C 58 -0.12 54.99 -0.79
CA ALA C 58 0.09 54.40 -2.11
C ALA C 58 1.19 53.34 -2.04
N ASN C 59 2.18 53.60 -1.19
CA ASN C 59 3.30 52.68 -1.02
C ASN C 59 2.88 51.42 -0.30
N GLU C 60 2.02 51.56 0.69
CA GLU C 60 1.58 50.40 1.43
C GLU C 60 0.57 49.61 0.60
N ALA C 61 -0.25 50.32 -0.17
CA ALA C 61 -1.20 49.64 -1.02
C ALA C 61 -0.39 48.75 -1.97
N GLY C 62 0.72 49.30 -2.47
CA GLY C 62 1.58 48.55 -3.38
C GLY C 62 2.14 47.34 -2.68
N GLN C 63 2.68 47.56 -1.50
CA GLN C 63 3.22 46.48 -0.71
C GLN C 63 2.12 45.44 -0.45
N GLY C 64 0.88 45.90 -0.23
CA GLY C 64 -0.21 44.97 0.02
C GLY C 64 -0.56 44.16 -1.21
N ALA C 65 -0.42 44.77 -2.39
CA ALA C 65 -0.73 44.07 -3.62
C ALA C 65 0.38 43.02 -3.80
N TYR C 66 1.63 43.41 -3.56
CA TYR C 66 2.75 42.48 -3.69
C TYR C 66 2.61 41.25 -2.79
N ASP C 67 2.27 41.47 -1.51
CA ASP C 67 2.11 40.35 -0.59
C ASP C 67 0.99 39.41 -1.03
N ALA C 68 -0.10 39.98 -1.55
CA ALA C 68 -1.20 39.13 -1.99
C ALA C 68 -0.75 38.27 -3.18
N GLN C 69 0.08 38.85 -4.06
CA GLN C 69 0.57 38.14 -5.23
C GLN C 69 1.56 37.04 -4.85
N VAL C 70 2.46 37.32 -3.94
CA VAL C 70 3.43 36.30 -3.51
C VAL C 70 2.63 35.12 -2.94
N LYS C 71 1.60 35.44 -2.16
CA LYS C 71 0.74 34.42 -1.56
C LYS C 71 -0.02 33.67 -2.66
N ASN C 72 -0.48 34.37 -3.70
CA ASN C 72 -1.18 33.69 -4.78
C ASN C 72 -0.27 32.66 -5.40
N ASP C 73 0.99 33.02 -5.63
CA ASP C 73 1.94 32.09 -6.21
C ASP C 73 2.09 30.84 -5.34
N GLU C 74 2.14 31.02 -4.02
CA GLU C 74 2.27 29.88 -3.11
C GLU C 74 1.02 29.01 -3.15
N GLN C 75 -0.15 29.64 -3.25
CA GLN C 75 -1.39 28.88 -3.28
C GLN C 75 -1.55 28.13 -4.58
N ASP C 76 -0.93 28.65 -5.65
CA ASP C 76 -1.00 27.98 -6.93
C ASP C 76 -0.22 26.66 -6.81
N VAL C 77 0.93 26.69 -6.15
CA VAL C 77 1.72 25.48 -5.95
C VAL C 77 0.90 24.43 -5.19
N GLU C 78 0.22 24.85 -4.13
CA GLU C 78 -0.57 23.90 -3.36
C GLU C 78 -1.78 23.40 -4.17
N LEU C 79 -2.42 24.28 -4.92
CA LEU C 79 -3.57 23.87 -5.73
C LEU C 79 -3.19 22.76 -6.73
N ALA C 80 -2.02 22.89 -7.36
CA ALA C 80 -1.56 21.89 -8.33
C ALA C 80 -1.27 20.56 -7.63
N ASP C 81 -0.58 20.62 -6.49
CA ASP C 81 -0.28 19.42 -5.72
C ASP C 81 -1.61 18.75 -5.33
N HIS C 82 -2.57 19.55 -4.87
CA HIS C 82 -3.87 18.99 -4.50
C HIS C 82 -4.58 18.38 -5.70
N GLU C 83 -4.42 19.01 -6.87
CA GLU C 83 -5.03 18.53 -8.12
C GLU C 83 -4.46 17.15 -8.49
N ALA C 84 -3.13 17.02 -8.43
CA ALA C 84 -2.49 15.76 -8.75
C ALA C 84 -2.88 14.64 -7.80
N ARG C 85 -2.97 14.94 -6.50
CA ARG C 85 -3.33 13.92 -5.54
C ARG C 85 -4.80 13.48 -5.63
N ILE C 86 -5.67 14.40 -6.02
CA ILE C 86 -7.08 14.08 -6.18
C ILE C 86 -7.20 13.17 -7.42
N LYS C 87 -6.46 13.49 -8.48
CA LYS C 87 -6.49 12.67 -9.69
C LYS C 87 -6.08 11.24 -9.41
N GLN C 88 -4.99 11.09 -8.66
CA GLN C 88 -4.49 9.78 -8.33
C GLN C 88 -5.48 9.02 -7.41
N LEU C 89 -6.06 9.72 -6.44
CA LEU C 89 -7.03 9.06 -5.57
C LEU C 89 -8.26 8.57 -6.35
N ARG C 90 -8.67 9.32 -7.37
CA ARG C 90 -9.84 8.93 -8.16
C ARG C 90 -9.55 7.63 -8.90
N ILE C 91 -8.34 7.53 -9.45
CA ILE C 91 -7.94 6.32 -10.15
C ILE C 91 -7.94 5.16 -9.16
N ASP C 92 -7.29 5.34 -8.02
CA ASP C 92 -7.22 4.30 -7.00
C ASP C 92 -8.61 3.89 -6.51
N VAL C 93 -9.50 4.85 -6.33
CA VAL C 93 -10.84 4.53 -5.86
C VAL C 93 -11.63 3.75 -6.91
N ASP C 94 -11.45 4.07 -8.19
CA ASP C 94 -12.16 3.35 -9.24
C ASP C 94 -11.57 1.93 -9.36
N ASP C 95 -10.25 1.82 -9.29
CA ASP C 95 -9.61 0.52 -9.37
C ASP C 95 -10.18 -0.35 -8.26
N HIS C 96 -10.35 0.24 -7.09
CA HIS C 96 -10.89 -0.48 -5.94
C HIS C 96 -12.35 -0.86 -6.16
N GLU C 97 -13.12 0.02 -6.79
CA GLU C 97 -14.53 -0.27 -7.04
C GLU C 97 -14.62 -1.56 -7.85
N SER C 98 -13.80 -1.64 -8.89
CA SER C 98 -13.76 -2.79 -9.77
C SER C 98 -13.42 -4.09 -9.03
N ARG C 99 -12.29 -4.09 -8.33
CA ARG C 99 -11.81 -5.25 -7.59
C ARG C 99 -12.72 -5.70 -6.45
N ILE C 100 -13.38 -4.77 -5.78
CA ILE C 100 -14.29 -5.13 -4.69
C ILE C 100 -15.50 -5.88 -5.24
N THR C 101 -16.05 -5.36 -6.33
CA THR C 101 -17.20 -5.98 -6.97
C THR C 101 -16.83 -7.38 -7.46
N ALA C 102 -15.59 -7.53 -7.90
CA ALA C 102 -15.11 -8.81 -8.37
C ALA C 102 -15.02 -9.76 -7.16
N ASN C 103 -14.33 -9.34 -6.11
CA ASN C 103 -14.21 -10.17 -4.91
C ASN C 103 -15.59 -10.59 -4.41
N THR C 104 -16.54 -9.65 -4.44
CA THR C 104 -17.89 -9.93 -3.99
C THR C 104 -18.57 -10.98 -4.87
N LYS C 105 -18.28 -10.92 -6.16
CA LYS C 105 -18.84 -11.87 -7.12
C LYS C 105 -18.28 -13.25 -6.80
N ALA C 106 -16.95 -13.32 -6.70
CA ALA C 106 -16.23 -14.55 -6.41
C ALA C 106 -16.76 -15.23 -5.15
N ILE C 107 -16.93 -14.46 -4.09
CA ILE C 107 -17.41 -15.01 -2.83
C ILE C 107 -18.75 -15.66 -3.09
N THR C 108 -19.60 -14.96 -3.83
CA THR C 108 -20.92 -15.50 -4.14
C THR C 108 -20.77 -16.80 -4.94
N ALA C 109 -19.94 -16.78 -5.98
CA ALA C 109 -19.71 -17.96 -6.81
C ALA C 109 -19.23 -19.14 -5.96
N LEU C 110 -18.32 -18.88 -5.03
CA LEU C 110 -17.80 -19.92 -4.15
C LEU C 110 -18.91 -20.46 -3.27
N ASN C 111 -19.77 -19.57 -2.79
CA ASN C 111 -20.88 -19.96 -1.94
C ASN C 111 -21.81 -20.95 -2.63
N VAL C 112 -22.07 -20.77 -3.92
CA VAL C 112 -22.95 -21.72 -4.59
C VAL C 112 -22.24 -23.06 -4.74
N ARG C 113 -20.93 -23.02 -4.99
CA ARG C 113 -20.17 -24.26 -5.12
C ARG C 113 -20.11 -25.03 -3.82
N VAL C 114 -19.80 -24.34 -2.73
CA VAL C 114 -19.71 -24.98 -1.43
C VAL C 114 -21.08 -25.50 -1.00
N THR C 115 -22.12 -24.73 -1.31
CA THR C 115 -23.47 -25.11 -0.94
C THR C 115 -23.84 -26.38 -1.70
N THR C 116 -23.48 -26.43 -2.98
CA THR C 116 -23.74 -27.61 -3.79
C THR C 116 -22.99 -28.80 -3.18
N ALA C 117 -21.67 -28.63 -2.98
CA ALA C 117 -20.83 -29.68 -2.41
C ALA C 117 -21.36 -30.28 -1.12
N GLU C 118 -21.86 -29.44 -0.23
CA GLU C 118 -22.37 -29.95 1.04
C GLU C 118 -23.67 -30.71 0.84
N GLY C 119 -24.33 -30.45 -0.28
CA GLY C 119 -25.56 -31.18 -0.59
C GLY C 119 -25.13 -32.55 -1.08
N GLU C 120 -24.06 -32.57 -1.85
CA GLU C 120 -23.55 -33.85 -2.36
C GLU C 120 -22.95 -34.68 -1.22
N ILE C 121 -22.19 -34.04 -0.34
CA ILE C 121 -21.60 -34.72 0.80
C ILE C 121 -22.69 -35.39 1.64
N ALA C 122 -23.75 -34.64 1.94
CA ALA C 122 -24.84 -35.19 2.75
C ALA C 122 -25.49 -36.39 2.06
N SER C 123 -25.51 -36.35 0.73
CA SER C 123 -26.09 -37.41 -0.08
C SER C 123 -25.21 -38.66 -0.06
N LEU C 124 -23.90 -38.46 -0.15
CA LEU C 124 -22.95 -39.57 -0.13
C LEU C 124 -22.99 -40.25 1.24
N GLN C 125 -23.14 -39.46 2.30
CA GLN C 125 -23.19 -40.02 3.65
C GLN C 125 -24.39 -40.92 3.84
N THR C 126 -25.49 -40.59 3.15
CA THR C 126 -26.69 -41.42 3.25
C THR C 126 -26.50 -42.68 2.43
N ASN C 127 -26.00 -42.54 1.20
CA ASN C 127 -25.78 -43.70 0.36
C ASN C 127 -24.77 -44.66 0.98
N VAL C 128 -23.66 -44.14 1.46
CA VAL C 128 -22.63 -44.96 2.09
C VAL C 128 -23.25 -45.66 3.31
N SER C 129 -24.09 -44.94 4.04
CA SER C 129 -24.74 -45.51 5.21
C SER C 129 -25.63 -46.69 4.79
N ALA C 130 -26.45 -46.45 3.76
CA ALA C 130 -27.35 -47.46 3.26
C ALA C 130 -26.58 -48.65 2.67
N LEU C 131 -25.48 -48.36 1.99
CA LEU C 131 -24.65 -49.40 1.40
C LEU C 131 -24.08 -50.28 2.51
N ASP C 132 -23.70 -49.66 3.61
CA ASP C 132 -23.17 -50.39 4.75
C ASP C 132 -24.24 -51.37 5.24
N GLY C 133 -25.49 -50.92 5.27
CA GLY C 133 -26.57 -51.79 5.72
C GLY C 133 -26.73 -53.02 4.85
N ARG C 134 -26.77 -52.78 3.54
CA ARG C 134 -26.93 -53.85 2.56
C ARG C 134 -25.71 -54.78 2.53
N VAL C 135 -24.51 -54.24 2.76
CA VAL C 135 -23.32 -55.08 2.73
C VAL C 135 -23.32 -55.97 3.97
N THR C 136 -23.71 -55.42 5.12
CA THR C 136 -23.74 -56.21 6.34
C THR C 136 -24.71 -57.38 6.18
N THR C 137 -25.90 -57.10 5.68
CA THR C 137 -26.92 -58.11 5.46
C THR C 137 -26.43 -59.18 4.49
N ALA C 138 -25.73 -58.77 3.45
CA ALA C 138 -25.19 -59.72 2.47
C ALA C 138 -24.18 -60.64 3.18
N GLU C 139 -23.26 -60.05 3.94
CA GLU C 139 -22.26 -60.83 4.67
C GLU C 139 -22.93 -61.84 5.59
N ASN C 140 -24.10 -61.48 6.11
CA ASN C 140 -24.83 -62.37 7.01
C ASN C 140 -25.50 -63.50 6.24
N ASN C 141 -26.05 -63.20 5.07
CA ASN C 141 -26.69 -64.23 4.28
C ASN C 141 -25.60 -65.21 3.82
N ILE C 142 -24.42 -64.68 3.51
CA ILE C 142 -23.29 -65.49 3.04
C ILE C 142 -22.77 -66.43 4.12
N SER C 143 -22.63 -65.93 5.33
CA SER C 143 -22.15 -66.76 6.43
C SER C 143 -23.21 -67.81 6.76
N ALA C 144 -24.48 -67.49 6.51
CA ALA C 144 -25.55 -68.45 6.77
C ALA C 144 -25.45 -69.58 5.75
N LEU C 145 -25.22 -69.21 4.49
CA LEU C 145 -25.09 -70.19 3.43
C LEU C 145 -23.88 -71.10 3.66
N GLN C 146 -22.73 -70.50 3.92
CA GLN C 146 -21.53 -71.29 4.14
C GLN C 146 -21.77 -72.37 5.19
N ALA C 147 -22.48 -72.03 6.26
CA ALA C 147 -22.75 -73.01 7.30
C ALA C 147 -23.84 -74.00 6.93
N ASP C 148 -24.75 -73.61 6.03
CA ASP C 148 -25.86 -74.47 5.67
C ASP C 148 -25.87 -75.24 4.35
N TYR C 149 -24.97 -74.94 3.43
CA TYR C 149 -25.01 -75.63 2.14
C TYR C 149 -24.31 -76.99 2.07
N VAL C 150 -24.78 -77.84 1.16
CA VAL C 150 -24.21 -79.16 0.95
C VAL C 150 -23.14 -78.98 -0.13
N SER C 151 -21.90 -79.28 0.20
CA SER C 151 -20.79 -79.13 -0.73
C SER C 151 -20.49 -80.39 -1.54
N LYS C 152 -20.10 -80.18 -2.79
CA LYS C 152 -19.77 -81.27 -3.69
C LYS C 152 -18.33 -81.72 -3.49
N THR C 153 -17.58 -80.94 -2.73
CA THR C 153 -16.16 -81.24 -2.50
C THR C 153 -15.86 -81.77 -1.12
N ALA C 154 -16.65 -81.36 -0.12
CA ALA C 154 -16.43 -81.81 1.24
C ALA C 154 -16.35 -83.34 1.27
N THR C 155 -15.51 -83.87 2.15
CA THR C 155 -15.34 -85.32 2.25
C THR C 155 -16.09 -85.94 3.42
N THR C 156 -16.02 -85.30 4.59
CA THR C 156 -16.71 -85.83 5.76
C THR C 156 -18.21 -85.96 5.45
N SER C 157 -18.86 -86.93 6.07
CA SER C 157 -20.28 -87.18 5.83
C SER C 157 -21.17 -85.96 6.07
N GLN C 158 -22.12 -85.76 5.17
CA GLN C 158 -23.05 -84.63 5.26
C GLN C 158 -24.44 -85.17 5.58
N SER C 159 -25.13 -84.49 6.50
CA SER C 159 -26.45 -84.89 6.95
C SER C 159 -27.56 -83.87 6.65
N LEU C 160 -28.70 -84.37 6.20
CA LEU C 160 -29.88 -83.55 5.89
C LEU C 160 -30.97 -83.79 6.93
N ALA C 161 -31.60 -82.72 7.38
CA ALA C 161 -32.67 -82.83 8.36
C ALA C 161 -34.01 -83.06 7.64
N SER C 162 -33.95 -83.18 6.31
CA SER C 162 -35.14 -83.42 5.51
C SER C 162 -34.98 -84.63 4.61
N PRO C 163 -36.11 -85.10 4.03
CA PRO C 163 -36.10 -86.24 3.12
C PRO C 163 -35.51 -85.74 1.80
N LEU C 164 -35.06 -86.66 0.96
CA LEU C 164 -34.46 -86.29 -0.33
C LEU C 164 -35.21 -86.89 -1.52
N ASN C 165 -35.33 -86.12 -2.59
CA ASN C 165 -35.99 -86.56 -3.82
C ASN C 165 -35.05 -86.22 -4.96
N VAL C 166 -34.84 -87.19 -5.84
CA VAL C 166 -33.92 -87.02 -6.96
C VAL C 166 -34.64 -87.53 -8.20
N THR C 167 -34.10 -87.24 -9.39
CA THR C 167 -34.74 -87.72 -10.62
C THR C 167 -33.84 -88.77 -11.28
N THR C 168 -34.47 -89.81 -11.82
CA THR C 168 -33.78 -90.89 -12.52
C THR C 168 -32.87 -91.88 -11.80
N SER C 169 -32.23 -91.48 -10.70
CA SER C 169 -31.50 -92.47 -9.90
C SER C 169 -30.49 -91.96 -8.89
N TYR C 170 -30.08 -92.87 -8.02
CA TYR C 170 -29.07 -92.62 -7.00
C TYR C 170 -27.91 -93.55 -7.34
N SER C 171 -26.69 -93.09 -7.15
CA SER C 171 -25.51 -93.91 -7.42
C SER C 171 -24.52 -93.73 -6.30
N VAL C 172 -23.52 -94.59 -6.28
CA VAL C 172 -22.48 -94.55 -5.26
C VAL C 172 -21.20 -95.10 -5.88
N GLY C 173 -20.24 -94.22 -6.10
CA GLY C 173 -18.98 -94.63 -6.71
C GLY C 173 -19.16 -94.70 -8.21
N GLY C 174 -20.12 -93.93 -8.72
CA GLY C 174 -20.37 -93.89 -10.14
C GLY C 174 -21.31 -94.96 -10.67
N LYS C 175 -21.57 -95.98 -9.87
CA LYS C 175 -22.46 -97.07 -10.29
C LYS C 175 -23.87 -96.91 -9.73
N LYS C 176 -24.86 -96.98 -10.61
CA LYS C 176 -26.25 -96.85 -10.22
C LYS C 176 -26.60 -97.93 -9.20
N VAL C 177 -27.45 -97.59 -8.25
CA VAL C 177 -27.81 -98.54 -7.20
C VAL C 177 -29.31 -98.55 -6.91
N VAL C 178 -29.95 -97.39 -7.08
CA VAL C 178 -31.37 -97.24 -6.81
C VAL C 178 -32.06 -96.38 -7.86
N GLY C 179 -33.13 -96.90 -8.47
CA GLY C 179 -33.84 -96.15 -9.48
C GLY C 179 -35.31 -95.94 -9.14
N ALA C 180 -36.12 -95.83 -10.17
CA ALA C 180 -37.56 -95.64 -9.99
C ALA C 180 -38.19 -96.91 -9.41
N ARG C 181 -39.27 -96.74 -8.66
CA ARG C 181 -39.96 -97.87 -8.06
C ARG C 181 -40.43 -98.89 -9.10
N GLN C 182 -40.03 -100.16 -8.91
CA GLN C 182 -40.43 -101.24 -9.82
C GLN C 182 -41.91 -101.48 -9.58
N THR C 183 -42.72 -101.41 -10.63
CA THR C 183 -44.16 -101.61 -10.47
C THR C 183 -44.65 -102.95 -11.02
N GLY C 184 -45.95 -103.18 -10.92
CA GLY C 184 -46.54 -104.42 -11.43
C GLY C 184 -46.51 -105.60 -10.48
N TRP C 185 -46.27 -105.34 -9.20
CA TRP C 185 -46.23 -106.40 -8.20
C TRP C 185 -47.52 -106.55 -7.45
N THR C 186 -47.92 -107.78 -7.22
CA THR C 186 -49.09 -108.05 -6.41
C THR C 186 -48.44 -108.38 -5.07
N ALA C 187 -49.00 -107.87 -3.98
CA ALA C 187 -48.43 -108.13 -2.66
C ALA C 187 -48.69 -109.55 -2.19
N ALA C 188 -47.65 -110.21 -1.69
CA ALA C 188 -47.76 -111.56 -1.17
C ALA C 188 -48.43 -111.49 0.19
N THR C 189 -49.36 -112.40 0.44
CA THR C 189 -50.08 -112.43 1.72
C THR C 189 -49.57 -113.56 2.61
N GLY C 190 -49.99 -113.55 3.86
CA GLY C 190 -49.58 -114.59 4.77
C GLY C 190 -48.60 -114.12 5.83
N THR C 191 -48.13 -115.06 6.64
CA THR C 191 -47.19 -114.75 7.71
C THR C 191 -45.77 -114.65 7.21
N ALA C 192 -45.11 -113.55 7.54
CA ALA C 192 -43.74 -113.30 7.14
C ALA C 192 -42.83 -113.98 8.16
N ASN C 193 -41.76 -114.60 7.68
CA ASN C 193 -40.82 -115.27 8.57
C ASN C 193 -39.44 -114.64 8.50
N LYS C 194 -39.08 -113.91 9.55
CA LYS C 194 -37.78 -113.26 9.63
C LYS C 194 -37.01 -113.92 10.77
N GLY C 195 -37.47 -115.11 11.16
CA GLY C 195 -36.84 -115.84 12.23
C GLY C 195 -35.63 -116.64 11.79
N VAL C 196 -35.19 -117.56 12.65
CA VAL C 196 -34.04 -118.39 12.32
C VAL C 196 -34.29 -119.18 11.03
N PHE C 197 -33.28 -119.19 10.18
CA PHE C 197 -33.36 -119.87 8.90
C PHE C 197 -32.12 -120.75 8.79
N ASP C 198 -31.91 -121.36 7.63
CA ASP C 198 -30.75 -122.21 7.39
C ASP C 198 -30.76 -122.72 5.95
N ALA C 199 -30.15 -121.93 5.07
CA ALA C 199 -30.08 -122.24 3.65
C ALA C 199 -29.66 -123.67 3.32
N ASP C 200 -28.82 -124.25 4.17
CA ASP C 200 -28.38 -125.61 3.91
C ASP C 200 -28.79 -126.62 4.97
N LEU C 201 -30.03 -127.11 4.84
CA LEU C 201 -30.55 -128.11 5.74
C LEU C 201 -31.09 -129.21 4.83
N THR C 202 -30.23 -130.19 4.56
CA THR C 202 -30.55 -131.31 3.70
C THR C 202 -31.90 -131.98 3.95
N PHE C 203 -32.35 -132.78 2.99
CA PHE C 203 -33.61 -133.49 3.11
C PHE C 203 -33.45 -134.96 2.75
N ALA C 204 -33.41 -135.82 3.76
CA ALA C 204 -33.28 -137.25 3.52
C ALA C 204 -34.57 -137.71 2.86
N VAL C 205 -34.47 -138.22 1.64
CA VAL C 205 -35.66 -138.64 0.94
C VAL C 205 -36.29 -139.94 1.48
N SER C 206 -36.58 -140.92 0.62
CA SER C 206 -37.26 -142.16 0.99
C SER C 206 -36.52 -143.47 0.75
N ASP C 207 -36.92 -144.11 -0.36
CA ASP C 207 -36.46 -145.43 -0.88
C ASP C 207 -37.65 -145.87 -1.72
N THR C 208 -38.82 -145.95 -1.14
CA THR C 208 -40.00 -146.79 -1.42
C THR C 208 -41.19 -145.91 -1.09
N TYR C 209 -40.92 -144.62 -0.93
CA TYR C 209 -41.91 -143.61 -0.54
C TYR C 209 -42.08 -143.83 0.97
N THR C 210 -41.85 -145.06 1.40
CA THR C 210 -41.92 -145.38 2.82
C THR C 210 -41.21 -144.27 3.55
N GLN C 211 -41.60 -144.06 4.80
CA GLN C 211 -41.03 -143.00 5.64
C GLN C 211 -41.72 -141.69 5.34
N SER C 212 -43.05 -141.75 5.42
CA SER C 212 -43.92 -140.60 5.17
C SER C 212 -43.08 -139.34 5.17
N GLU C 213 -42.96 -138.73 6.34
CA GLU C 213 -42.20 -137.52 6.51
C GLU C 213 -41.50 -137.03 5.25
N ILE C 214 -42.32 -136.41 4.41
CA ILE C 214 -41.95 -135.74 3.18
C ILE C 214 -42.55 -134.43 3.67
N GLN C 215 -42.97 -134.52 4.94
CA GLN C 215 -43.54 -133.43 5.72
C GLN C 215 -42.42 -132.42 5.87
N ALA C 216 -41.19 -132.92 5.78
CA ALA C 216 -40.00 -132.09 5.90
C ALA C 216 -39.87 -131.21 4.67
N ILE C 217 -40.03 -131.82 3.49
CA ILE C 217 -39.92 -131.07 2.24
C ILE C 217 -41.00 -129.99 2.17
N ALA C 218 -42.23 -130.35 2.52
CA ALA C 218 -43.36 -129.41 2.50
C ALA C 218 -43.22 -128.34 3.57
N ASN C 219 -42.82 -128.74 4.77
CA ASN C 219 -42.65 -127.82 5.88
C ASN C 219 -41.54 -126.81 5.59
N ALA C 220 -40.53 -127.24 4.84
CA ALA C 220 -39.42 -126.37 4.50
C ALA C 220 -39.75 -125.53 3.26
N LEU C 221 -40.80 -125.90 2.54
CA LEU C 221 -41.19 -125.14 1.36
C LEU C 221 -41.99 -123.95 1.87
N ILE C 222 -42.76 -124.19 2.92
CA ILE C 222 -43.57 -123.14 3.52
C ILE C 222 -42.70 -122.06 4.15
N THR C 223 -41.71 -122.48 4.96
CA THR C 223 -40.83 -121.52 5.61
C THR C 223 -40.14 -120.66 4.57
N GLU C 224 -39.66 -121.29 3.51
CA GLU C 224 -38.98 -120.60 2.42
C GLU C 224 -39.86 -119.51 1.82
N ARG C 225 -40.99 -119.90 1.23
CA ARG C 225 -41.90 -118.93 0.60
C ARG C 225 -42.48 -117.92 1.59
N ARG C 226 -42.23 -118.14 2.88
CA ARG C 226 -42.69 -117.22 3.90
C ARG C 226 -41.58 -116.19 4.15
N ARG C 227 -40.33 -116.61 3.96
CA ARG C 227 -39.21 -115.70 4.15
C ARG C 227 -39.11 -114.84 2.90
N THR C 228 -39.63 -115.37 1.79
CA THR C 228 -39.62 -114.63 0.54
C THR C 228 -40.65 -113.52 0.72
N LYS C 229 -41.73 -113.85 1.39
CA LYS C 229 -42.80 -112.89 1.65
C LYS C 229 -42.29 -111.76 2.55
N ALA C 230 -41.46 -112.11 3.53
CA ALA C 230 -40.91 -111.14 4.48
C ALA C 230 -39.97 -110.18 3.74
N MET C 231 -39.10 -110.73 2.90
CA MET C 231 -38.18 -109.90 2.13
C MET C 231 -38.99 -108.96 1.24
N GLU C 232 -40.06 -109.49 0.64
CA GLU C 232 -40.91 -108.69 -0.24
C GLU C 232 -41.51 -107.54 0.56
N ASP C 233 -41.99 -107.84 1.76
CA ASP C 233 -42.55 -106.81 2.64
C ASP C 233 -41.49 -105.74 2.82
N ALA C 234 -40.27 -106.19 3.12
CA ALA C 234 -39.14 -105.30 3.34
C ALA C 234 -38.93 -104.38 2.14
N LEU C 235 -38.87 -104.98 0.95
CA LEU C 235 -38.67 -104.19 -0.26
C LEU C 235 -39.81 -103.18 -0.44
N ARG C 236 -41.05 -103.65 -0.29
CA ARG C 236 -42.22 -102.79 -0.46
C ARG C 236 -42.32 -101.71 0.62
N ALA C 237 -41.74 -101.96 1.79
CA ALA C 237 -41.77 -100.99 2.89
C ALA C 237 -40.81 -99.84 2.56
N HIS C 238 -39.67 -100.18 1.97
CA HIS C 238 -38.70 -99.16 1.57
C HIS C 238 -39.26 -98.35 0.39
N GLY C 239 -39.91 -99.06 -0.54
CA GLY C 239 -40.48 -98.41 -1.70
C GLY C 239 -39.85 -98.86 -3.01
N LEU C 240 -38.86 -99.75 -2.94
CA LEU C 240 -38.17 -100.25 -4.12
C LEU C 240 -39.09 -100.97 -5.11
N ILE C 241 -40.15 -101.59 -4.59
CA ILE C 241 -41.13 -102.26 -5.45
C ILE C 241 -42.50 -101.70 -5.11
N ASP C 242 -43.40 -101.73 -6.10
CA ASP C 242 -44.76 -101.23 -5.99
C ASP C 242 -45.13 -100.75 -4.59
N MET D 10 17.60 -32.27 1.43
CA MET D 10 18.29 -32.75 0.24
C MET D 10 17.60 -34.02 -0.26
N ALA D 11 16.71 -33.86 -1.23
CA ALA D 11 15.95 -34.98 -1.80
C ALA D 11 16.72 -36.29 -1.85
N ASP D 12 16.24 -37.27 -1.09
CA ASP D 12 16.85 -38.59 -1.03
C ASP D 12 16.40 -39.37 -2.26
N PRO D 13 17.35 -39.73 -3.15
CA PRO D 13 17.08 -40.47 -4.39
C PRO D 13 16.56 -41.90 -4.25
N SER D 14 16.78 -42.54 -3.10
CA SER D 14 16.32 -43.90 -2.90
C SER D 14 14.80 -43.98 -2.75
N LEU D 15 14.21 -42.94 -2.18
CA LEU D 15 12.76 -42.88 -1.99
C LEU D 15 12.00 -43.15 -3.28
N ASN D 16 12.60 -42.77 -4.40
CA ASN D 16 11.98 -42.91 -5.69
C ASN D 16 12.35 -44.24 -6.35
N ASN D 17 13.11 -45.06 -5.64
CA ASN D 17 13.51 -46.37 -6.15
C ASN D 17 12.57 -47.47 -5.64
N PRO D 18 11.75 -48.04 -6.55
CA PRO D 18 10.78 -49.10 -6.30
C PRO D 18 11.32 -50.30 -5.52
N VAL D 19 10.53 -50.79 -4.56
CA VAL D 19 10.91 -51.96 -3.76
C VAL D 19 10.97 -53.18 -4.67
N VAL D 20 11.89 -54.10 -4.37
CA VAL D 20 12.09 -55.28 -5.18
C VAL D 20 11.26 -56.54 -4.84
N ILE D 21 10.04 -56.60 -5.36
CA ILE D 21 9.16 -57.75 -5.13
C ILE D 21 9.74 -58.94 -5.89
N GLN D 22 9.86 -60.08 -5.22
CA GLN D 22 10.45 -61.25 -5.86
C GLN D 22 9.54 -62.46 -6.02
N ALA D 23 8.48 -62.55 -5.22
CA ALA D 23 7.58 -63.69 -5.28
C ALA D 23 6.70 -63.78 -6.51
N THR D 24 6.59 -64.98 -7.06
CA THR D 24 5.77 -65.25 -8.24
C THR D 24 4.29 -65.19 -7.84
N ARG D 25 3.48 -64.46 -8.60
CA ARG D 25 2.05 -64.35 -8.30
C ARG D 25 1.51 -65.74 -7.92
N LEU D 26 0.66 -65.78 -6.90
CA LEU D 26 0.12 -67.04 -6.42
C LEU D 26 -0.91 -67.75 -7.31
N ASP D 27 -0.56 -68.96 -7.73
CA ASP D 27 -1.46 -69.77 -8.53
C ASP D 27 -2.00 -70.79 -7.54
N ALA D 28 -3.31 -70.76 -7.28
CA ALA D 28 -3.92 -71.66 -6.33
C ALA D 28 -3.52 -73.11 -6.54
N SER D 29 -3.12 -73.42 -7.76
CA SER D 29 -2.71 -74.76 -8.13
C SER D 29 -1.51 -75.27 -7.32
N ILE D 30 -0.64 -74.37 -6.90
CA ILE D 30 0.52 -74.78 -6.13
C ILE D 30 0.19 -75.01 -4.66
N LEU D 31 -1.02 -74.64 -4.27
CA LEU D 31 -1.45 -74.79 -2.88
C LEU D 31 -1.70 -76.25 -2.54
N PRO D 32 -1.51 -76.63 -1.27
CA PRO D 32 -1.72 -78.01 -0.84
C PRO D 32 -3.16 -78.44 -0.97
N ARG D 33 -3.36 -79.67 -1.45
CA ARG D 33 -4.69 -80.20 -1.59
C ARG D 33 -4.97 -81.07 -0.37
N ASN D 34 -6.11 -80.84 0.25
CA ASN D 34 -6.54 -81.62 1.40
C ASN D 34 -5.76 -81.45 2.70
N VAL D 35 -5.07 -80.32 2.86
CA VAL D 35 -4.34 -80.05 4.11
C VAL D 35 -4.79 -78.69 4.68
N PHE D 36 -5.13 -77.75 3.82
CA PHE D 36 -5.58 -76.42 4.26
C PHE D 36 -7.10 -76.31 4.20
N SER D 37 -7.70 -75.76 5.25
CA SER D 37 -9.16 -75.60 5.26
C SER D 37 -9.52 -74.55 4.21
N LYS D 38 -10.77 -74.56 3.77
CA LYS D 38 -11.22 -73.59 2.78
C LYS D 38 -10.98 -72.16 3.25
N SER D 39 -11.16 -71.94 4.55
CA SER D 39 -10.95 -70.62 5.14
C SER D 39 -9.49 -70.18 5.03
N TYR D 40 -8.56 -71.11 5.26
CA TYR D 40 -7.14 -70.77 5.18
C TYR D 40 -6.67 -70.64 3.73
N LEU D 41 -7.39 -71.31 2.84
CA LEU D 41 -7.09 -71.28 1.42
C LEU D 41 -7.35 -69.87 0.91
N LEU D 42 -8.49 -69.32 1.31
CA LEU D 42 -8.86 -67.98 0.88
C LEU D 42 -7.99 -66.93 1.54
N TYR D 43 -7.57 -67.18 2.78
CA TYR D 43 -6.71 -66.24 3.49
C TYR D 43 -5.36 -66.13 2.78
N VAL D 44 -4.74 -67.27 2.49
CA VAL D 44 -3.45 -67.26 1.80
C VAL D 44 -3.57 -66.58 0.44
N ILE D 45 -4.65 -66.85 -0.28
CA ILE D 45 -4.84 -66.23 -1.59
C ILE D 45 -4.94 -64.71 -1.44
N ALA D 46 -5.74 -64.28 -0.49
CA ALA D 46 -5.92 -62.85 -0.25
C ALA D 46 -4.63 -62.19 0.25
N GLN D 47 -3.93 -62.84 1.18
CA GLN D 47 -2.70 -62.23 1.69
C GLN D 47 -1.74 -61.96 0.52
N GLY D 48 -1.74 -62.86 -0.44
CA GLY D 48 -0.88 -62.69 -1.60
C GLY D 48 -1.21 -61.42 -2.34
N THR D 49 -2.50 -61.20 -2.60
CA THR D 49 -2.92 -60.00 -3.30
C THR D 49 -2.65 -58.76 -2.44
N ASP D 50 -2.88 -58.87 -1.14
CA ASP D 50 -2.63 -57.76 -0.23
C ASP D 50 -1.16 -57.37 -0.25
N VAL D 51 -0.28 -58.37 -0.15
CA VAL D 51 1.16 -58.08 -0.16
C VAL D 51 1.54 -57.24 -1.39
N GLY D 52 1.07 -57.65 -2.56
CA GLY D 52 1.40 -56.91 -3.76
C GLY D 52 0.80 -55.50 -3.80
N ALA D 53 -0.41 -55.34 -3.27
CA ALA D 53 -1.04 -54.03 -3.28
C ALA D 53 -0.28 -53.09 -2.35
N ILE D 54 0.06 -53.60 -1.16
CA ILE D 54 0.79 -52.82 -0.17
C ILE D 54 2.13 -52.40 -0.77
N ALA D 55 2.76 -53.29 -1.52
CA ALA D 55 4.03 -52.95 -2.15
C ALA D 55 3.80 -51.73 -3.02
N GLY D 56 2.72 -51.77 -3.79
CA GLY D 56 2.38 -50.68 -4.67
C GLY D 56 2.16 -49.40 -3.90
N LYS D 57 1.46 -49.48 -2.77
CA LYS D 57 1.22 -48.27 -1.99
C LYS D 57 2.51 -47.66 -1.43
N ALA D 58 3.41 -48.52 -0.97
CA ALA D 58 4.68 -48.04 -0.39
C ALA D 58 5.57 -47.43 -1.46
N ASN D 59 5.60 -48.01 -2.65
CA ASN D 59 6.42 -47.45 -3.70
C ASN D 59 5.89 -46.07 -4.07
N GLU D 60 4.56 -45.91 -4.02
CA GLU D 60 3.92 -44.63 -4.36
C GLU D 60 4.15 -43.57 -3.30
N ALA D 61 4.08 -43.96 -2.03
CA ALA D 61 4.30 -43.02 -0.95
C ALA D 61 5.74 -42.52 -1.07
N GLY D 62 6.66 -43.45 -1.28
CA GLY D 62 8.07 -43.08 -1.41
C GLY D 62 8.26 -42.06 -2.52
N GLN D 63 7.55 -42.26 -3.62
CA GLN D 63 7.65 -41.36 -4.76
C GLN D 63 7.08 -40.00 -4.38
N GLY D 64 5.97 -40.00 -3.63
CA GLY D 64 5.38 -38.75 -3.22
C GLY D 64 6.26 -37.99 -2.27
N ALA D 65 6.92 -38.70 -1.36
CA ALA D 65 7.79 -38.05 -0.40
C ALA D 65 8.98 -37.48 -1.14
N TYR D 66 9.47 -38.22 -2.13
CA TYR D 66 10.61 -37.75 -2.90
C TYR D 66 10.24 -36.50 -3.68
N ASP D 67 9.06 -36.48 -4.30
CA ASP D 67 8.64 -35.30 -5.05
C ASP D 67 8.60 -34.10 -4.10
N ALA D 68 8.05 -34.30 -2.90
CA ALA D 68 7.95 -33.24 -1.91
C ALA D 68 9.33 -32.69 -1.53
N GLN D 69 10.29 -33.58 -1.37
CA GLN D 69 11.64 -33.15 -1.01
C GLN D 69 12.33 -32.36 -2.11
N VAL D 70 12.16 -32.79 -3.35
CA VAL D 70 12.78 -32.05 -4.46
C VAL D 70 12.22 -30.63 -4.47
N LYS D 71 10.91 -30.49 -4.27
CA LYS D 71 10.31 -29.16 -4.25
C LYS D 71 10.95 -28.37 -3.13
N ASN D 72 11.05 -28.98 -1.94
CA ASN D 72 11.67 -28.33 -0.80
C ASN D 72 13.06 -27.77 -1.12
N ASP D 73 13.82 -28.53 -1.90
CA ASP D 73 15.16 -28.10 -2.27
C ASP D 73 15.10 -26.82 -3.11
N GLU D 74 14.13 -26.78 -4.02
CA GLU D 74 13.92 -25.64 -4.88
C GLU D 74 13.44 -24.42 -4.09
N GLN D 75 12.65 -24.66 -3.05
CA GLN D 75 12.17 -23.55 -2.24
C GLN D 75 13.29 -23.05 -1.33
N ASP D 76 14.16 -23.93 -0.88
CA ASP D 76 15.26 -23.51 -0.02
C ASP D 76 16.17 -22.53 -0.75
N VAL D 77 16.35 -22.76 -2.05
CA VAL D 77 17.18 -21.88 -2.85
C VAL D 77 16.52 -20.51 -2.98
N GLU D 78 15.22 -20.47 -3.26
CA GLU D 78 14.53 -19.21 -3.37
C GLU D 78 14.50 -18.51 -2.02
N LEU D 79 14.31 -19.27 -0.95
CA LEU D 79 14.28 -18.67 0.37
C LEU D 79 15.61 -18.00 0.67
N ALA D 80 16.71 -18.61 0.24
CA ALA D 80 18.03 -18.06 0.48
C ALA D 80 18.19 -16.78 -0.34
N ASP D 81 17.75 -16.83 -1.60
CA ASP D 81 17.86 -15.66 -2.47
C ASP D 81 17.05 -14.50 -1.88
N HIS D 82 15.82 -14.79 -1.46
CA HIS D 82 14.97 -13.76 -0.86
C HIS D 82 15.66 -13.19 0.35
N GLU D 83 16.26 -14.04 1.17
CA GLU D 83 16.95 -13.57 2.38
C GLU D 83 18.00 -12.54 2.00
N ALA D 84 18.92 -12.93 1.12
CA ALA D 84 19.98 -12.02 0.70
C ALA D 84 19.45 -10.68 0.20
N ARG D 85 18.45 -10.72 -0.66
CA ARG D 85 17.87 -9.51 -1.22
C ARG D 85 17.21 -8.64 -0.17
N ILE D 86 16.59 -9.28 0.81
CA ILE D 86 15.94 -8.54 1.88
C ILE D 86 16.96 -7.84 2.74
N LYS D 87 18.06 -8.53 3.08
CA LYS D 87 19.10 -7.94 3.90
C LYS D 87 19.61 -6.65 3.29
N GLN D 88 19.97 -6.71 1.99
CA GLN D 88 20.45 -5.55 1.26
C GLN D 88 19.44 -4.42 1.29
N LEU D 89 18.20 -4.73 0.91
CA LEU D 89 17.15 -3.69 0.91
C LEU D 89 17.10 -2.98 2.24
N ARG D 90 17.19 -3.74 3.32
CA ARG D 90 17.16 -3.18 4.66
C ARG D 90 18.38 -2.29 4.88
N ILE D 91 19.51 -2.69 4.32
CA ILE D 91 20.72 -1.90 4.45
C ILE D 91 20.53 -0.59 3.68
N ASP D 92 19.90 -0.68 2.52
CA ASP D 92 19.65 0.50 1.68
C ASP D 92 18.67 1.46 2.33
N VAL D 93 17.57 0.92 2.85
CA VAL D 93 16.55 1.73 3.50
C VAL D 93 17.01 2.43 4.77
N ASP D 94 18.00 1.86 5.45
CA ASP D 94 18.49 2.52 6.65
C ASP D 94 19.46 3.63 6.26
N ASP D 95 20.19 3.42 5.16
CA ASP D 95 21.13 4.42 4.67
C ASP D 95 20.31 5.62 4.21
N HIS D 96 19.15 5.34 3.61
CA HIS D 96 18.27 6.39 3.13
C HIS D 96 17.61 7.14 4.27
N GLU D 97 17.36 6.42 5.37
CA GLU D 97 16.73 7.05 6.50
C GLU D 97 17.64 8.18 7.04
N SER D 98 18.92 7.89 7.22
CA SER D 98 19.85 8.89 7.72
C SER D 98 19.98 10.08 6.77
N ARG D 99 20.04 9.79 5.48
CA ARG D 99 20.20 10.82 4.47
C ARG D 99 18.95 11.70 4.30
N ILE D 100 17.76 11.12 4.42
CA ILE D 100 16.54 11.89 4.27
C ILE D 100 16.41 12.81 5.48
N THR D 101 16.78 12.29 6.65
CA THR D 101 16.71 13.08 7.86
C THR D 101 17.65 14.27 7.72
N ALA D 102 18.90 14.01 7.35
CA ALA D 102 19.87 15.08 7.17
C ALA D 102 19.36 16.13 6.19
N ASN D 103 18.74 15.67 5.10
CA ASN D 103 18.22 16.60 4.11
C ASN D 103 17.10 17.48 4.69
N THR D 104 16.23 16.87 5.49
CA THR D 104 15.14 17.61 6.11
C THR D 104 15.64 18.69 7.08
N LYS D 105 16.74 18.39 7.78
CA LYS D 105 17.31 19.36 8.73
C LYS D 105 18.03 20.47 7.97
N ALA D 106 18.71 20.09 6.90
CA ALA D 106 19.42 21.06 6.07
C ALA D 106 18.43 22.09 5.55
N ILE D 107 17.25 21.61 5.16
CA ILE D 107 16.19 22.48 4.64
C ILE D 107 15.67 23.41 5.72
N THR D 108 15.43 22.88 6.91
CA THR D 108 14.94 23.68 8.01
C THR D 108 15.96 24.78 8.36
N ALA D 109 17.25 24.45 8.28
CA ALA D 109 18.29 25.42 8.59
C ALA D 109 18.38 26.48 7.50
N LEU D 110 18.22 26.08 6.24
CA LEU D 110 18.28 27.07 5.18
C LEU D 110 17.04 27.96 5.31
N ASN D 111 15.93 27.37 5.73
CA ASN D 111 14.69 28.12 5.88
C ASN D 111 14.89 29.29 6.85
N VAL D 112 15.51 29.02 8.00
CA VAL D 112 15.71 30.12 8.95
C VAL D 112 16.64 31.18 8.35
N ARG D 113 17.72 30.76 7.71
CA ARG D 113 18.65 31.72 7.11
C ARG D 113 17.98 32.59 6.08
N VAL D 114 17.07 32.01 5.28
CA VAL D 114 16.39 32.82 4.27
C VAL D 114 15.38 33.74 4.94
N THR D 115 14.78 33.29 6.03
CA THR D 115 13.81 34.11 6.74
C THR D 115 14.49 35.32 7.37
N THR D 116 15.69 35.13 7.89
CA THR D 116 16.46 36.22 8.49
C THR D 116 16.83 37.22 7.39
N ALA D 117 17.32 36.69 6.27
CA ALA D 117 17.72 37.51 5.14
C ALA D 117 16.56 38.38 4.66
N GLU D 118 15.37 37.77 4.57
CA GLU D 118 14.20 38.50 4.12
C GLU D 118 13.94 39.69 5.03
N GLY D 119 14.01 39.48 6.34
CA GLY D 119 13.79 40.57 7.28
C GLY D 119 14.84 41.66 7.18
N GLU D 120 16.10 41.28 7.02
CA GLU D 120 17.20 42.24 6.89
C GLU D 120 17.04 43.05 5.61
N ILE D 121 16.54 42.42 4.57
CA ILE D 121 16.32 43.08 3.29
C ILE D 121 15.21 44.12 3.45
N ALA D 122 14.16 43.76 4.18
CA ALA D 122 13.05 44.69 4.41
C ALA D 122 13.55 45.90 5.19
N SER D 123 14.38 45.66 6.20
CA SER D 123 14.91 46.75 7.01
C SER D 123 15.79 47.64 6.13
N LEU D 124 16.72 47.04 5.38
CA LEU D 124 17.58 47.82 4.49
C LEU D 124 16.74 48.69 3.55
N GLN D 125 15.71 48.10 2.94
CA GLN D 125 14.84 48.83 2.03
C GLN D 125 14.20 50.05 2.71
N THR D 126 13.62 49.83 3.88
CA THR D 126 12.98 50.90 4.62
C THR D 126 13.98 51.99 4.98
N ASN D 127 15.21 51.59 5.34
CA ASN D 127 16.23 52.56 5.69
C ASN D 127 16.84 53.29 4.49
N VAL D 128 17.04 52.59 3.39
CA VAL D 128 17.57 53.21 2.19
C VAL D 128 16.58 54.26 1.68
N SER D 129 15.29 54.03 1.91
CA SER D 129 14.29 54.99 1.48
C SER D 129 14.36 56.27 2.30
N ALA D 130 14.44 56.12 3.62
CA ALA D 130 14.51 57.25 4.52
C ALA D 130 15.80 58.03 4.29
N LEU D 131 16.88 57.30 3.99
CA LEU D 131 18.16 57.94 3.75
C LEU D 131 18.10 58.76 2.47
N ASP D 132 17.35 58.27 1.49
CA ASP D 132 17.22 58.99 0.23
C ASP D 132 16.44 60.28 0.44
N GLY D 133 15.52 60.26 1.39
CA GLY D 133 14.72 61.44 1.68
C GLY D 133 15.58 62.53 2.27
N ARG D 134 16.31 62.18 3.33
CA ARG D 134 17.20 63.13 4.00
C ARG D 134 18.23 63.72 3.05
N VAL D 135 18.81 62.87 2.20
CA VAL D 135 19.80 63.34 1.25
C VAL D 135 19.24 64.51 0.45
N THR D 136 18.00 64.36 -0.03
CA THR D 136 17.35 65.42 -0.81
C THR D 136 17.17 66.73 -0.04
N THR D 137 16.72 66.62 1.21
CA THR D 137 16.53 67.81 2.04
C THR D 137 17.89 68.50 2.21
N ALA D 138 18.93 67.70 2.45
CA ALA D 138 20.27 68.21 2.62
C ALA D 138 20.69 68.87 1.31
N GLU D 139 20.45 68.16 0.21
CA GLU D 139 20.79 68.66 -1.12
C GLU D 139 20.18 70.04 -1.36
N ASN D 140 18.88 70.13 -1.16
CA ASN D 140 18.17 71.39 -1.35
C ASN D 140 18.59 72.44 -0.33
N ASN D 141 19.00 72.00 0.85
CA ASN D 141 19.45 72.95 1.86
C ASN D 141 20.77 73.55 1.41
N ILE D 142 21.55 72.76 0.68
CA ILE D 142 22.83 73.20 0.15
C ILE D 142 22.54 74.16 -1.00
N SER D 143 21.75 73.69 -1.96
CA SER D 143 21.39 74.50 -3.11
C SER D 143 21.00 75.91 -2.64
N ALA D 144 20.37 75.95 -1.47
CA ALA D 144 19.95 77.21 -0.87
C ALA D 144 21.20 77.96 -0.41
N LEU D 145 22.11 77.25 0.27
CA LEU D 145 23.34 77.86 0.76
C LEU D 145 24.39 77.95 -0.35
N GLN D 146 24.17 78.85 -1.29
CA GLN D 146 25.09 79.11 -2.39
C GLN D 146 24.43 80.02 -3.41
N ALA D 147 23.24 80.48 -3.05
CA ALA D 147 22.47 81.39 -3.86
C ALA D 147 22.12 82.50 -2.89
N ASP D 148 22.47 82.27 -1.63
CA ASP D 148 22.20 83.22 -0.56
C ASP D 148 23.48 83.67 0.15
N TYR D 149 24.53 82.85 0.09
CA TYR D 149 25.77 83.18 0.77
C TYR D 149 26.67 84.18 0.03
N VAL D 150 27.52 84.86 0.79
CA VAL D 150 28.46 85.82 0.22
C VAL D 150 29.78 85.10 0.01
N SER D 151 30.18 84.97 -1.25
CA SER D 151 31.42 84.29 -1.64
C SER D 151 32.68 85.14 -1.59
N LYS D 152 33.78 84.50 -1.21
CA LYS D 152 35.06 85.16 -1.14
C LYS D 152 35.77 85.09 -2.48
N THR D 153 35.42 84.08 -3.28
CA THR D 153 36.06 83.89 -4.59
C THR D 153 35.29 84.42 -5.78
N ALA D 154 33.98 84.61 -5.64
CA ALA D 154 33.14 85.10 -6.73
C ALA D 154 33.59 86.50 -7.19
N THR D 155 33.57 86.73 -8.49
CA THR D 155 34.00 88.02 -9.04
C THR D 155 32.84 88.99 -9.29
N THR D 156 31.72 88.48 -9.82
CA THR D 156 30.56 89.35 -10.06
C THR D 156 30.27 90.05 -8.74
N SER D 157 29.69 91.25 -8.82
CA SER D 157 29.39 92.02 -7.62
C SER D 157 28.63 91.17 -6.59
N GLN D 158 28.23 91.80 -5.49
CA GLN D 158 27.54 91.09 -4.43
C GLN D 158 26.68 92.12 -3.73
N SER D 159 25.41 91.80 -3.50
CA SER D 159 24.53 92.76 -2.86
C SER D 159 23.75 92.21 -1.68
N LEU D 160 23.76 92.98 -0.58
CA LEU D 160 23.05 92.60 0.62
C LEU D 160 21.81 93.46 0.76
N ALA D 161 20.68 92.82 1.07
CA ALA D 161 19.41 93.53 1.23
C ALA D 161 19.33 94.05 2.67
N SER D 162 20.48 94.13 3.31
CA SER D 162 20.55 94.63 4.69
C SER D 162 21.79 95.49 4.86
N PRO D 163 21.82 96.33 5.90
CA PRO D 163 22.99 97.18 6.14
C PRO D 163 24.07 96.28 6.70
N LEU D 164 25.32 96.74 6.67
CA LEU D 164 26.43 95.92 7.17
C LEU D 164 27.30 96.61 8.21
N ASN D 165 27.73 95.84 9.21
CA ASN D 165 28.60 96.32 10.26
C ASN D 165 29.83 95.42 10.25
N VAL D 166 31.01 96.01 10.31
CA VAL D 166 32.23 95.20 10.30
C VAL D 166 33.15 95.61 11.45
N THR D 167 34.18 94.81 11.70
CA THR D 167 35.11 95.09 12.78
C THR D 167 36.46 95.67 12.38
N THR D 168 36.74 96.88 12.88
CA THR D 168 38.03 97.54 12.67
C THR D 168 38.40 98.19 11.36
N SER D 169 37.80 97.83 10.24
CA SER D 169 38.09 98.50 9.00
C SER D 169 37.46 97.87 7.76
N TYR D 170 37.44 98.65 6.67
CA TYR D 170 36.95 98.28 5.34
C TYR D 170 38.14 98.56 4.41
N SER D 171 38.50 97.58 3.59
CA SER D 171 39.61 97.79 2.67
C SER D 171 39.16 97.55 1.24
N VAL D 172 40.04 97.89 0.30
CA VAL D 172 39.77 97.67 -1.11
C VAL D 172 41.13 97.51 -1.78
N GLY D 173 41.32 96.37 -2.44
CA GLY D 173 42.58 96.10 -3.11
C GLY D 173 43.68 95.75 -2.12
N GLY D 174 43.30 95.56 -0.86
CA GLY D 174 44.28 95.20 0.14
C GLY D 174 44.59 96.30 1.15
N LYS D 175 44.39 97.55 0.75
CA LYS D 175 44.67 98.64 1.67
C LYS D 175 43.42 99.26 2.29
N LYS D 176 43.50 99.50 3.59
CA LYS D 176 42.40 100.08 4.35
C LYS D 176 41.99 101.42 3.74
N VAL D 177 40.68 101.66 3.68
CA VAL D 177 40.13 102.88 3.11
C VAL D 177 39.17 103.48 4.10
N VAL D 178 38.61 102.72 5.01
CA VAL D 178 37.82 103.48 6.01
C VAL D 178 37.82 102.51 7.35
N GLY D 179 37.86 103.26 8.43
CA GLY D 179 37.85 102.76 9.78
C GLY D 179 36.81 103.30 10.72
N ALA D 180 37.12 103.25 12.01
CA ALA D 180 36.16 103.71 13.02
C ALA D 180 35.99 105.22 12.92
N ARG D 181 34.76 105.68 13.11
CA ARG D 181 34.42 107.10 13.04
C ARG D 181 35.39 107.99 13.84
N GLN D 182 35.74 109.14 13.26
CA GLN D 182 36.63 110.08 13.91
C GLN D 182 35.81 110.80 14.99
N THR D 183 36.45 111.19 16.09
CA THR D 183 35.74 111.86 17.17
C THR D 183 36.30 113.25 17.53
N GLY D 184 35.44 114.10 18.08
CA GLY D 184 35.86 115.43 18.49
C GLY D 184 35.86 116.51 17.42
N TRP D 185 34.78 116.62 16.66
CA TRP D 185 34.69 117.63 15.61
C TRP D 185 33.56 118.63 15.82
N THR D 186 33.88 119.76 16.43
CA THR D 186 32.89 120.81 16.67
C THR D 186 32.24 121.23 15.34
N ALA D 187 30.93 121.43 15.35
CA ALA D 187 30.20 121.83 14.15
C ALA D 187 30.72 123.15 13.57
N ALA D 188 30.81 123.21 12.24
CA ALA D 188 31.30 124.40 11.52
C ALA D 188 30.42 125.62 11.73
N THR D 189 29.11 125.47 11.50
CA THR D 189 28.12 126.53 11.75
C THR D 189 27.91 127.78 10.86
N GLY D 190 27.20 127.64 9.74
CA GLY D 190 26.95 128.82 8.90
C GLY D 190 26.05 128.60 7.71
N THR D 191 26.60 127.97 6.68
CA THR D 191 25.91 127.68 5.42
C THR D 191 27.00 127.56 4.37
N ALA D 192 26.97 126.43 3.66
CA ALA D 192 27.98 126.18 2.64
C ALA D 192 27.39 125.78 1.30
N ASN D 193 28.27 125.41 0.35
CA ASN D 193 27.81 124.97 -0.96
C ASN D 193 28.88 124.49 -1.91
N LYS D 194 28.42 123.96 -3.03
CA LYS D 194 29.31 123.39 -4.03
C LYS D 194 28.79 123.56 -5.43
N GLY D 195 28.54 124.82 -5.78
CA GLY D 195 28.04 125.13 -7.11
C GLY D 195 28.94 126.18 -7.73
N VAL D 196 29.67 125.80 -8.77
CA VAL D 196 30.59 126.71 -9.45
C VAL D 196 31.63 127.21 -8.43
N PHE D 197 32.86 126.74 -8.59
CA PHE D 197 33.95 127.12 -7.71
C PHE D 197 35.15 127.46 -8.57
N ASP D 198 35.52 128.74 -8.62
CA ASP D 198 36.65 129.21 -9.42
C ASP D 198 37.99 128.65 -8.95
N ALA D 199 37.95 127.91 -7.84
CA ALA D 199 39.17 127.31 -7.29
C ALA D 199 40.30 128.32 -7.35
N ASP D 200 41.38 127.90 -8.00
CA ASP D 200 42.57 128.71 -8.17
C ASP D 200 42.35 130.22 -8.09
N LEU D 201 42.14 130.87 -9.24
CA LEU D 201 41.93 132.33 -9.31
C LEU D 201 41.01 132.79 -8.17
N THR D 202 41.59 133.62 -7.30
CA THR D 202 40.90 134.15 -6.11
C THR D 202 41.36 135.46 -5.56
N PHE D 203 41.95 136.25 -6.43
CA PHE D 203 42.44 137.50 -5.96
C PHE D 203 41.31 138.47 -6.17
N ALA D 216 39.22 141.00 -5.58
CA ALA D 216 38.56 140.72 -4.32
C ALA D 216 38.97 139.34 -3.81
N ILE D 217 39.97 139.31 -2.95
CA ILE D 217 40.44 138.04 -2.39
C ILE D 217 39.75 137.76 -1.06
N ALA D 218 39.23 138.81 -0.43
CA ALA D 218 38.55 138.64 0.86
C ALA D 218 37.16 138.07 0.66
N ASN D 219 36.81 137.79 -0.60
CA ASN D 219 35.51 137.23 -0.95
C ASN D 219 35.69 135.80 -1.48
N ALA D 220 36.88 135.52 -2.01
CA ALA D 220 37.20 134.21 -2.53
C ALA D 220 37.54 133.32 -1.34
N LEU D 221 38.01 133.95 -0.26
CA LEU D 221 38.35 133.23 0.96
C LEU D 221 37.05 132.76 1.61
N ILE D 222 35.99 133.53 1.43
CA ILE D 222 34.71 133.17 2.00
C ILE D 222 34.03 132.03 1.24
N THR D 223 33.96 132.15 -0.08
CA THR D 223 33.35 131.07 -0.86
C THR D 223 34.09 129.76 -0.55
N GLU D 224 35.35 129.87 -0.18
CA GLU D 224 36.15 128.70 0.15
C GLU D 224 35.88 128.20 1.56
N ARG D 225 35.86 129.11 2.54
CA ARG D 225 35.60 128.72 3.92
C ARG D 225 34.27 127.96 3.98
N ARG D 226 33.35 128.31 3.10
CA ARG D 226 32.05 127.64 3.07
C ARG D 226 32.10 126.36 2.24
N ARG D 227 32.95 126.33 1.21
CA ARG D 227 33.09 125.14 0.40
C ARG D 227 33.64 124.09 1.36
N THR D 228 34.59 124.51 2.19
CA THR D 228 35.21 123.65 3.18
C THR D 228 34.20 123.37 4.29
N LYS D 229 33.10 124.11 4.28
CA LYS D 229 32.03 123.93 5.25
C LYS D 229 31.06 122.89 4.68
N ALA D 230 30.98 122.88 3.34
CA ALA D 230 30.11 121.94 2.64
C ALA D 230 30.71 120.54 2.70
N MET D 231 31.96 120.42 2.28
CA MET D 231 32.66 119.15 2.29
C MET D 231 32.67 118.54 3.69
N GLU D 232 32.94 119.36 4.70
CA GLU D 232 32.98 118.87 6.07
C GLU D 232 31.63 118.34 6.55
N ASP D 233 30.55 118.73 5.90
CA ASP D 233 29.25 118.25 6.33
C ASP D 233 28.79 116.99 5.60
N ALA D 234 29.31 116.79 4.39
CA ALA D 234 28.97 115.59 3.64
C ALA D 234 29.61 114.46 4.45
N LEU D 235 30.73 114.77 5.10
CA LEU D 235 31.46 113.80 5.91
C LEU D 235 30.78 113.45 7.22
N ARG D 236 30.13 114.44 7.85
CA ARG D 236 29.45 114.19 9.11
C ARG D 236 28.16 113.41 8.87
N ALA D 237 27.53 113.64 7.73
CA ALA D 237 26.29 112.97 7.36
C ALA D 237 26.56 111.50 7.09
N HIS D 238 27.72 111.22 6.50
CA HIS D 238 28.10 109.83 6.21
C HIS D 238 28.43 109.15 7.53
N GLY D 239 29.06 109.88 8.43
CA GLY D 239 29.42 109.33 9.72
C GLY D 239 30.91 109.09 9.83
N LEU D 240 31.65 109.46 8.79
CA LEU D 240 33.09 109.28 8.79
C LEU D 240 33.68 110.15 9.89
N ILE D 241 32.94 111.18 10.30
CA ILE D 241 33.40 112.08 11.35
C ILE D 241 32.37 112.44 12.42
N ASP D 242 32.90 113.08 13.46
CA ASP D 242 32.16 113.55 14.60
C ASP D 242 33.03 114.60 15.26
N ARG E 6 -9.01 -26.13 -12.24
CA ARG E 6 -9.17 -27.58 -12.28
C ARG E 6 -8.71 -28.22 -10.98
N GLY E 7 -9.29 -29.37 -10.68
CA GLY E 7 -8.94 -30.09 -9.47
C GLY E 7 -7.75 -31.00 -9.69
N SER E 8 -6.78 -30.52 -10.44
CA SER E 8 -5.56 -31.27 -10.69
C SER E 8 -4.44 -30.51 -10.00
N HIS E 9 -4.84 -29.68 -9.04
CA HIS E 9 -3.92 -28.92 -8.19
C HIS E 9 -2.72 -29.84 -8.04
N MET E 10 -1.52 -29.28 -8.00
CA MET E 10 -0.29 -30.06 -7.95
C MET E 10 -0.17 -31.27 -7.01
N ALA E 11 -0.45 -31.13 -5.71
CA ALA E 11 -0.37 -32.28 -4.82
C ALA E 11 -1.25 -33.40 -5.40
N ASP E 12 -0.69 -34.60 -5.46
CA ASP E 12 -1.36 -35.78 -6.02
C ASP E 12 -2.36 -36.43 -5.06
N PRO E 13 -3.67 -36.28 -5.32
CA PRO E 13 -4.75 -36.84 -4.50
C PRO E 13 -4.68 -38.36 -4.30
N SER E 14 -4.10 -39.06 -5.27
CA SER E 14 -3.99 -40.51 -5.20
C SER E 14 -3.10 -41.01 -4.05
N LEU E 15 -2.20 -40.15 -3.58
CA LEU E 15 -1.32 -40.55 -2.48
C LEU E 15 -2.16 -40.67 -1.22
N ASN E 16 -3.35 -40.07 -1.24
CA ASN E 16 -4.22 -40.06 -0.07
C ASN E 16 -5.31 -41.14 -0.16
N ASN E 17 -5.23 -42.00 -1.17
CA ASN E 17 -6.17 -43.11 -1.37
C ASN E 17 -5.51 -44.39 -0.82
N PRO E 18 -5.93 -44.82 0.38
CA PRO E 18 -5.39 -46.00 1.06
C PRO E 18 -5.70 -47.34 0.42
N VAL E 19 -4.69 -48.22 0.41
CA VAL E 19 -4.88 -49.56 -0.12
C VAL E 19 -5.68 -50.29 0.94
N VAL E 20 -6.63 -51.13 0.53
CA VAL E 20 -7.42 -51.84 1.53
C VAL E 20 -7.14 -53.33 1.47
N ILE E 21 -6.85 -53.91 2.62
CA ILE E 21 -6.55 -55.33 2.72
C ILE E 21 -7.71 -56.09 3.34
N GLN E 22 -7.64 -57.42 3.29
CA GLN E 22 -8.70 -58.25 3.86
C GLN E 22 -8.80 -57.98 5.35
N ALA E 23 -9.99 -58.17 5.91
CA ALA E 23 -10.24 -57.91 7.34
C ALA E 23 -9.92 -59.06 8.28
N THR E 24 -9.69 -60.24 7.74
CA THR E 24 -9.39 -61.39 8.60
C THR E 24 -8.04 -61.32 9.30
N ARG E 25 -8.05 -61.68 10.58
CA ARG E 25 -6.86 -61.75 11.44
C ARG E 25 -6.54 -63.22 11.44
N LEU E 26 -5.33 -63.58 11.05
CA LEU E 26 -4.95 -64.98 11.03
C LEU E 26 -4.90 -65.47 12.45
N ASP E 27 -5.74 -66.47 12.75
CA ASP E 27 -5.81 -67.06 14.08
C ASP E 27 -5.28 -68.48 13.95
N ALA E 28 -5.53 -69.33 14.95
CA ALA E 28 -5.08 -70.71 14.89
C ALA E 28 -6.27 -71.61 14.53
N SER E 29 -7.46 -71.06 14.68
CA SER E 29 -8.70 -71.78 14.40
C SER E 29 -8.84 -72.26 12.95
N ILE E 30 -8.26 -71.55 12.00
CA ILE E 30 -8.38 -71.96 10.59
C ILE E 30 -7.10 -72.61 10.06
N LEU E 31 -6.13 -72.80 10.94
CA LEU E 31 -4.85 -73.40 10.56
C LEU E 31 -4.79 -74.91 10.73
N PRO E 32 -3.99 -75.59 9.91
CA PRO E 32 -3.85 -77.04 10.00
C PRO E 32 -3.54 -77.38 11.45
N ARG E 33 -4.38 -78.19 12.06
CA ARG E 33 -4.19 -78.52 13.47
C ARG E 33 -2.86 -79.21 13.80
N ASN E 34 -2.30 -79.96 12.88
CA ASN E 34 -1.02 -80.59 13.18
C ASN E 34 -0.21 -81.01 11.97
N VAL E 35 0.44 -80.03 11.34
CA VAL E 35 1.30 -80.25 10.18
C VAL E 35 2.40 -79.20 10.25
N PHE E 36 2.10 -78.09 10.93
CA PHE E 36 3.05 -76.99 11.08
C PHE E 36 3.89 -77.23 12.33
N SER E 37 5.18 -76.93 12.24
CA SER E 37 6.04 -77.07 13.42
C SER E 37 5.56 -75.90 14.27
N LYS E 38 5.93 -75.86 15.55
CA LYS E 38 5.45 -74.75 16.35
C LYS E 38 6.12 -73.44 15.93
N SER E 39 7.30 -73.55 15.34
CA SER E 39 8.01 -72.37 14.86
C SER E 39 7.31 -71.79 13.64
N TYR E 40 6.82 -72.64 12.75
CA TYR E 40 6.15 -72.11 11.57
C TYR E 40 4.78 -71.55 11.95
N LEU E 41 4.18 -72.13 12.99
CA LEU E 41 2.88 -71.66 13.46
C LEU E 41 3.04 -70.24 13.98
N LEU E 42 4.13 -70.01 14.70
CA LEU E 42 4.40 -68.70 15.26
C LEU E 42 4.66 -67.72 14.13
N TYR E 43 5.51 -68.13 13.20
CA TYR E 43 5.83 -67.31 12.05
C TYR E 43 4.59 -66.87 11.29
N VAL E 44 3.72 -67.82 10.98
CA VAL E 44 2.51 -67.56 10.22
C VAL E 44 1.59 -66.55 10.92
N ILE E 45 1.47 -66.67 12.24
CA ILE E 45 0.65 -65.75 13.01
C ILE E 45 1.32 -64.38 13.04
N ALA E 46 2.63 -64.32 13.27
CA ALA E 46 3.31 -63.02 13.31
C ALA E 46 3.29 -62.36 11.94
N GLN E 47 3.32 -63.16 10.88
CA GLN E 47 3.33 -62.60 9.54
C GLN E 47 2.01 -61.89 9.27
N GLY E 48 0.92 -62.51 9.70
CA GLY E 48 -0.39 -61.92 9.52
C GLY E 48 -0.45 -60.54 10.13
N THR E 49 0.06 -60.40 11.35
CA THR E 49 0.03 -59.11 12.01
C THR E 49 0.99 -58.14 11.32
N ASP E 50 2.14 -58.64 10.87
CA ASP E 50 3.10 -57.78 10.19
C ASP E 50 2.49 -57.14 8.93
N VAL E 51 1.75 -57.94 8.17
CA VAL E 51 1.11 -57.46 6.94
C VAL E 51 0.10 -56.35 7.24
N GLY E 52 -0.67 -56.50 8.30
CA GLY E 52 -1.64 -55.49 8.67
C GLY E 52 -0.91 -54.22 9.12
N ALA E 53 0.19 -54.38 9.83
CA ALA E 53 0.95 -53.22 10.30
C ALA E 53 1.63 -52.50 9.14
N ILE E 54 2.24 -53.26 8.23
CA ILE E 54 2.91 -52.64 7.08
C ILE E 54 1.91 -51.87 6.21
N ALA E 55 0.70 -52.40 6.07
CA ALA E 55 -0.33 -51.72 5.29
C ALA E 55 -0.62 -50.39 5.98
N GLY E 56 -0.83 -50.44 7.29
CA GLY E 56 -1.10 -49.22 8.03
C GLY E 56 -0.05 -48.16 7.77
N LYS E 57 1.22 -48.53 7.92
CA LYS E 57 2.34 -47.61 7.71
C LYS E 57 2.43 -47.10 6.27
N ALA E 58 2.07 -47.95 5.31
CA ALA E 58 2.16 -47.54 3.91
C ALA E 58 1.11 -46.47 3.59
N ASN E 59 -0.10 -46.64 4.11
CA ASN E 59 -1.12 -45.64 3.82
C ASN E 59 -0.81 -44.32 4.53
N GLU E 60 -0.37 -44.39 5.78
CA GLU E 60 -0.03 -43.20 6.56
C GLU E 60 1.07 -42.38 5.92
N ALA E 61 2.03 -43.04 5.29
CA ALA E 61 3.14 -42.36 4.63
C ALA E 61 2.61 -41.65 3.39
N GLY E 62 1.71 -42.33 2.67
CA GLY E 62 1.15 -41.74 1.48
C GLY E 62 0.37 -40.50 1.88
N GLN E 63 -0.31 -40.60 3.03
CA GLN E 63 -1.09 -39.48 3.52
C GLN E 63 -0.16 -38.33 3.93
N GLY E 64 1.01 -38.68 4.44
CA GLY E 64 1.97 -37.67 4.88
C GLY E 64 2.63 -37.00 3.69
N ALA E 65 2.89 -37.76 2.65
CA ALA E 65 3.53 -37.18 1.47
C ALA E 65 2.53 -36.21 0.88
N TYR E 66 1.26 -36.61 0.92
CA TYR E 66 0.20 -35.77 0.39
C TYR E 66 0.14 -34.43 1.09
N ASP E 67 0.00 -34.45 2.43
CA ASP E 67 -0.07 -33.23 3.20
C ASP E 67 1.18 -32.36 3.02
N ALA E 68 2.32 -33.01 2.79
CA ALA E 68 3.56 -32.28 2.58
C ALA E 68 3.53 -31.59 1.21
N GLN E 69 2.80 -32.17 0.26
CA GLN E 69 2.69 -31.58 -1.07
C GLN E 69 1.67 -30.44 -1.08
N VAL E 70 0.54 -30.63 -0.42
CA VAL E 70 -0.48 -29.58 -0.36
C VAL E 70 0.18 -28.35 0.24
N LYS E 71 0.97 -28.55 1.28
CA LYS E 71 1.68 -27.47 1.94
C LYS E 71 2.69 -26.85 0.99
N ASN E 72 3.38 -27.67 0.19
CA ASN E 72 4.34 -27.13 -0.77
C ASN E 72 3.69 -26.14 -1.73
N ASP E 73 2.49 -26.47 -2.20
CA ASP E 73 1.78 -25.59 -3.12
C ASP E 73 1.45 -24.25 -2.46
N GLU E 74 1.04 -24.30 -1.19
CA GLU E 74 0.72 -23.10 -0.43
C GLU E 74 1.94 -22.21 -0.22
N GLN E 75 3.09 -22.82 0.08
CA GLN E 75 4.29 -22.04 0.28
C GLN E 75 4.74 -21.45 -1.06
N ASP E 76 4.39 -22.11 -2.16
CA ASP E 76 4.75 -21.60 -3.48
C ASP E 76 4.05 -20.26 -3.75
N VAL E 77 2.80 -20.15 -3.28
CA VAL E 77 2.04 -18.92 -3.46
C VAL E 77 2.75 -17.79 -2.72
N GLU E 78 2.97 -17.98 -1.43
CA GLU E 78 3.63 -16.97 -0.62
C GLU E 78 4.98 -16.60 -1.18
N LEU E 79 5.73 -17.58 -1.68
CA LEU E 79 7.04 -17.30 -2.25
C LEU E 79 6.90 -16.39 -3.46
N ALA E 80 6.01 -16.74 -4.38
CA ALA E 80 5.80 -15.92 -5.57
C ALA E 80 5.39 -14.51 -5.16
N ASP E 81 4.65 -14.39 -4.06
CA ASP E 81 4.20 -13.08 -3.60
C ASP E 81 5.39 -12.27 -3.06
N HIS E 82 6.26 -12.93 -2.30
CA HIS E 82 7.45 -12.28 -1.75
C HIS E 82 8.37 -11.85 -2.88
N GLU E 83 8.49 -12.71 -3.88
CA GLU E 83 9.33 -12.40 -5.03
C GLU E 83 8.85 -11.06 -5.59
N ALA E 84 7.57 -11.01 -5.95
CA ALA E 84 6.95 -9.81 -6.51
C ALA E 84 7.11 -8.57 -5.64
N ARG E 85 6.83 -8.71 -4.35
CA ARG E 85 6.94 -7.58 -3.45
C ARG E 85 8.38 -7.12 -3.29
N ILE E 86 9.31 -8.07 -3.27
CA ILE E 86 10.73 -7.72 -3.16
C ILE E 86 11.18 -6.97 -4.42
N LYS E 87 10.78 -7.46 -5.58
CA LYS E 87 11.15 -6.78 -6.83
C LYS E 87 10.67 -5.33 -6.78
N GLN E 88 9.40 -5.14 -6.45
CA GLN E 88 8.82 -3.80 -6.38
C GLN E 88 9.62 -2.90 -5.40
N LEU E 89 10.00 -3.46 -4.26
CA LEU E 89 10.77 -2.71 -3.26
C LEU E 89 12.11 -2.25 -3.83
N ARG E 90 12.80 -3.15 -4.51
CA ARG E 90 14.09 -2.78 -5.10
C ARG E 90 13.89 -1.59 -6.05
N ILE E 91 12.85 -1.67 -6.88
CA ILE E 91 12.55 -0.59 -7.82
C ILE E 91 12.31 0.74 -7.11
N ASP E 92 11.51 0.73 -6.05
CA ASP E 92 11.24 1.94 -5.30
C ASP E 92 12.50 2.47 -4.62
N VAL E 93 13.26 1.59 -4.00
CA VAL E 93 14.49 2.01 -3.33
C VAL E 93 15.51 2.59 -4.30
N ASP E 94 15.61 2.02 -5.50
CA ASP E 94 16.52 2.52 -6.51
C ASP E 94 16.05 3.89 -6.98
N ASP E 95 14.74 4.09 -6.98
CA ASP E 95 14.17 5.37 -7.39
C ASP E 95 14.53 6.42 -6.32
N HIS E 96 14.33 6.05 -5.06
CA HIS E 96 14.62 6.96 -3.96
C HIS E 96 16.09 7.37 -3.93
N GLU E 97 16.97 6.44 -4.30
CA GLU E 97 18.38 6.73 -4.32
C GLU E 97 18.64 7.91 -5.27
N SER E 98 18.07 7.85 -6.46
CA SER E 98 18.26 8.94 -7.43
C SER E 98 17.70 10.25 -6.93
N ARG E 99 16.58 10.19 -6.21
CA ARG E 99 15.95 11.40 -5.71
C ARG E 99 16.70 12.03 -4.53
N ILE E 100 16.89 11.26 -3.46
CA ILE E 100 17.60 11.76 -2.30
C ILE E 100 18.90 12.42 -2.74
N THR E 101 19.59 11.80 -3.69
CA THR E 101 20.84 12.33 -4.21
C THR E 101 20.63 13.69 -4.90
N ALA E 102 19.52 13.82 -5.62
CA ALA E 102 19.20 15.06 -6.32
C ALA E 102 18.88 16.17 -5.33
N ASN E 103 18.16 15.81 -4.27
CA ASN E 103 17.79 16.78 -3.25
C ASN E 103 19.02 17.28 -2.50
N THR E 104 19.90 16.33 -2.13
CA THR E 104 21.12 16.66 -1.41
C THR E 104 21.99 17.57 -2.27
N LYS E 105 21.90 17.40 -3.57
CA LYS E 105 22.69 18.21 -4.50
C LYS E 105 22.02 19.57 -4.66
N ALA E 106 20.69 19.59 -4.64
CA ALA E 106 19.95 20.84 -4.77
C ALA E 106 20.15 21.69 -3.52
N ILE E 107 20.16 21.03 -2.37
CA ILE E 107 20.35 21.71 -1.10
C ILE E 107 21.73 22.36 -1.08
N THR E 108 22.72 21.67 -1.60
CA THR E 108 24.08 22.20 -1.64
C THR E 108 24.10 23.48 -2.49
N ALA E 109 23.50 23.43 -3.67
CA ALA E 109 23.46 24.59 -4.55
C ALA E 109 22.72 25.78 -3.91
N LEU E 110 21.63 25.51 -3.20
CA LEU E 110 20.87 26.59 -2.56
C LEU E 110 21.72 27.26 -1.48
N ASN E 111 22.58 26.48 -0.84
CA ASN E 111 23.42 27.02 0.21
C ASN E 111 24.52 27.95 -0.28
N VAL E 112 25.12 27.68 -1.43
CA VAL E 112 26.17 28.57 -1.92
C VAL E 112 25.55 29.93 -2.31
N ARG E 113 24.31 29.92 -2.75
CA ARG E 113 23.61 31.14 -3.12
C ARG E 113 23.20 31.89 -1.87
N VAL E 114 22.65 31.18 -0.90
CA VAL E 114 22.25 31.83 0.35
C VAL E 114 23.48 32.36 1.06
N THR E 115 24.60 31.64 0.95
CA THR E 115 25.84 32.06 1.58
C THR E 115 26.34 33.33 0.90
N THR E 116 26.27 33.35 -0.44
CA THR E 116 26.69 34.50 -1.21
C THR E 116 25.80 35.70 -0.86
N ALA E 117 24.49 35.50 -0.84
CA ALA E 117 23.57 36.60 -0.53
C ALA E 117 23.79 37.13 0.89
N GLU E 118 24.22 36.25 1.81
CA GLU E 118 24.46 36.66 3.19
C GLU E 118 25.65 37.62 3.30
N GLY E 119 26.70 37.38 2.51
CA GLY E 119 27.83 38.27 2.53
C GLY E 119 27.37 39.61 1.98
N GLU E 120 26.64 39.57 0.87
CA GLU E 120 26.14 40.78 0.24
C GLU E 120 25.28 41.60 1.20
N ILE E 121 24.34 40.94 1.88
CA ILE E 121 23.49 41.63 2.83
C ILE E 121 24.33 42.27 3.93
N ALA E 122 25.37 41.57 4.36
CA ALA E 122 26.26 42.08 5.41
C ALA E 122 26.98 43.34 4.92
N SER E 123 27.39 43.33 3.66
CA SER E 123 28.08 44.45 3.06
C SER E 123 27.12 45.64 2.92
N LEU E 124 25.87 45.35 2.59
CA LEU E 124 24.88 46.41 2.45
C LEU E 124 24.65 47.04 3.81
N GLN E 125 24.45 46.23 4.84
CA GLN E 125 24.22 46.77 6.17
C GLN E 125 25.40 47.69 6.55
N THR E 126 26.61 47.28 6.19
CA THR E 126 27.81 48.06 6.49
C THR E 126 27.74 49.43 5.81
N ASN E 127 27.59 49.42 4.50
CA ASN E 127 27.53 50.65 3.72
C ASN E 127 26.37 51.57 4.12
N VAL E 128 25.18 51.02 4.33
CA VAL E 128 24.05 51.87 4.71
C VAL E 128 24.28 52.54 6.04
N SER E 129 25.00 51.86 6.94
CA SER E 129 25.29 52.42 8.24
C SER E 129 26.28 53.58 8.11
N ALA E 130 27.32 53.38 7.30
CA ALA E 130 28.34 54.40 7.08
C ALA E 130 27.70 55.61 6.40
N LEU E 131 26.74 55.34 5.50
CA LEU E 131 26.04 56.39 4.80
C LEU E 131 25.23 57.23 5.79
N ASP E 132 24.60 56.56 6.76
CA ASP E 132 23.83 57.26 7.78
C ASP E 132 24.75 58.28 8.45
N GLY E 133 25.97 57.86 8.77
CA GLY E 133 26.93 58.74 9.42
C GLY E 133 27.36 59.93 8.57
N ARG E 134 27.74 59.65 7.33
CA ARG E 134 28.17 60.72 6.44
C ARG E 134 27.03 61.73 6.25
N VAL E 135 25.81 61.22 6.09
CA VAL E 135 24.63 62.07 5.90
C VAL E 135 24.36 62.85 7.17
N THR E 136 24.54 62.21 8.32
CA THR E 136 24.30 62.89 9.59
C THR E 136 25.37 63.98 9.78
N THR E 137 26.60 63.69 9.36
CA THR E 137 27.70 64.63 9.47
C THR E 137 27.44 65.83 8.56
N ALA E 138 26.98 65.54 7.34
CA ALA E 138 26.69 66.59 6.38
C ALA E 138 25.60 67.52 6.92
N GLU E 139 24.54 66.92 7.46
CA GLU E 139 23.43 67.69 8.02
C GLU E 139 23.90 68.66 9.10
N ASN E 140 24.93 68.26 9.84
CA ASN E 140 25.48 69.11 10.89
C ASN E 140 26.33 70.23 10.31
N ASN E 141 26.99 69.98 9.19
CA ASN E 141 27.80 71.01 8.57
C ASN E 141 26.87 72.07 7.97
N ILE E 142 25.82 71.61 7.30
CA ILE E 142 24.86 72.52 6.71
C ILE E 142 24.22 73.38 7.81
N SER E 143 23.82 72.75 8.90
CA SER E 143 23.19 73.47 10.01
C SER E 143 24.11 74.55 10.59
N ALA E 144 25.40 74.25 10.66
CA ALA E 144 26.38 75.19 11.20
C ALA E 144 26.61 76.35 10.22
N LEU E 145 26.59 76.04 8.93
CA LEU E 145 26.79 77.05 7.90
C LEU E 145 25.60 78.01 7.85
N GLN E 146 24.41 77.47 8.08
CA GLN E 146 23.18 78.25 8.04
C GLN E 146 23.08 79.26 9.18
N ALA E 147 23.74 78.97 10.30
CA ALA E 147 23.69 79.86 11.45
C ALA E 147 24.88 80.82 11.53
N ASP E 148 25.82 80.70 10.60
CA ASP E 148 27.01 81.55 10.66
C ASP E 148 27.34 82.30 9.38
N TYR E 149 26.69 81.96 8.27
CA TYR E 149 27.00 82.63 7.00
C TYR E 149 26.30 83.96 6.80
N VAL E 150 26.90 84.81 5.97
CA VAL E 150 26.37 86.13 5.63
C VAL E 150 25.33 86.01 4.53
N SER E 151 24.11 86.49 4.79
CA SER E 151 23.02 86.40 3.83
C SER E 151 22.79 87.61 2.93
N LYS E 152 22.49 87.31 1.67
CA LYS E 152 22.21 88.32 0.64
C LYS E 152 20.71 88.55 0.55
N THR E 153 19.98 87.89 1.45
CA THR E 153 18.53 87.99 1.50
C THR E 153 18.09 88.70 2.76
N ALA E 154 18.78 88.40 3.86
CA ALA E 154 18.48 89.00 5.15
C ALA E 154 18.37 90.51 5.00
N THR E 155 17.36 91.10 5.63
CA THR E 155 17.15 92.52 5.56
C THR E 155 17.54 93.18 6.87
N THR E 156 17.80 92.36 7.88
CA THR E 156 18.20 92.87 9.18
C THR E 156 19.72 93.05 9.18
N SER E 157 20.19 94.10 9.84
CA SER E 157 21.62 94.38 9.89
C SER E 157 22.44 93.11 10.15
N GLN E 158 23.60 93.03 9.51
CA GLN E 158 24.50 91.89 9.67
C GLN E 158 25.89 92.39 10.08
N SER E 159 26.48 91.74 11.07
CA SER E 159 27.79 92.14 11.57
C SER E 159 28.90 91.09 11.48
N LEU E 160 30.09 91.54 11.14
CA LEU E 160 31.27 90.69 11.02
C LEU E 160 32.21 90.94 12.19
N ALA E 161 32.80 89.89 12.72
CA ALA E 161 33.71 90.01 13.83
C ALA E 161 35.11 90.15 13.29
N SER E 162 35.21 90.47 12.00
CA SER E 162 36.51 90.63 11.36
C SER E 162 36.52 91.82 10.41
N PRO E 163 37.72 92.34 10.08
CA PRO E 163 37.76 93.46 9.16
C PRO E 163 37.40 92.93 7.78
N LEU E 164 36.95 93.81 6.89
CA LEU E 164 36.56 93.38 5.56
C LEU E 164 37.43 94.03 4.49
N ASN E 165 37.74 93.26 3.45
CA ASN E 165 38.51 93.75 2.32
C ASN E 165 37.66 93.45 1.11
N VAL E 166 37.63 94.37 0.16
CA VAL E 166 36.82 94.18 -1.00
C VAL E 166 37.60 94.46 -2.27
N THR E 167 37.09 93.96 -3.39
CA THR E 167 37.75 94.17 -4.66
C THR E 167 37.29 95.48 -5.29
N THR E 168 38.08 96.51 -4.99
CA THR E 168 37.94 97.89 -5.46
C THR E 168 36.58 98.55 -5.64
N SER E 169 35.75 98.62 -4.59
CA SER E 169 34.45 99.28 -4.70
C SER E 169 33.34 98.87 -3.72
N TYR E 170 32.83 99.85 -2.99
CA TYR E 170 31.73 99.63 -2.05
C TYR E 170 30.55 100.49 -2.52
N SER E 171 29.33 99.96 -2.45
CA SER E 171 28.17 100.74 -2.87
C SER E 171 27.01 100.58 -1.88
N VAL E 172 26.04 101.47 -2.03
CA VAL E 172 24.82 101.46 -1.21
C VAL E 172 23.69 101.85 -2.14
N GLY E 173 22.71 100.97 -2.29
CA GLY E 173 21.61 101.26 -3.18
C GLY E 173 22.11 101.21 -4.62
N GLY E 174 23.10 100.37 -4.85
CA GLY E 174 23.67 100.22 -6.18
C GLY E 174 24.53 101.39 -6.63
N LYS E 175 24.76 102.35 -5.72
CA LYS E 175 25.56 103.53 -6.01
C LYS E 175 26.96 103.40 -5.41
N LYS E 176 28.00 103.45 -6.25
CA LYS E 176 29.37 103.36 -5.75
C LYS E 176 29.67 104.49 -4.76
N VAL E 177 30.36 104.18 -3.67
CA VAL E 177 30.65 105.20 -2.66
C VAL E 177 32.08 105.20 -2.13
N VAL E 178 32.81 104.10 -2.34
CA VAL E 178 34.20 104.04 -1.89
C VAL E 178 34.98 103.14 -2.83
N GLY E 179 36.17 103.59 -3.22
CA GLY E 179 36.99 102.80 -4.11
C GLY E 179 38.40 102.67 -3.56
N ALA E 180 39.36 102.50 -4.47
CA ALA E 180 40.76 102.38 -4.07
C ALA E 180 41.22 103.72 -3.50
N ARG E 181 42.13 103.64 -2.53
CA ARG E 181 42.68 104.82 -1.87
C ARG E 181 43.23 105.82 -2.89
N GLN E 182 42.77 107.08 -2.79
CA GLN E 182 43.25 108.15 -3.68
C GLN E 182 44.72 108.36 -3.35
N THR E 183 45.61 108.09 -4.30
CA THR E 183 47.05 108.24 -4.05
C THR E 183 47.64 109.53 -4.60
N GLY E 184 48.95 109.71 -4.39
CA GLY E 184 49.64 110.90 -4.89
C GLY E 184 49.65 112.13 -4.01
N TRP E 185 49.27 111.99 -2.75
CA TRP E 185 49.24 113.13 -1.83
C TRP E 185 50.56 113.27 -1.07
N THR E 186 50.83 114.48 -0.58
CA THR E 186 52.04 114.76 0.19
C THR E 186 51.75 114.87 1.69
N ALA E 187 50.53 115.28 2.03
CA ALA E 187 50.09 115.42 3.43
C ALA E 187 50.41 116.77 4.06
N ALA E 188 49.36 117.56 4.30
CA ALA E 188 49.51 118.86 4.91
C ALA E 188 50.20 118.72 6.27
N THR E 189 50.74 119.82 6.78
CA THR E 189 51.43 119.83 8.08
C THR E 189 50.83 120.92 8.96
N GLY E 190 51.15 120.90 10.25
CA GLY E 190 50.64 121.93 11.15
C GLY E 190 49.47 121.55 12.04
N THR E 191 49.38 122.21 13.19
CA THR E 191 48.33 121.96 14.17
C THR E 191 46.93 122.01 13.54
N ALA E 192 46.26 120.86 13.49
CA ALA E 192 44.92 120.78 12.91
C ALA E 192 43.89 121.36 13.87
N ASN E 193 42.80 121.90 13.33
CA ASN E 193 41.74 122.49 14.15
C ASN E 193 40.37 121.87 13.97
N LYS E 194 39.93 121.14 14.99
CA LYS E 194 38.62 120.50 15.02
C LYS E 194 37.77 121.28 16.00
N GLY E 195 37.98 122.59 16.04
CA GLY E 195 37.24 123.40 16.98
C GLY E 195 36.07 124.19 16.45
N VAL E 196 35.76 125.28 17.14
CA VAL E 196 34.66 126.16 16.79
C VAL E 196 34.92 126.86 15.47
N PHE E 197 34.24 126.41 14.41
CA PHE E 197 34.41 127.05 13.12
C PHE E 197 33.35 128.13 13.04
N ASP E 198 33.59 129.13 12.21
CA ASP E 198 32.67 130.24 12.08
C ASP E 198 32.33 130.59 10.63
N ALA E 199 32.20 129.57 9.79
CA ALA E 199 31.88 129.76 8.38
C ALA E 199 30.92 130.94 8.21
N ASP E 200 31.11 131.69 7.12
CA ASP E 200 30.29 132.85 6.82
C ASP E 200 30.77 134.09 7.57
N LEU E 201 32.09 134.21 7.68
CA LEU E 201 32.71 135.33 8.37
C LEU E 201 32.81 136.47 7.36
N THR E 202 32.53 137.69 7.81
CA THR E 202 32.64 138.82 6.90
C THR E 202 33.90 139.60 7.23
N PHE E 203 34.40 140.36 6.25
CA PHE E 203 35.62 141.11 6.46
C PHE E 203 35.54 142.59 6.19
N ALA E 204 36.00 143.35 7.17
CA ALA E 204 36.02 144.80 7.07
C ALA E 204 37.10 145.20 6.08
N ALA E 216 44.03 142.30 9.11
CA ALA E 216 44.85 141.18 9.56
C ALA E 216 44.05 139.88 9.65
N ILE E 217 42.95 139.80 8.90
CA ILE E 217 42.12 138.59 8.91
C ILE E 217 42.82 137.39 8.32
N ALA E 218 44.11 137.52 8.04
CA ALA E 218 44.90 136.43 7.49
C ALA E 218 44.77 135.29 8.48
N ASN E 219 44.32 135.64 9.69
CA ASN E 219 44.12 134.66 10.75
C ASN E 219 43.10 133.66 10.23
N ALA E 220 42.07 134.17 9.57
CA ALA E 220 41.00 133.35 9.01
C ALA E 220 41.52 132.44 7.90
N LEU E 221 42.49 132.93 7.13
CA LEU E 221 43.07 132.11 6.07
C LEU E 221 43.78 130.98 6.79
N ILE E 222 44.55 131.36 7.82
CA ILE E 222 45.29 130.40 8.61
C ILE E 222 44.33 129.37 9.17
N THR E 223 43.18 129.82 9.69
CA THR E 223 42.18 128.93 10.26
C THR E 223 41.53 128.06 9.18
N GLU E 224 41.36 128.64 8.00
CA GLU E 224 40.78 127.89 6.89
C GLU E 224 41.79 126.82 6.46
N ARG E 225 43.06 127.07 6.76
CA ARG E 225 44.13 126.15 6.40
C ARG E 225 44.26 125.00 7.40
N ARG E 226 44.03 125.28 8.68
CA ARG E 226 44.12 124.26 9.71
C ARG E 226 42.90 123.34 9.67
N ARG E 227 41.73 123.91 9.46
CA ARG E 227 40.49 123.14 9.39
C ARG E 227 40.57 122.13 8.25
N THR E 228 41.18 122.54 7.14
CA THR E 228 41.34 121.68 5.98
C THR E 228 42.36 120.59 6.31
N LYS E 229 43.44 120.98 6.98
CA LYS E 229 44.48 120.03 7.37
C LYS E 229 43.83 119.01 8.30
N ALA E 230 42.81 119.46 9.01
CA ALA E 230 42.08 118.60 9.94
C ALA E 230 41.29 117.52 9.19
N MET E 231 40.58 117.94 8.14
CA MET E 231 39.80 117.00 7.35
C MET E 231 40.71 116.02 6.62
N GLU E 232 41.77 116.55 6.00
CA GLU E 232 42.69 115.70 5.28
C GLU E 232 43.22 114.60 6.21
N ASP E 233 43.52 114.95 7.45
CA ASP E 233 44.03 113.99 8.41
C ASP E 233 43.00 112.89 8.65
N ALA E 234 41.73 113.30 8.72
CA ALA E 234 40.63 112.37 8.95
C ALA E 234 40.48 111.43 7.76
N LEU E 235 40.63 111.98 6.56
CA LEU E 235 40.49 111.19 5.34
C LEU E 235 41.68 110.25 5.12
N ARG E 236 42.86 110.63 5.60
CA ARG E 236 44.03 109.77 5.45
C ARG E 236 44.04 108.77 6.61
N ALA E 237 43.42 109.18 7.72
CA ALA E 237 43.34 108.30 8.88
C ALA E 237 42.44 107.14 8.48
N HIS E 238 41.38 107.46 7.75
CA HIS E 238 40.45 106.42 7.29
C HIS E 238 41.14 105.57 6.23
N GLY E 239 41.88 106.24 5.36
CA GLY E 239 42.60 105.55 4.30
C GLY E 239 42.10 106.01 2.94
N LEU E 240 41.04 106.81 2.95
CA LEU E 240 40.43 107.33 1.72
C LEU E 240 41.44 108.02 0.79
N ILE E 241 42.45 108.67 1.36
CA ILE E 241 43.46 109.34 0.54
C ILE E 241 44.87 108.96 0.96
N ASP E 242 45.80 109.23 0.06
CA ASP E 242 47.23 108.94 0.25
C ASP E 242 47.85 109.76 1.37
N MET F 10 1.38 -29.30 12.18
CA MET F 10 2.80 -29.44 11.89
C MET F 10 3.20 -30.90 11.65
N ALA F 11 4.49 -31.13 11.42
CA ALA F 11 4.99 -32.46 11.16
C ALA F 11 4.45 -33.47 12.16
N ASP F 12 4.09 -34.65 11.64
CA ASP F 12 3.54 -35.73 12.43
C ASP F 12 4.63 -36.73 12.85
N PRO F 13 5.05 -36.71 14.12
CA PRO F 13 6.11 -37.65 14.54
C PRO F 13 5.76 -39.11 14.22
N SER F 14 4.48 -39.45 14.22
CA SER F 14 4.03 -40.81 13.93
C SER F 14 4.67 -41.35 12.66
N LEU F 15 4.89 -40.47 11.70
CA LEU F 15 5.49 -40.87 10.42
C LEU F 15 6.93 -41.33 10.58
N ASN F 16 7.53 -40.99 11.71
CA ASN F 16 8.91 -41.36 11.94
C ASN F 16 9.04 -42.59 12.83
N ASN F 17 7.94 -43.07 13.37
CA ASN F 17 7.97 -44.27 14.20
C ASN F 17 7.78 -45.45 13.24
N PRO F 18 8.86 -46.19 12.96
CA PRO F 18 8.76 -47.33 12.05
C PRO F 18 8.07 -48.57 12.56
N VAL F 19 7.66 -49.40 11.63
CA VAL F 19 7.01 -50.67 11.95
C VAL F 19 8.11 -51.70 12.14
N VAL F 20 8.11 -52.36 13.29
CA VAL F 20 9.10 -53.41 13.57
C VAL F 20 8.39 -54.76 13.40
N ILE F 21 8.75 -55.47 12.34
CA ILE F 21 8.16 -56.76 12.01
C ILE F 21 8.55 -57.86 12.98
N GLN F 22 7.62 -58.76 13.24
CA GLN F 22 7.87 -59.88 14.13
C GLN F 22 8.44 -61.09 13.40
N ALA F 23 7.96 -61.32 12.17
CA ALA F 23 8.40 -62.45 11.36
C ALA F 23 9.62 -62.13 10.53
N THR F 24 10.78 -62.40 11.10
CA THR F 24 12.05 -62.12 10.44
C THR F 24 12.81 -63.38 10.02
N ARG F 25 13.41 -63.35 8.83
CA ARG F 25 14.18 -64.49 8.31
C ARG F 25 13.54 -65.85 8.59
N LEU F 26 12.81 -66.37 7.59
CA LEU F 26 12.10 -67.63 7.69
C LEU F 26 12.98 -68.84 8.02
N ASP F 27 13.70 -69.34 7.01
CA ASP F 27 14.56 -70.51 7.17
C ASP F 27 13.78 -71.80 6.93
N ALA F 28 14.06 -72.42 5.79
CA ALA F 28 13.37 -73.63 5.35
C ALA F 28 13.17 -74.73 6.38
N SER F 29 14.08 -74.86 7.33
CA SER F 29 13.97 -75.93 8.33
C SER F 29 12.68 -76.01 9.14
N ILE F 30 12.01 -74.88 9.37
CA ILE F 30 10.78 -74.90 10.15
C ILE F 30 9.55 -75.14 9.30
N LEU F 31 9.75 -75.27 7.99
CA LEU F 31 8.64 -75.49 7.07
C LEU F 31 8.22 -76.96 7.03
N PRO F 32 6.93 -77.22 6.79
CA PRO F 32 6.41 -78.59 6.72
C PRO F 32 7.22 -79.44 5.73
N ARG F 33 7.40 -80.71 6.05
CA ARG F 33 8.14 -81.59 5.16
C ARG F 33 7.25 -82.63 4.51
N ASN F 34 7.54 -82.93 3.25
CA ASN F 34 6.79 -83.94 2.50
C ASN F 34 5.31 -83.64 2.38
N VAL F 35 4.93 -82.37 2.49
CA VAL F 35 3.52 -82.01 2.38
C VAL F 35 3.17 -80.91 1.38
N PHE F 36 4.05 -79.93 1.23
CA PHE F 36 3.85 -78.81 0.29
C PHE F 36 4.58 -79.07 -1.03
N SER F 37 4.09 -78.45 -2.10
CA SER F 37 4.75 -78.57 -3.41
C SER F 37 5.98 -77.65 -3.38
N LYS F 38 6.98 -77.92 -4.24
CA LYS F 38 8.17 -77.07 -4.24
C LYS F 38 7.80 -75.63 -4.57
N SER F 39 6.84 -75.44 -5.47
CA SER F 39 6.42 -74.10 -5.84
C SER F 39 5.90 -73.32 -4.64
N TYR F 40 5.05 -73.92 -3.81
CA TYR F 40 4.52 -73.23 -2.64
C TYR F 40 5.63 -72.99 -1.61
N LEU F 41 6.55 -73.96 -1.50
CA LEU F 41 7.66 -73.86 -0.57
C LEU F 41 8.51 -72.65 -0.95
N LEU F 42 8.79 -72.50 -2.25
CA LEU F 42 9.58 -71.37 -2.76
C LEU F 42 8.80 -70.08 -2.55
N TYR F 43 7.51 -70.13 -2.87
CA TYR F 43 6.65 -68.95 -2.71
C TYR F 43 6.72 -68.43 -1.27
N VAL F 44 6.41 -69.29 -0.31
CA VAL F 44 6.42 -68.91 1.11
C VAL F 44 7.74 -68.24 1.50
N ILE F 45 8.85 -68.71 0.94
CA ILE F 45 10.15 -68.15 1.25
C ILE F 45 10.30 -66.75 0.65
N ALA F 46 9.89 -66.60 -0.62
CA ALA F 46 9.99 -65.31 -1.30
C ALA F 46 9.03 -64.32 -0.66
N GLN F 47 7.84 -64.78 -0.30
CA GLN F 47 6.86 -63.89 0.32
C GLN F 47 7.47 -63.34 1.61
N GLY F 48 8.18 -64.20 2.33
CA GLY F 48 8.81 -63.78 3.58
C GLY F 48 9.75 -62.61 3.34
N THR F 49 10.65 -62.76 2.37
CA THR F 49 11.60 -61.70 2.07
C THR F 49 10.87 -60.46 1.54
N ASP F 50 9.84 -60.66 0.73
CA ASP F 50 9.08 -59.53 0.20
C ASP F 50 8.51 -58.72 1.35
N VAL F 51 7.82 -59.40 2.26
CA VAL F 51 7.21 -58.71 3.41
C VAL F 51 8.25 -57.83 4.10
N GLY F 52 9.44 -58.38 4.32
CA GLY F 52 10.49 -57.61 4.97
C GLY F 52 10.92 -56.42 4.12
N ALA F 53 11.05 -56.61 2.82
CA ALA F 53 11.44 -55.54 1.91
C ALA F 53 10.38 -54.43 1.85
N ILE F 54 9.11 -54.82 1.72
CA ILE F 54 8.02 -53.86 1.68
C ILE F 54 7.98 -53.07 3.00
N ALA F 55 8.33 -53.74 4.10
CA ALA F 55 8.31 -53.09 5.40
C ALA F 55 9.40 -52.01 5.43
N GLY F 56 10.53 -52.29 4.81
CA GLY F 56 11.61 -51.32 4.76
C GLY F 56 11.14 -50.11 3.96
N LYS F 57 10.62 -50.39 2.77
CA LYS F 57 10.12 -49.36 1.89
C LYS F 57 9.02 -48.49 2.51
N ALA F 58 8.12 -49.10 3.27
CA ALA F 58 7.04 -48.33 3.90
C ALA F 58 7.59 -47.46 5.02
N ASN F 59 8.51 -48.01 5.80
CA ASN F 59 9.12 -47.27 6.90
C ASN F 59 9.89 -46.09 6.36
N GLU F 60 10.61 -46.32 5.26
CA GLU F 60 11.40 -45.26 4.64
C GLU F 60 10.54 -44.18 4.05
N ALA F 61 9.38 -44.55 3.52
CA ALA F 61 8.49 -43.56 2.92
C ALA F 61 7.94 -42.68 4.04
N GLY F 62 7.63 -43.27 5.17
CA GLY F 62 7.12 -42.48 6.28
C GLY F 62 8.16 -41.51 6.77
N GLN F 63 9.41 -41.98 6.85
CA GLN F 63 10.54 -41.16 7.29
C GLN F 63 10.79 -40.03 6.29
N GLY F 64 10.69 -40.33 5.01
CA GLY F 64 10.89 -39.32 3.98
C GLY F 64 9.80 -38.27 4.05
N ALA F 65 8.57 -38.71 4.32
CA ALA F 65 7.43 -37.81 4.44
C ALA F 65 7.60 -36.91 5.66
N TYR F 66 8.02 -37.50 6.78
CA TYR F 66 8.25 -36.74 8.01
C TYR F 66 9.31 -35.68 7.76
N ASP F 67 10.40 -36.07 7.11
CA ASP F 67 11.48 -35.15 6.83
C ASP F 67 10.97 -34.00 5.98
N ALA F 68 10.04 -34.30 5.08
CA ALA F 68 9.46 -33.30 4.20
C ALA F 68 8.57 -32.37 5.00
N GLN F 69 7.91 -32.90 6.03
CA GLN F 69 7.05 -32.06 6.84
C GLN F 69 7.84 -31.19 7.84
N VAL F 70 8.95 -31.70 8.36
CA VAL F 70 9.76 -30.92 9.30
C VAL F 70 10.35 -29.75 8.53
N LYS F 71 10.87 -30.03 7.35
CA LYS F 71 11.43 -28.98 6.52
C LYS F 71 10.35 -27.91 6.30
N ASN F 72 9.14 -28.37 5.96
CA ASN F 72 8.03 -27.44 5.74
C ASN F 72 7.80 -26.54 6.95
N ASP F 73 7.88 -27.11 8.14
CA ASP F 73 7.69 -26.34 9.35
C ASP F 73 8.75 -25.27 9.50
N GLU F 74 9.99 -25.60 9.12
CA GLU F 74 11.11 -24.66 9.20
C GLU F 74 10.97 -23.57 8.13
N GLN F 75 10.51 -23.94 6.94
CA GLN F 75 10.34 -22.95 5.89
C GLN F 75 9.20 -22.00 6.25
N ASP F 76 8.22 -22.49 7.01
CA ASP F 76 7.10 -21.64 7.42
C ASP F 76 7.56 -20.59 8.42
N VAL F 77 8.55 -20.93 9.24
CA VAL F 77 9.07 -19.99 10.22
C VAL F 77 9.75 -18.87 9.45
N GLU F 78 10.64 -19.24 8.54
CA GLU F 78 11.34 -18.26 7.74
C GLU F 78 10.40 -17.49 6.83
N LEU F 79 9.33 -18.15 6.40
CA LEU F 79 8.36 -17.51 5.52
C LEU F 79 7.64 -16.41 6.28
N ALA F 80 7.37 -16.67 7.55
CA ALA F 80 6.69 -15.71 8.40
C ALA F 80 7.64 -14.57 8.72
N ASP F 81 8.94 -14.86 8.76
CA ASP F 81 9.95 -13.85 9.03
C ASP F 81 10.10 -12.91 7.85
N HIS F 82 10.18 -13.49 6.65
CA HIS F 82 10.32 -12.69 5.44
C HIS F 82 9.09 -11.81 5.25
N GLU F 83 7.93 -12.39 5.56
CA GLU F 83 6.68 -11.66 5.43
C GLU F 83 6.78 -10.37 6.24
N ALA F 84 7.08 -10.54 7.53
CA ALA F 84 7.20 -9.43 8.46
C ALA F 84 8.25 -8.41 8.04
N ARG F 85 9.42 -8.88 7.63
CA ARG F 85 10.48 -7.97 7.23
C ARG F 85 10.17 -7.22 5.94
N ILE F 86 9.32 -7.82 5.11
CA ILE F 86 8.94 -7.18 3.87
C ILE F 86 7.84 -6.17 4.20
N LYS F 87 7.03 -6.47 5.20
CA LYS F 87 5.95 -5.56 5.60
C LYS F 87 6.55 -4.28 6.19
N GLN F 88 7.53 -4.44 7.08
CA GLN F 88 8.17 -3.29 7.71
C GLN F 88 8.94 -2.49 6.67
N LEU F 89 9.60 -3.19 5.74
CA LEU F 89 10.34 -2.52 4.69
C LEU F 89 9.37 -1.65 3.88
N ARG F 90 8.22 -2.22 3.54
CA ARG F 90 7.24 -1.49 2.75
C ARG F 90 6.78 -0.25 3.49
N ILE F 91 6.54 -0.39 4.80
CA ILE F 91 6.11 0.73 5.62
C ILE F 91 7.18 1.80 5.67
N ASP F 92 8.45 1.40 5.71
CA ASP F 92 9.56 2.34 5.76
C ASP F 92 9.75 3.04 4.42
N VAL F 93 9.57 2.30 3.34
CA VAL F 93 9.75 2.88 2.00
C VAL F 93 8.63 3.87 1.71
N ASP F 94 7.39 3.53 2.05
CA ASP F 94 6.28 4.44 1.81
C ASP F 94 6.52 5.72 2.61
N ASP F 95 6.98 5.57 3.85
CA ASP F 95 7.23 6.74 4.68
C ASP F 95 8.31 7.61 4.06
N HIS F 96 9.36 6.98 3.53
CA HIS F 96 10.45 7.71 2.89
C HIS F 96 9.93 8.44 1.65
N GLU F 97 9.04 7.77 0.92
CA GLU F 97 8.45 8.34 -0.29
C GLU F 97 7.78 9.67 0.05
N SER F 98 7.03 9.69 1.14
CA SER F 98 6.34 10.91 1.56
C SER F 98 7.33 12.01 1.97
N ARG F 99 8.27 11.65 2.85
CA ARG F 99 9.26 12.60 3.33
C ARG F 99 10.16 13.15 2.22
N ILE F 100 10.56 12.28 1.29
CA ILE F 100 11.39 12.71 0.18
C ILE F 100 10.60 13.70 -0.67
N THR F 101 9.35 13.38 -0.97
CA THR F 101 8.52 14.27 -1.78
C THR F 101 8.41 15.63 -1.10
N ALA F 102 8.25 15.64 0.22
CA ALA F 102 8.14 16.88 0.95
C ALA F 102 9.45 17.69 0.90
N ASN F 103 10.60 17.02 0.90
CA ASN F 103 11.87 17.73 0.84
C ASN F 103 12.04 18.37 -0.53
N THR F 104 11.76 17.63 -1.60
CA THR F 104 11.90 18.17 -2.94
C THR F 104 11.05 19.47 -3.08
N LYS F 105 9.82 19.41 -2.59
CA LYS F 105 8.94 20.56 -2.69
C LYS F 105 9.42 21.71 -1.79
N ALA F 106 9.97 21.39 -0.63
CA ALA F 106 10.43 22.43 0.28
C ALA F 106 11.63 23.13 -0.35
N ILE F 107 12.38 22.38 -1.12
CA ILE F 107 13.55 22.89 -1.82
C ILE F 107 13.12 23.84 -2.94
N THR F 108 12.16 23.41 -3.76
CA THR F 108 11.68 24.27 -4.83
C THR F 108 11.08 25.54 -4.23
N ALA F 109 10.38 25.39 -3.11
CA ALA F 109 9.76 26.53 -2.45
C ALA F 109 10.84 27.51 -1.99
N LEU F 110 11.97 26.98 -1.54
CA LEU F 110 13.07 27.82 -1.08
C LEU F 110 13.73 28.54 -2.25
N ASN F 111 13.84 27.87 -3.38
CA ASN F 111 14.47 28.51 -4.54
C ASN F 111 13.69 29.76 -4.91
N VAL F 112 12.35 29.68 -4.90
CA VAL F 112 11.61 30.88 -5.25
C VAL F 112 11.98 32.04 -4.32
N ARG F 113 11.98 31.78 -3.00
CA ARG F 113 12.31 32.78 -2.00
C ARG F 113 13.72 33.37 -2.16
N VAL F 114 14.70 32.50 -2.40
CA VAL F 114 16.06 32.96 -2.58
C VAL F 114 16.17 33.71 -3.90
N THR F 115 15.48 33.22 -4.93
CA THR F 115 15.52 33.88 -6.23
C THR F 115 14.96 35.29 -6.09
N THR F 116 13.90 35.43 -5.28
CA THR F 116 13.31 36.75 -5.09
C THR F 116 14.31 37.65 -4.35
N ALA F 117 14.82 37.17 -3.23
CA ALA F 117 15.78 37.92 -2.42
C ALA F 117 16.95 38.40 -3.26
N GLU F 118 17.50 37.53 -4.08
CA GLU F 118 18.63 37.90 -4.92
C GLU F 118 18.30 39.14 -5.74
N GLY F 119 17.13 39.17 -6.36
CA GLY F 119 16.74 40.32 -7.14
C GLY F 119 16.66 41.58 -6.29
N GLU F 120 16.11 41.45 -5.08
CA GLU F 120 15.99 42.59 -4.17
C GLU F 120 17.36 43.07 -3.71
N ILE F 121 18.29 42.12 -3.59
CA ILE F 121 19.64 42.44 -3.19
C ILE F 121 20.30 43.21 -4.33
N ALA F 122 20.06 42.75 -5.56
CA ALA F 122 20.65 43.41 -6.72
C ALA F 122 20.26 44.88 -6.83
N SER F 123 18.99 45.19 -6.59
CA SER F 123 18.54 46.56 -6.68
C SER F 123 18.97 47.42 -5.49
N LEU F 124 19.16 46.80 -4.32
CA LEU F 124 19.58 47.53 -3.13
C LEU F 124 21.01 48.01 -3.36
N GLN F 125 21.83 47.13 -3.94
CA GLN F 125 23.20 47.49 -4.21
C GLN F 125 23.28 48.69 -5.14
N THR F 126 22.36 48.77 -6.10
CA THR F 126 22.34 49.90 -7.03
C THR F 126 21.79 51.16 -6.34
N ASN F 127 20.71 51.02 -5.58
CA ASN F 127 20.15 52.17 -4.87
C ASN F 127 21.21 52.73 -3.91
N VAL F 128 21.94 51.84 -3.25
CA VAL F 128 22.98 52.22 -2.30
C VAL F 128 24.16 52.93 -2.96
N SER F 129 24.56 52.47 -4.15
CA SER F 129 25.65 53.15 -4.84
C SER F 129 25.16 54.55 -5.23
N ALA F 130 23.89 54.62 -5.64
CA ALA F 130 23.30 55.89 -6.03
C ALA F 130 23.43 56.90 -4.90
N LEU F 131 22.94 56.54 -3.71
CA LEU F 131 23.05 57.44 -2.57
C LEU F 131 24.50 57.80 -2.35
N ASP F 132 25.38 56.82 -2.48
CA ASP F 132 26.80 57.03 -2.28
C ASP F 132 27.27 58.26 -3.04
N GLY F 133 27.03 58.28 -4.35
CA GLY F 133 27.44 59.39 -5.18
C GLY F 133 26.80 60.71 -4.78
N ARG F 134 25.50 60.70 -4.56
CA ARG F 134 24.79 61.90 -4.16
C ARG F 134 25.36 62.45 -2.86
N VAL F 135 25.70 61.55 -1.94
CA VAL F 135 26.25 61.96 -0.65
C VAL F 135 27.69 62.49 -0.78
N THR F 136 28.46 61.91 -1.70
CA THR F 136 29.82 62.36 -1.90
C THR F 136 29.80 63.78 -2.45
N THR F 137 28.96 63.99 -3.47
CA THR F 137 28.81 65.31 -4.07
C THR F 137 28.41 66.31 -2.99
N ALA F 138 27.44 65.92 -2.17
CA ALA F 138 26.98 66.77 -1.07
C ALA F 138 28.17 67.22 -0.22
N GLU F 139 28.96 66.25 0.23
CA GLU F 139 30.14 66.53 1.05
C GLU F 139 31.13 67.50 0.40
N ASN F 140 31.28 67.42 -0.91
CA ASN F 140 32.20 68.31 -1.61
C ASN F 140 31.67 69.74 -1.66
N ASN F 141 30.40 69.89 -2.00
CA ASN F 141 29.81 71.22 -2.05
C ASN F 141 29.89 71.82 -0.65
N ILE F 142 29.65 70.99 0.36
CA ILE F 142 29.72 71.45 1.74
C ILE F 142 31.15 71.86 2.06
N SER F 143 32.11 71.07 1.61
CA SER F 143 33.51 71.36 1.84
C SER F 143 33.88 72.68 1.16
N ALA F 144 33.40 72.83 -0.07
CA ALA F 144 33.65 74.05 -0.84
C ALA F 144 32.99 75.23 -0.14
N LEU F 145 31.76 75.06 0.31
CA LEU F 145 31.06 76.13 1.00
C LEU F 145 31.82 76.58 2.24
N GLN F 146 32.33 75.61 3.00
CA GLN F 146 33.04 75.92 4.23
C GLN F 146 34.27 76.81 4.06
N ALA F 147 35.03 76.56 3.00
CA ALA F 147 36.24 77.30 2.77
C ALA F 147 36.04 78.57 1.94
N ASP F 148 34.87 78.73 1.35
CA ASP F 148 34.62 79.90 0.51
C ASP F 148 33.54 80.88 0.98
N TYR F 149 32.94 80.64 2.14
CA TYR F 149 31.91 81.56 2.61
C TYR F 149 32.43 82.59 3.59
N VAL F 150 31.72 83.71 3.70
CA VAL F 150 32.07 84.80 4.61
C VAL F 150 31.25 84.57 5.87
N SER F 151 31.92 84.43 7.01
CA SER F 151 31.21 84.20 8.26
C SER F 151 31.02 85.43 9.13
N LYS F 152 30.12 85.30 10.10
CA LYS F 152 29.80 86.38 11.03
C LYS F 152 30.67 86.26 12.27
N THR F 153 31.34 85.12 12.41
CA THR F 153 32.16 84.89 13.59
C THR F 153 33.68 84.97 13.35
N ALA F 154 34.13 84.62 12.15
CA ALA F 154 35.56 84.68 11.87
C ALA F 154 36.09 86.04 12.32
N THR F 155 37.24 86.04 13.00
CA THR F 155 37.81 87.29 13.49
C THR F 155 38.88 87.81 12.54
N THR F 156 39.58 86.88 11.88
CA THR F 156 40.62 87.25 10.93
C THR F 156 40.03 87.90 9.68
N SER F 157 40.70 88.95 9.19
CA SER F 157 40.26 89.68 8.01
C SER F 157 39.80 88.80 6.85
N GLN F 158 38.62 89.13 6.32
CA GLN F 158 38.06 88.39 5.20
C GLN F 158 38.10 89.28 3.94
N SER F 159 38.39 88.69 2.79
CA SER F 159 38.49 89.46 1.55
C SER F 159 37.63 88.89 0.42
N LEU F 160 37.04 89.78 -0.38
CA LEU F 160 36.21 89.39 -1.49
C LEU F 160 36.94 89.64 -2.81
N ALA F 161 36.62 88.86 -3.82
CA ALA F 161 37.23 89.03 -5.13
C ALA F 161 36.24 89.78 -6.01
N SER F 162 35.26 90.41 -5.36
CA SER F 162 34.24 91.16 -6.09
C SER F 162 33.85 92.45 -5.38
N PRO F 163 33.22 93.37 -6.11
CA PRO F 163 32.79 94.62 -5.47
C PRO F 163 31.73 94.19 -4.46
N LEU F 164 31.33 95.11 -3.59
CA LEU F 164 30.30 94.77 -2.62
C LEU F 164 29.26 95.88 -2.60
N ASN F 165 28.02 95.52 -2.34
CA ASN F 165 26.93 96.50 -2.29
C ASN F 165 25.97 96.17 -1.16
N VAL F 166 25.73 97.13 -0.27
CA VAL F 166 24.82 96.90 0.83
C VAL F 166 23.59 97.79 0.73
N THR F 167 22.79 97.77 1.79
CA THR F 167 21.58 98.57 1.85
C THR F 167 21.59 99.52 3.04
N THR F 168 21.38 100.81 2.76
CA THR F 168 21.29 101.84 3.81
C THR F 168 22.46 102.24 4.70
N SER F 169 23.48 101.40 4.82
CA SER F 169 24.67 101.85 5.53
C SER F 169 25.76 100.82 5.78
N TYR F 170 26.95 101.34 6.01
CA TYR F 170 28.14 100.56 6.30
C TYR F 170 28.55 101.12 7.64
N SER F 171 29.15 100.30 8.49
CA SER F 171 29.58 100.79 9.78
C SER F 171 30.63 99.89 10.37
N VAL F 172 31.36 100.41 11.35
CA VAL F 172 32.38 99.62 12.03
C VAL F 172 32.27 99.90 13.54
N GLY F 173 32.26 98.85 14.33
CA GLY F 173 32.15 99.01 15.77
C GLY F 173 30.77 99.51 16.19
N GLY F 174 29.75 99.09 15.44
CA GLY F 174 28.39 99.49 15.75
C GLY F 174 27.98 100.87 15.24
N LYS F 175 28.93 101.79 15.20
CA LYS F 175 28.65 103.15 14.74
C LYS F 175 28.68 103.29 13.22
N LYS F 176 27.67 103.96 12.66
CA LYS F 176 27.63 104.15 11.21
C LYS F 176 28.89 104.93 10.81
N VAL F 177 29.22 104.88 9.53
CA VAL F 177 30.43 105.50 9.01
C VAL F 177 30.25 105.98 7.56
N VAL F 178 29.41 105.27 6.81
CA VAL F 178 29.14 105.61 5.41
C VAL F 178 27.69 105.29 5.09
N GLY F 179 27.18 105.95 4.06
CA GLY F 179 25.81 105.74 3.63
C GLY F 179 25.65 106.01 2.16
N ALA F 180 24.45 106.40 1.74
CA ALA F 180 24.18 106.72 0.35
C ALA F 180 24.94 107.98 -0.02
N ARG F 181 25.44 108.03 -1.24
CA ARG F 181 26.22 109.18 -1.71
C ARG F 181 25.43 110.48 -1.62
N GLN F 182 26.12 111.57 -1.24
CA GLN F 182 25.49 112.88 -1.15
C GLN F 182 25.50 113.53 -2.52
N THR F 183 24.33 114.02 -2.93
CA THR F 183 24.17 114.64 -4.25
C THR F 183 24.28 116.16 -4.24
N GLY F 184 24.10 116.76 -5.41
CA GLY F 184 24.14 118.21 -5.53
C GLY F 184 25.49 118.88 -5.75
N TRP F 185 26.58 118.17 -5.53
CA TRP F 185 27.91 118.75 -5.70
C TRP F 185 28.30 119.06 -7.15
N THR F 186 28.67 120.31 -7.39
CA THR F 186 29.10 120.74 -8.70
C THR F 186 30.62 120.84 -8.63
N ALA F 187 31.32 120.04 -9.44
CA ALA F 187 32.77 120.01 -9.45
C ALA F 187 33.42 121.35 -9.73
N ALA F 188 34.60 121.56 -9.15
CA ALA F 188 35.35 122.79 -9.34
C ALA F 188 36.21 122.64 -10.59
N THR F 189 36.65 123.76 -11.15
CA THR F 189 37.48 123.74 -12.35
C THR F 189 38.91 124.12 -11.96
N GLY F 190 39.79 124.22 -12.94
CA GLY F 190 41.17 124.60 -12.66
C GLY F 190 42.09 123.42 -12.36
N THR F 191 43.23 123.71 -11.74
CA THR F 191 44.20 122.67 -11.40
C THR F 191 44.16 122.41 -9.89
N ALA F 192 44.34 121.15 -9.51
CA ALA F 192 44.30 120.77 -8.10
C ALA F 192 45.69 120.72 -7.45
N ASN F 193 45.74 121.16 -6.19
CA ASN F 193 46.99 121.18 -5.43
C ASN F 193 47.05 120.06 -4.39
N LYS F 194 47.99 119.13 -4.60
CA LYS F 194 48.18 118.00 -3.70
C LYS F 194 49.66 117.86 -3.33
N GLY F 195 50.34 119.00 -3.16
CA GLY F 195 51.75 118.98 -2.81
C GLY F 195 51.97 119.46 -1.39
N VAL F 196 53.17 119.97 -1.10
CA VAL F 196 53.47 120.44 0.25
C VAL F 196 52.47 121.53 0.62
N PHE F 197 51.92 121.43 1.82
CA PHE F 197 50.92 122.38 2.29
C PHE F 197 51.09 122.52 3.79
N ASP F 198 51.60 123.67 4.22
CA ASP F 198 51.81 123.89 5.64
C ASP F 198 50.70 124.78 6.20
N ALA F 199 50.00 124.28 7.22
CA ALA F 199 48.91 125.03 7.84
C ALA F 199 49.37 125.74 9.11
N SER F 212 52.64 145.50 -1.21
CA SER F 212 52.97 144.89 0.06
C SER F 212 52.79 143.38 0.12
N GLU F 213 52.99 142.84 1.32
CA GLU F 213 52.90 141.41 1.63
C GLU F 213 51.58 140.70 1.34
N ILE F 214 50.69 141.35 0.59
CA ILE F 214 49.41 140.73 0.24
C ILE F 214 49.53 139.67 -0.86
N GLN F 215 50.66 139.66 -1.57
CA GLN F 215 50.85 138.63 -2.61
C GLN F 215 50.71 137.28 -1.94
N ALA F 216 51.32 137.15 -0.77
CA ALA F 216 51.26 135.91 0.01
C ALA F 216 50.12 136.00 1.01
N ILE F 217 49.00 135.42 0.63
CA ILE F 217 47.76 135.39 1.40
C ILE F 217 46.77 135.25 0.26
N ALA F 218 47.27 135.63 -0.91
CA ALA F 218 46.54 135.54 -2.16
C ALA F 218 47.15 134.32 -2.87
N ASN F 219 48.47 134.17 -2.73
CA ASN F 219 49.17 133.03 -3.31
C ASN F 219 48.80 131.81 -2.47
N ALA F 220 48.68 132.02 -1.16
CA ALA F 220 48.32 130.94 -0.23
C ALA F 220 46.86 130.56 -0.44
N LEU F 221 46.04 131.55 -0.82
CA LEU F 221 44.64 131.28 -1.06
C LEU F 221 44.54 130.38 -2.29
N ILE F 222 45.25 130.77 -3.35
CA ILE F 222 45.26 130.00 -4.59
C ILE F 222 45.54 128.51 -4.37
N THR F 223 46.62 128.22 -3.65
CA THR F 223 47.00 126.83 -3.38
C THR F 223 46.00 126.19 -2.42
N GLU F 224 45.48 126.98 -1.49
CA GLU F 224 44.50 126.50 -0.52
C GLU F 224 43.23 126.08 -1.27
N ARG F 225 42.74 126.95 -2.13
CA ARG F 225 41.55 126.63 -2.90
C ARG F 225 41.83 125.38 -3.71
N ARG F 226 42.99 125.34 -4.35
CA ARG F 226 43.39 124.18 -5.15
C ARG F 226 43.46 122.94 -4.26
N ARG F 227 43.59 123.16 -2.95
CA ARG F 227 43.65 122.08 -1.98
C ARG F 227 42.24 121.51 -1.88
N THR F 228 41.28 122.39 -1.57
CA THR F 228 39.88 121.98 -1.46
C THR F 228 39.46 121.33 -2.79
N LYS F 229 40.05 121.78 -3.88
CA LYS F 229 39.73 121.20 -5.18
C LYS F 229 40.26 119.76 -5.24
N ALA F 230 41.35 119.52 -4.53
CA ALA F 230 41.96 118.18 -4.50
C ALA F 230 41.20 117.26 -3.56
N MET F 231 40.76 117.81 -2.44
CA MET F 231 40.02 117.05 -1.45
C MET F 231 38.62 116.72 -1.97
N GLU F 232 38.22 117.43 -3.04
CA GLU F 232 36.93 117.22 -3.65
C GLU F 232 37.14 116.19 -4.74
N ASP F 233 38.27 116.31 -5.42
CA ASP F 233 38.64 115.38 -6.48
C ASP F 233 38.56 113.97 -5.89
N ALA F 234 39.21 113.79 -4.74
CA ALA F 234 39.22 112.51 -4.05
C ALA F 234 37.81 112.03 -3.75
N LEU F 235 37.11 112.74 -2.86
CA LEU F 235 35.75 112.38 -2.47
C LEU F 235 34.86 111.99 -3.65
N ARG F 236 34.84 112.83 -4.68
CA ARG F 236 34.02 112.56 -5.85
C ARG F 236 34.48 111.28 -6.53
N ALA F 237 35.78 111.08 -6.62
CA ALA F 237 36.34 109.90 -7.25
C ALA F 237 35.82 108.65 -6.55
N HIS F 238 35.68 108.73 -5.23
CA HIS F 238 35.18 107.61 -4.43
C HIS F 238 33.71 107.33 -4.71
N GLY F 239 32.93 108.40 -4.75
CA GLY F 239 31.50 108.29 -4.97
C GLY F 239 30.81 108.75 -3.71
N LEU F 240 31.62 109.23 -2.76
CA LEU F 240 31.14 109.71 -1.48
C LEU F 240 30.25 110.94 -1.69
N ILE F 241 30.50 111.66 -2.77
CA ILE F 241 29.75 112.86 -3.13
C ILE F 241 29.39 112.83 -4.62
N ASP F 242 28.35 113.56 -4.99
CA ASP F 242 27.87 113.63 -6.37
C ASP F 242 28.86 114.33 -7.30
XE XE G . -0.42 63.25 -3.77
XE XE H . -16.34 -27.80 -0.23
XE XE I . -21.88 -57.51 -0.85
XE XE J . -27.91 -83.87 -1.73
XE XE K . -30.71 -94.28 -1.86
XE XE L . -41.98 -133.66 -2.16
CA CA M . -5.39 33.68 -3.73
CL CL N . -12.80 -6.81 -0.94
XE XE O . -24.88 -72.02 -1.23
XE XE P . 3.45 -56.35 3.25
XE XE Q . 18.65 34.72 0.72
XE XE R . 27.37 78.93 3.11
XE XE S . 30.06 90.92 3.36
XE XE T . 32.80 101.32 3.12
XE XE U . 44.76 140.58 1.91
CA CA V . 8.14 -26.89 1.48
CL CL W . 15.45 13.70 0.80
XE XE X . 24.23 64.43 2.37
#